data_4QMC
# 
_entry.id   4QMC 
# 
_audit_conform.dict_name       mmcif_pdbx.dic 
_audit_conform.dict_version    5.397 
_audit_conform.dict_location   http://mmcif.pdb.org/dictionaries/ascii/mmcif_pdbx.dic 
# 
loop_
_database_2.database_id 
_database_2.database_code 
_database_2.pdbx_database_accession 
_database_2.pdbx_DOI 
PDB   4QMC         pdb_00004qmc 10.2210/pdb4qmc/pdb 
RCSB  RCSB086235   ?            ?                   
WWPDB D_1000086235 ?            ?                   
# 
loop_
_pdbx_audit_revision_history.ordinal 
_pdbx_audit_revision_history.data_content_type 
_pdbx_audit_revision_history.major_revision 
_pdbx_audit_revision_history.minor_revision 
_pdbx_audit_revision_history.revision_date 
1 'Structure model' 1 0 2014-07-30 
2 'Structure model' 1 1 2023-11-08 
3 'Structure model' 1 2 2024-10-30 
# 
_pdbx_audit_revision_details.ordinal             1 
_pdbx_audit_revision_details.revision_ordinal    1 
_pdbx_audit_revision_details.data_content_type   'Structure model' 
_pdbx_audit_revision_details.provider            repository 
_pdbx_audit_revision_details.type                'Initial release' 
_pdbx_audit_revision_details.description         ? 
_pdbx_audit_revision_details.details             ? 
# 
loop_
_pdbx_audit_revision_group.ordinal 
_pdbx_audit_revision_group.revision_ordinal 
_pdbx_audit_revision_group.data_content_type 
_pdbx_audit_revision_group.group 
1 2 'Structure model' 'Data collection'        
2 2 'Structure model' 'Database references'    
3 2 'Structure model' 'Derived calculations'   
4 2 'Structure model' 'Refinement description' 
5 3 'Structure model' 'Structure summary'      
# 
loop_
_pdbx_audit_revision_category.ordinal 
_pdbx_audit_revision_category.revision_ordinal 
_pdbx_audit_revision_category.data_content_type 
_pdbx_audit_revision_category.category 
1 2 'Structure model' chem_comp_atom                
2 2 'Structure model' chem_comp_bond                
3 2 'Structure model' database_2                    
4 2 'Structure model' pdbx_initial_refinement_model 
5 2 'Structure model' struct_site                   
6 3 'Structure model' pdbx_entry_details            
7 3 'Structure model' pdbx_modification_feature     
# 
loop_
_pdbx_audit_revision_item.ordinal 
_pdbx_audit_revision_item.revision_ordinal 
_pdbx_audit_revision_item.data_content_type 
_pdbx_audit_revision_item.item 
1 2 'Structure model' '_database_2.pdbx_DOI'                         
2 2 'Structure model' '_database_2.pdbx_database_accession'          
3 2 'Structure model' '_struct_site.pdbx_auth_asym_id'               
4 2 'Structure model' '_struct_site.pdbx_auth_comp_id'               
5 2 'Structure model' '_struct_site.pdbx_auth_seq_id'                
6 3 'Structure model' '_pdbx_entry_details.has_protein_modification' 
# 
_pdbx_database_status.status_code                     REL 
_pdbx_database_status.entry_id                        4QMC 
_pdbx_database_status.recvd_initial_deposition_date   2014-06-16 
_pdbx_database_status.deposit_site                    RCSB 
_pdbx_database_status.process_site                    PDBJ 
_pdbx_database_status.methods_development_category    ? 
_pdbx_database_status.status_code_sf                  REL 
_pdbx_database_status.status_code_mr                  ? 
_pdbx_database_status.SG_entry                        ? 
_pdbx_database_status.status_code_cs                  ? 
_pdbx_database_status.pdb_format_compatible           Y 
_pdbx_database_status.status_code_nmr_data            ? 
# 
_pdbx_database_related.db_name        PDB 
_pdbx_database_related.db_id          1FB2 
_pdbx_database_related.details        . 
_pdbx_database_related.content_type   unspecified 
# 
loop_
_audit_author.name 
_audit_author.pdbx_ordinal 
'Shukla, P.K.' 1 
'Sinha, M.'    2 
'Kaur, P.'     3 
'Sharma, S.'   4 
'Singh, T.P.'  5 
# 
_citation.id                        primary 
_citation.title                     
'Crystal structure of complex formed between phospholipase A2 and Biotin-sulfoxide at 1.09 A Resolution' 
_citation.journal_abbrev            'To be published' 
_citation.journal_volume            ? 
_citation.page_first                ? 
_citation.page_last                 ? 
_citation.year                      ? 
_citation.journal_id_ASTM           ? 
_citation.country                   ? 
_citation.journal_id_ISSN           ? 
_citation.journal_id_CSD            0353 
_citation.book_publisher            ? 
_citation.pdbx_database_id_PubMed   ? 
_citation.pdbx_database_id_DOI      ? 
# 
loop_
_citation_author.citation_id 
_citation_author.name 
_citation_author.ordinal 
_citation_author.identifier_ORCID 
primary 'Shukla, P.K.' 1 ? 
primary 'Sinha, M.'    2 ? 
primary 'Kaur, P.'     3 ? 
primary 'Sharma, S.'   4 ? 
primary 'Singh, T.P.'  5 ? 
# 
loop_
_entity.id 
_entity.type 
_entity.src_method 
_entity.pdbx_description 
_entity.formula_weight 
_entity.pdbx_number_of_molecules 
_entity.pdbx_ec 
_entity.pdbx_mutation 
_entity.pdbx_fragment 
_entity.details 
1 polymer     nat 'Phospholipase A2 VRV-PL-VIIIa' 13629.767 1   3.1.1.4 ? ? ? 
2 non-polymer syn GLYCEROL                        92.094    1   ?       ? ? ? 
3 non-polymer syn BIOTIN-D-SULFOXIDE              260.310   1   ?       ? ? ? 
4 non-polymer syn 'SULFATE ION'                   96.063    1   ?       ? ? ? 
5 non-polymer syn 'ACETATE ION'                   59.044    1   ?       ? ? ? 
6 water       nat water                           18.015    274 ?       ? ? ? 
# 
_entity_poly.entity_id                      1 
_entity_poly.type                           'polypeptide(L)' 
_entity_poly.nstd_linkage                   no 
_entity_poly.nstd_monomer                   no 
_entity_poly.pdbx_seq_one_letter_code       
;SLLEFGKMILEETGKLAIPSYSSYGCYCGWGGKGTPKDATDRCCFVHDCCYGNLPDCNPKSDRYKYKRVNGAIVCEKGTS
CENRICECDKAAAICFRQNLNTYSKKYMLYPDFLCKGELKC
;
_entity_poly.pdbx_seq_one_letter_code_can   
;SLLEFGKMILEETGKLAIPSYSSYGCYCGWGGKGTPKDATDRCCFVHDCCYGNLPDCNPKSDRYKYKRVNGAIVCEKGTS
CENRICECDKAAAICFRQNLNTYSKKYMLYPDFLCKGELKC
;
_entity_poly.pdbx_strand_id                 A 
_entity_poly.pdbx_target_identifier         ? 
# 
loop_
_pdbx_entity_nonpoly.entity_id 
_pdbx_entity_nonpoly.name 
_pdbx_entity_nonpoly.comp_id 
2 GLYCEROL           GOL 
3 BIOTIN-D-SULFOXIDE BSO 
4 'SULFATE ION'      SO4 
5 'ACETATE ION'      ACT 
6 water              HOH 
# 
loop_
_entity_poly_seq.entity_id 
_entity_poly_seq.num 
_entity_poly_seq.mon_id 
_entity_poly_seq.hetero 
1 1   SER n 
1 2   LEU n 
1 3   LEU n 
1 4   GLU n 
1 5   PHE n 
1 6   GLY n 
1 7   LYS n 
1 8   MET n 
1 9   ILE n 
1 10  LEU n 
1 11  GLU n 
1 12  GLU n 
1 13  THR n 
1 14  GLY n 
1 15  LYS n 
1 16  LEU n 
1 17  ALA n 
1 18  ILE n 
1 19  PRO n 
1 20  SER n 
1 21  TYR n 
1 22  SER n 
1 23  SER n 
1 24  TYR n 
1 25  GLY n 
1 26  CYS n 
1 27  TYR n 
1 28  CYS n 
1 29  GLY n 
1 30  TRP n 
1 31  GLY n 
1 32  GLY n 
1 33  LYS n 
1 34  GLY n 
1 35  THR n 
1 36  PRO n 
1 37  LYS n 
1 38  ASP n 
1 39  ALA n 
1 40  THR n 
1 41  ASP n 
1 42  ARG n 
1 43  CYS n 
1 44  CYS n 
1 45  PHE n 
1 46  VAL n 
1 47  HIS n 
1 48  ASP n 
1 49  CYS n 
1 50  CYS n 
1 51  TYR n 
1 52  GLY n 
1 53  ASN n 
1 54  LEU n 
1 55  PRO n 
1 56  ASP n 
1 57  CYS n 
1 58  ASN n 
1 59  PRO n 
1 60  LYS n 
1 61  SER n 
1 62  ASP n 
1 63  ARG n 
1 64  TYR n 
1 65  LYS n 
1 66  TYR n 
1 67  LYS n 
1 68  ARG n 
1 69  VAL n 
1 70  ASN n 
1 71  GLY n 
1 72  ALA n 
1 73  ILE n 
1 74  VAL n 
1 75  CYS n 
1 76  GLU n 
1 77  LYS n 
1 78  GLY n 
1 79  THR n 
1 80  SER n 
1 81  CYS n 
1 82  GLU n 
1 83  ASN n 
1 84  ARG n 
1 85  ILE n 
1 86  CYS n 
1 87  GLU n 
1 88  CYS n 
1 89  ASP n 
1 90  LYS n 
1 91  ALA n 
1 92  ALA n 
1 93  ALA n 
1 94  ILE n 
1 95  CYS n 
1 96  PHE n 
1 97  ARG n 
1 98  GLN n 
1 99  ASN n 
1 100 LEU n 
1 101 ASN n 
1 102 THR n 
1 103 TYR n 
1 104 SER n 
1 105 LYS n 
1 106 LYS n 
1 107 TYR n 
1 108 MET n 
1 109 LEU n 
1 110 TYR n 
1 111 PRO n 
1 112 ASP n 
1 113 PHE n 
1 114 LEU n 
1 115 CYS n 
1 116 LYS n 
1 117 GLY n 
1 118 GLU n 
1 119 LEU n 
1 120 LYS n 
1 121 CYS n 
# 
_entity_src_nat.entity_id                  1 
_entity_src_nat.pdbx_src_id                1 
_entity_src_nat.pdbx_alt_source_flag       sample 
_entity_src_nat.pdbx_beg_seq_num           ? 
_entity_src_nat.pdbx_end_seq_num           ? 
_entity_src_nat.common_name                ? 
_entity_src_nat.pdbx_organism_scientific   'Daboia russellii pulchella' 
_entity_src_nat.pdbx_ncbi_taxonomy_id      97228 
_entity_src_nat.genus                      ? 
_entity_src_nat.species                    ? 
_entity_src_nat.strain                     ? 
_entity_src_nat.tissue                     ? 
_entity_src_nat.tissue_fraction            ? 
_entity_src_nat.pdbx_secretion             ? 
_entity_src_nat.pdbx_fragment              ? 
_entity_src_nat.pdbx_variant               ? 
_entity_src_nat.pdbx_cell_line             ? 
_entity_src_nat.pdbx_atcc                  ? 
_entity_src_nat.pdbx_cellular_location     ? 
_entity_src_nat.pdbx_organ                 ? 
_entity_src_nat.pdbx_organelle             ? 
_entity_src_nat.pdbx_cell                  ? 
_entity_src_nat.pdbx_plasmid_name          ? 
_entity_src_nat.pdbx_plasmid_details       ? 
_entity_src_nat.details                    ? 
# 
loop_
_chem_comp.id 
_chem_comp.type 
_chem_comp.mon_nstd_flag 
_chem_comp.name 
_chem_comp.pdbx_synonyms 
_chem_comp.formula 
_chem_comp.formula_weight 
ACT non-polymer         . 'ACETATE ION'      ?                                                                                     
'C2 H3 O2 -1'     59.044  
ALA 'L-peptide linking' y ALANINE            ?                                                                                     
'C3 H7 N O2'      89.093  
ARG 'L-peptide linking' y ARGININE           ?                                                                                     
'C6 H15 N4 O2 1'  175.209 
ASN 'L-peptide linking' y ASPARAGINE         ?                                                                                     
'C4 H8 N2 O3'     132.118 
ASP 'L-peptide linking' y 'ASPARTIC ACID'    ?                                                                                     
'C4 H7 N O4'      133.103 
BSO non-polymer         . BIOTIN-D-SULFOXIDE '5-[(3AR,4R,6AS)-5-OXIDO-2-OXOHEXAHYDRO-1H-THIENO[3,4-D]IMIDAZOL-4-YL]PENTANOIC ACID' 
'C10 H16 N2 O4 S' 260.310 
CYS 'L-peptide linking' y CYSTEINE           ?                                                                                     
'C3 H7 N O2 S'    121.158 
GLN 'L-peptide linking' y GLUTAMINE          ?                                                                                     
'C5 H10 N2 O3'    146.144 
GLU 'L-peptide linking' y 'GLUTAMIC ACID'    ?                                                                                     
'C5 H9 N O4'      147.129 
GLY 'peptide linking'   y GLYCINE            ?                                                                                     
'C2 H5 N O2'      75.067  
GOL non-polymer         . GLYCEROL           'GLYCERIN; PROPANE-1,2,3-TRIOL'                                                       
'C3 H8 O3'        92.094  
HIS 'L-peptide linking' y HISTIDINE          ?                                                                                     
'C6 H10 N3 O2 1'  156.162 
HOH non-polymer         . WATER              ?                                                                                     
'H2 O'            18.015  
ILE 'L-peptide linking' y ISOLEUCINE         ?                                                                                     
'C6 H13 N O2'     131.173 
LEU 'L-peptide linking' y LEUCINE            ?                                                                                     
'C6 H13 N O2'     131.173 
LYS 'L-peptide linking' y LYSINE             ?                                                                                     
'C6 H15 N2 O2 1'  147.195 
MET 'L-peptide linking' y METHIONINE         ?                                                                                     
'C5 H11 N O2 S'   149.211 
PHE 'L-peptide linking' y PHENYLALANINE      ?                                                                                     
'C9 H11 N O2'     165.189 
PRO 'L-peptide linking' y PROLINE            ?                                                                                     
'C5 H9 N O2'      115.130 
SER 'L-peptide linking' y SERINE             ?                                                                                     
'C3 H7 N O3'      105.093 
SO4 non-polymer         . 'SULFATE ION'      ?                                                                                     
'O4 S -2'         96.063  
THR 'L-peptide linking' y THREONINE          ?                                                                                     
'C4 H9 N O3'      119.119 
TRP 'L-peptide linking' y TRYPTOPHAN         ?                                                                                     
'C11 H12 N2 O2'   204.225 
TYR 'L-peptide linking' y TYROSINE           ?                                                                                     
'C9 H11 N O3'     181.189 
VAL 'L-peptide linking' y VALINE             ?                                                                                     
'C5 H11 N O2'     117.146 
# 
loop_
_pdbx_poly_seq_scheme.asym_id 
_pdbx_poly_seq_scheme.entity_id 
_pdbx_poly_seq_scheme.seq_id 
_pdbx_poly_seq_scheme.mon_id 
_pdbx_poly_seq_scheme.ndb_seq_num 
_pdbx_poly_seq_scheme.pdb_seq_num 
_pdbx_poly_seq_scheme.auth_seq_num 
_pdbx_poly_seq_scheme.pdb_mon_id 
_pdbx_poly_seq_scheme.auth_mon_id 
_pdbx_poly_seq_scheme.pdb_strand_id 
_pdbx_poly_seq_scheme.pdb_ins_code 
_pdbx_poly_seq_scheme.hetero 
A 1 1   SER 1   1   1   SER SER A . n 
A 1 2   LEU 2   2   2   LEU LEU A . n 
A 1 3   LEU 3   3   3   LEU LEU A . n 
A 1 4   GLU 4   4   4   GLU GLU A . n 
A 1 5   PHE 5   5   5   PHE PHE A . n 
A 1 6   GLY 6   6   6   GLY GLY A . n 
A 1 7   LYS 7   7   7   LYS LYS A . n 
A 1 8   MET 8   8   8   MET MET A . n 
A 1 9   ILE 9   9   9   ILE ILE A . n 
A 1 10  LEU 10  10  10  LEU LEU A . n 
A 1 11  GLU 11  11  11  GLU GLU A . n 
A 1 12  GLU 12  12  12  GLU GLU A . n 
A 1 13  THR 13  13  13  THR THR A . n 
A 1 14  GLY 14  14  14  GLY GLY A . n 
A 1 15  LYS 15  16  16  LYS LYS A . n 
A 1 16  LEU 16  17  17  LEU LEU A . n 
A 1 17  ALA 17  18  18  ALA ALA A . n 
A 1 18  ILE 18  19  19  ILE ILE A . n 
A 1 19  PRO 19  20  20  PRO PRO A . n 
A 1 20  SER 20  21  21  SER SER A . n 
A 1 21  TYR 21  22  22  TYR TYR A . n 
A 1 22  SER 22  23  23  SER SER A . n 
A 1 23  SER 23  24  24  SER SER A . n 
A 1 24  TYR 24  25  25  TYR TYR A . n 
A 1 25  GLY 25  26  26  GLY GLY A . n 
A 1 26  CYS 26  27  27  CYS CYS A . n 
A 1 27  TYR 27  28  28  TYR TYR A . n 
A 1 28  CYS 28  29  29  CYS CYS A . n 
A 1 29  GLY 29  30  30  GLY GLY A . n 
A 1 30  TRP 30  31  31  TRP TRP A . n 
A 1 31  GLY 31  32  32  GLY GLY A . n 
A 1 32  GLY 32  33  33  GLY GLY A . n 
A 1 33  LYS 33  34  34  LYS LYS A . n 
A 1 34  GLY 34  35  35  GLY GLY A . n 
A 1 35  THR 35  36  36  THR THR A . n 
A 1 36  PRO 36  37  37  PRO PRO A . n 
A 1 37  LYS 37  38  38  LYS LYS A . n 
A 1 38  ASP 38  39  39  ASP ASP A . n 
A 1 39  ALA 39  40  40  ALA ALA A . n 
A 1 40  THR 40  41  41  THR THR A . n 
A 1 41  ASP 41  42  42  ASP ASP A . n 
A 1 42  ARG 42  43  43  ARG ARG A . n 
A 1 43  CYS 43  44  44  CYS CYS A . n 
A 1 44  CYS 44  45  45  CYS CYS A . n 
A 1 45  PHE 45  46  46  PHE PHE A . n 
A 1 46  VAL 46  47  47  VAL VAL A . n 
A 1 47  HIS 47  48  48  HIS HIS A . n 
A 1 48  ASP 48  49  49  ASP ASP A . n 
A 1 49  CYS 49  50  50  CYS CYS A . n 
A 1 50  CYS 50  51  51  CYS CYS A . n 
A 1 51  TYR 51  52  52  TYR TYR A . n 
A 1 52  GLY 52  53  53  GLY GLY A . n 
A 1 53  ASN 53  54  54  ASN ASN A . n 
A 1 54  LEU 54  55  55  LEU LEU A . n 
A 1 55  PRO 55  56  56  PRO PRO A . n 
A 1 56  ASP 56  59  59  ASP ASP A . n 
A 1 57  CYS 57  61  61  CYS CYS A . n 
A 1 58  ASN 58  67  67  ASN ASN A . n 
A 1 59  PRO 59  68  68  PRO PRO A . n 
A 1 60  LYS 60  69  69  LYS LYS A . n 
A 1 61  SER 61  70  70  SER SER A . n 
A 1 62  ASP 62  71  71  ASP ASP A . n 
A 1 63  ARG 63  72  72  ARG ARG A . n 
A 1 64  TYR 64  73  73  TYR TYR A . n 
A 1 65  LYS 65  74  74  LYS LYS A . n 
A 1 66  TYR 66  75  75  TYR TYR A . n 
A 1 67  LYS 67  76  76  LYS LYS A . n 
A 1 68  ARG 68  77  77  ARG ARG A . n 
A 1 69  VAL 69  78  78  VAL VAL A . n 
A 1 70  ASN 70  79  79  ASN ASN A . n 
A 1 71  GLY 71  80  80  GLY GLY A . n 
A 1 72  ALA 72  81  81  ALA ALA A . n 
A 1 73  ILE 73  82  82  ILE ILE A . n 
A 1 74  VAL 74  83  83  VAL VAL A . n 
A 1 75  CYS 75  84  84  CYS CYS A . n 
A 1 76  GLU 76  85  85  GLU GLU A . n 
A 1 77  LYS 77  86  86  LYS LYS A . n 
A 1 78  GLY 78  88  88  GLY GLY A . n 
A 1 79  THR 79  89  89  THR THR A . n 
A 1 80  SER 80  90  90  SER SER A . n 
A 1 81  CYS 81  91  91  CYS CYS A . n 
A 1 82  GLU 82  92  92  GLU GLU A . n 
A 1 83  ASN 83  93  93  ASN ASN A . n 
A 1 84  ARG 84  94  94  ARG ARG A . n 
A 1 85  ILE 85  95  95  ILE ILE A . n 
A 1 86  CYS 86  96  96  CYS CYS A . n 
A 1 87  GLU 87  97  97  GLU GLU A . n 
A 1 88  CYS 88  98  98  CYS CYS A . n 
A 1 89  ASP 89  99  99  ASP ASP A . n 
A 1 90  LYS 90  100 100 LYS LYS A . n 
A 1 91  ALA 91  101 101 ALA ALA A . n 
A 1 92  ALA 92  102 102 ALA ALA A . n 
A 1 93  ALA 93  103 103 ALA ALA A . n 
A 1 94  ILE 94  104 104 ILE ILE A . n 
A 1 95  CYS 95  105 105 CYS CYS A . n 
A 1 96  PHE 96  106 106 PHE PHE A . n 
A 1 97  ARG 97  107 107 ARG ARG A . n 
A 1 98  GLN 98  108 108 GLN GLN A . n 
A 1 99  ASN 99  109 109 ASN ASN A . n 
A 1 100 LEU 100 110 110 LEU LEU A . n 
A 1 101 ASN 101 111 111 ASN ASN A . n 
A 1 102 THR 102 112 112 THR THR A . n 
A 1 103 TYR 103 113 113 TYR TYR A . n 
A 1 104 SER 104 114 114 SER SER A . n 
A 1 105 LYS 105 115 115 LYS LYS A . n 
A 1 106 LYS 106 116 116 LYS LYS A . n 
A 1 107 TYR 107 117 117 TYR TYR A . n 
A 1 108 MET 108 118 118 MET MET A . n 
A 1 109 LEU 109 119 119 LEU LEU A . n 
A 1 110 TYR 110 120 120 TYR TYR A . n 
A 1 111 PRO 111 121 121 PRO PRO A . n 
A 1 112 ASP 112 122 122 ASP ASP A . n 
A 1 113 PHE 113 124 124 PHE PHE A . n 
A 1 114 LEU 114 125 125 LEU LEU A . n 
A 1 115 CYS 115 126 126 CYS CYS A . n 
A 1 116 LYS 116 127 127 LYS LYS A . n 
A 1 117 GLY 117 128 128 GLY GLY A . n 
A 1 118 GLU 118 129 129 GLU GLU A . n 
A 1 119 LEU 119 130 130 LEU LEU A . n 
A 1 120 LYS 120 131 131 LYS LYS A . n 
A 1 121 CYS 121 133 133 CYS CYS A . n 
# 
loop_
_pdbx_nonpoly_scheme.asym_id 
_pdbx_nonpoly_scheme.entity_id 
_pdbx_nonpoly_scheme.mon_id 
_pdbx_nonpoly_scheme.ndb_seq_num 
_pdbx_nonpoly_scheme.pdb_seq_num 
_pdbx_nonpoly_scheme.auth_seq_num 
_pdbx_nonpoly_scheme.pdb_mon_id 
_pdbx_nonpoly_scheme.auth_mon_id 
_pdbx_nonpoly_scheme.pdb_strand_id 
_pdbx_nonpoly_scheme.pdb_ins_code 
B 2 GOL 1   201 1   GOL GOL A . 
C 3 BSO 1   202 1   BSO BSO A . 
D 4 SO4 1   203 1   SO4 SO4 A . 
E 5 ACT 1   204 1   ACT ACT A . 
F 6 HOH 1   301 1   HOH HOH A . 
F 6 HOH 2   302 2   HOH HOH A . 
F 6 HOH 3   303 3   HOH HOH A . 
F 6 HOH 4   304 4   HOH HOH A . 
F 6 HOH 5   305 5   HOH HOH A . 
F 6 HOH 6   306 6   HOH HOH A . 
F 6 HOH 7   307 7   HOH HOH A . 
F 6 HOH 8   308 8   HOH HOH A . 
F 6 HOH 9   309 9   HOH HOH A . 
F 6 HOH 10  310 10  HOH HOH A . 
F 6 HOH 11  311 11  HOH HOH A . 
F 6 HOH 12  312 12  HOH HOH A . 
F 6 HOH 13  313 13  HOH HOH A . 
F 6 HOH 14  314 14  HOH HOH A . 
F 6 HOH 15  315 15  HOH HOH A . 
F 6 HOH 16  316 16  HOH HOH A . 
F 6 HOH 17  317 17  HOH HOH A . 
F 6 HOH 18  318 18  HOH HOH A . 
F 6 HOH 19  319 19  HOH HOH A . 
F 6 HOH 20  320 20  HOH HOH A . 
F 6 HOH 21  321 21  HOH HOH A . 
F 6 HOH 22  322 22  HOH HOH A . 
F 6 HOH 23  323 23  HOH HOH A . 
F 6 HOH 24  324 24  HOH HOH A . 
F 6 HOH 25  325 25  HOH HOH A . 
F 6 HOH 26  326 26  HOH HOH A . 
F 6 HOH 27  327 27  HOH HOH A . 
F 6 HOH 28  328 28  HOH HOH A . 
F 6 HOH 29  329 29  HOH HOH A . 
F 6 HOH 30  330 30  HOH HOH A . 
F 6 HOH 31  331 31  HOH HOH A . 
F 6 HOH 32  332 32  HOH HOH A . 
F 6 HOH 33  333 33  HOH HOH A . 
F 6 HOH 34  334 35  HOH HOH A . 
F 6 HOH 35  335 36  HOH HOH A . 
F 6 HOH 36  336 37  HOH HOH A . 
F 6 HOH 37  337 38  HOH HOH A . 
F 6 HOH 38  338 39  HOH HOH A . 
F 6 HOH 39  339 40  HOH HOH A . 
F 6 HOH 40  340 41  HOH HOH A . 
F 6 HOH 41  341 42  HOH HOH A . 
F 6 HOH 42  342 43  HOH HOH A . 
F 6 HOH 43  343 44  HOH HOH A . 
F 6 HOH 44  344 45  HOH HOH A . 
F 6 HOH 45  345 46  HOH HOH A . 
F 6 HOH 46  346 47  HOH HOH A . 
F 6 HOH 47  347 48  HOH HOH A . 
F 6 HOH 48  348 49  HOH HOH A . 
F 6 HOH 49  349 50  HOH HOH A . 
F 6 HOH 50  350 51  HOH HOH A . 
F 6 HOH 51  351 52  HOH HOH A . 
F 6 HOH 52  352 53  HOH HOH A . 
F 6 HOH 53  353 54  HOH HOH A . 
F 6 HOH 54  354 55  HOH HOH A . 
F 6 HOH 55  355 56  HOH HOH A . 
F 6 HOH 56  356 57  HOH HOH A . 
F 6 HOH 57  357 58  HOH HOH A . 
F 6 HOH 58  358 59  HOH HOH A . 
F 6 HOH 59  359 60  HOH HOH A . 
F 6 HOH 60  360 61  HOH HOH A . 
F 6 HOH 61  361 62  HOH HOH A . 
F 6 HOH 62  362 63  HOH HOH A . 
F 6 HOH 63  363 65  HOH HOH A . 
F 6 HOH 64  364 66  HOH HOH A . 
F 6 HOH 65  365 67  HOH HOH A . 
F 6 HOH 66  366 68  HOH HOH A . 
F 6 HOH 67  367 69  HOH HOH A . 
F 6 HOH 68  368 70  HOH HOH A . 
F 6 HOH 69  369 71  HOH HOH A . 
F 6 HOH 70  370 72  HOH HOH A . 
F 6 HOH 71  371 73  HOH HOH A . 
F 6 HOH 72  372 74  HOH HOH A . 
F 6 HOH 73  373 75  HOH HOH A . 
F 6 HOH 74  374 76  HOH HOH A . 
F 6 HOH 75  375 77  HOH HOH A . 
F 6 HOH 76  376 78  HOH HOH A . 
F 6 HOH 77  377 79  HOH HOH A . 
F 6 HOH 78  378 80  HOH HOH A . 
F 6 HOH 79  379 81  HOH HOH A . 
F 6 HOH 80  380 82  HOH HOH A . 
F 6 HOH 81  381 84  HOH HOH A . 
F 6 HOH 82  382 85  HOH HOH A . 
F 6 HOH 83  383 86  HOH HOH A . 
F 6 HOH 84  384 87  HOH HOH A . 
F 6 HOH 85  385 88  HOH HOH A . 
F 6 HOH 86  386 89  HOH HOH A . 
F 6 HOH 87  387 90  HOH HOH A . 
F 6 HOH 88  388 91  HOH HOH A . 
F 6 HOH 89  389 92  HOH HOH A . 
F 6 HOH 90  390 93  HOH HOH A . 
F 6 HOH 91  391 94  HOH HOH A . 
F 6 HOH 92  392 95  HOH HOH A . 
F 6 HOH 93  393 96  HOH HOH A . 
F 6 HOH 94  394 97  HOH HOH A . 
F 6 HOH 95  395 98  HOH HOH A . 
F 6 HOH 96  396 99  HOH HOH A . 
F 6 HOH 97  397 100 HOH HOH A . 
F 6 HOH 98  398 101 HOH HOH A . 
F 6 HOH 99  399 102 HOH HOH A . 
F 6 HOH 100 400 103 HOH HOH A . 
F 6 HOH 101 401 104 HOH HOH A . 
F 6 HOH 102 402 105 HOH HOH A . 
F 6 HOH 103 403 106 HOH HOH A . 
F 6 HOH 104 404 107 HOH HOH A . 
F 6 HOH 105 405 108 HOH HOH A . 
F 6 HOH 106 406 109 HOH HOH A . 
F 6 HOH 107 407 110 HOH HOH A . 
F 6 HOH 108 408 111 HOH HOH A . 
F 6 HOH 109 409 112 HOH HOH A . 
F 6 HOH 110 410 113 HOH HOH A . 
F 6 HOH 111 411 114 HOH HOH A . 
F 6 HOH 112 412 115 HOH HOH A . 
F 6 HOH 113 413 116 HOH HOH A . 
F 6 HOH 114 414 117 HOH HOH A . 
F 6 HOH 115 415 118 HOH HOH A . 
F 6 HOH 116 416 119 HOH HOH A . 
F 6 HOH 117 417 120 HOH HOH A . 
F 6 HOH 118 418 121 HOH HOH A . 
F 6 HOH 119 419 122 HOH HOH A . 
F 6 HOH 120 420 123 HOH HOH A . 
F 6 HOH 121 421 124 HOH HOH A . 
F 6 HOH 122 422 125 HOH HOH A . 
F 6 HOH 123 423 126 HOH HOH A . 
F 6 HOH 124 424 127 HOH HOH A . 
F 6 HOH 125 425 128 HOH HOH A . 
F 6 HOH 126 426 129 HOH HOH A . 
F 6 HOH 127 427 130 HOH HOH A . 
F 6 HOH 128 428 131 HOH HOH A . 
F 6 HOH 129 429 132 HOH HOH A . 
F 6 HOH 130 430 133 HOH HOH A . 
F 6 HOH 131 431 134 HOH HOH A . 
F 6 HOH 132 432 135 HOH HOH A . 
F 6 HOH 133 433 136 HOH HOH A . 
F 6 HOH 134 434 137 HOH HOH A . 
F 6 HOH 135 435 138 HOH HOH A . 
F 6 HOH 136 436 139 HOH HOH A . 
F 6 HOH 137 437 141 HOH HOH A . 
F 6 HOH 138 438 142 HOH HOH A . 
F 6 HOH 139 439 143 HOH HOH A . 
F 6 HOH 140 440 144 HOH HOH A . 
F 6 HOH 141 441 145 HOH HOH A . 
F 6 HOH 142 442 146 HOH HOH A . 
F 6 HOH 143 443 147 HOH HOH A . 
F 6 HOH 144 444 149 HOH HOH A . 
F 6 HOH 145 445 150 HOH HOH A . 
F 6 HOH 146 446 151 HOH HOH A . 
F 6 HOH 147 447 152 HOH HOH A . 
F 6 HOH 148 448 153 HOH HOH A . 
F 6 HOH 149 449 154 HOH HOH A . 
F 6 HOH 150 450 155 HOH HOH A . 
F 6 HOH 151 451 156 HOH HOH A . 
F 6 HOH 152 452 157 HOH HOH A . 
F 6 HOH 153 453 158 HOH HOH A . 
F 6 HOH 154 454 159 HOH HOH A . 
F 6 HOH 155 455 160 HOH HOH A . 
F 6 HOH 156 456 161 HOH HOH A . 
F 6 HOH 157 457 162 HOH HOH A . 
F 6 HOH 158 458 163 HOH HOH A . 
F 6 HOH 159 459 164 HOH HOH A . 
F 6 HOH 160 460 165 HOH HOH A . 
F 6 HOH 161 461 166 HOH HOH A . 
F 6 HOH 162 462 167 HOH HOH A . 
F 6 HOH 163 463 169 HOH HOH A . 
F 6 HOH 164 464 170 HOH HOH A . 
F 6 HOH 165 465 172 HOH HOH A . 
F 6 HOH 166 466 173 HOH HOH A . 
F 6 HOH 167 467 174 HOH HOH A . 
F 6 HOH 168 468 175 HOH HOH A . 
F 6 HOH 169 469 176 HOH HOH A . 
F 6 HOH 170 470 177 HOH HOH A . 
F 6 HOH 171 471 178 HOH HOH A . 
F 6 HOH 172 472 179 HOH HOH A . 
F 6 HOH 173 473 180 HOH HOH A . 
F 6 HOH 174 474 181 HOH HOH A . 
F 6 HOH 175 475 182 HOH HOH A . 
F 6 HOH 176 476 183 HOH HOH A . 
F 6 HOH 177 477 184 HOH HOH A . 
F 6 HOH 178 478 185 HOH HOH A . 
F 6 HOH 179 479 186 HOH HOH A . 
F 6 HOH 180 480 187 HOH HOH A . 
F 6 HOH 181 481 188 HOH HOH A . 
F 6 HOH 182 482 189 HOH HOH A . 
F 6 HOH 183 483 190 HOH HOH A . 
F 6 HOH 184 484 191 HOH HOH A . 
F 6 HOH 185 485 192 HOH HOH A . 
F 6 HOH 186 486 193 HOH HOH A . 
F 6 HOH 187 487 195 HOH HOH A . 
F 6 HOH 188 488 196 HOH HOH A . 
F 6 HOH 189 489 197 HOH HOH A . 
F 6 HOH 190 490 198 HOH HOH A . 
F 6 HOH 191 491 199 HOH HOH A . 
F 6 HOH 192 492 200 HOH HOH A . 
F 6 HOH 193 493 201 HOH HOH A . 
F 6 HOH 194 494 202 HOH HOH A . 
F 6 HOH 195 495 203 HOH HOH A . 
F 6 HOH 196 496 204 HOH HOH A . 
F 6 HOH 197 497 206 HOH HOH A . 
F 6 HOH 198 498 207 HOH HOH A . 
F 6 HOH 199 499 208 HOH HOH A . 
F 6 HOH 200 500 209 HOH HOH A . 
F 6 HOH 201 501 210 HOH HOH A . 
F 6 HOH 202 502 211 HOH HOH A . 
F 6 HOH 203 503 212 HOH HOH A . 
F 6 HOH 204 504 213 HOH HOH A . 
F 6 HOH 205 505 214 HOH HOH A . 
F 6 HOH 206 506 215 HOH HOH A . 
F 6 HOH 207 507 217 HOH HOH A . 
F 6 HOH 208 508 218 HOH HOH A . 
F 6 HOH 209 509 219 HOH HOH A . 
F 6 HOH 210 510 220 HOH HOH A . 
F 6 HOH 211 511 221 HOH HOH A . 
F 6 HOH 212 512 222 HOH HOH A . 
F 6 HOH 213 513 223 HOH HOH A . 
F 6 HOH 214 514 224 HOH HOH A . 
F 6 HOH 215 515 225 HOH HOH A . 
F 6 HOH 216 516 226 HOH HOH A . 
F 6 HOH 217 517 227 HOH HOH A . 
F 6 HOH 218 518 228 HOH HOH A . 
F 6 HOH 219 519 229 HOH HOH A . 
F 6 HOH 220 520 230 HOH HOH A . 
F 6 HOH 221 521 231 HOH HOH A . 
F 6 HOH 222 522 232 HOH HOH A . 
F 6 HOH 223 523 233 HOH HOH A . 
F 6 HOH 224 524 234 HOH HOH A . 
F 6 HOH 225 525 235 HOH HOH A . 
F 6 HOH 226 526 237 HOH HOH A . 
F 6 HOH 227 527 238 HOH HOH A . 
F 6 HOH 228 528 239 HOH HOH A . 
F 6 HOH 229 529 240 HOH HOH A . 
F 6 HOH 230 530 241 HOH HOH A . 
F 6 HOH 231 531 242 HOH HOH A . 
F 6 HOH 232 532 243 HOH HOH A . 
F 6 HOH 233 533 244 HOH HOH A . 
F 6 HOH 234 534 245 HOH HOH A . 
F 6 HOH 235 535 246 HOH HOH A . 
F 6 HOH 236 536 247 HOH HOH A . 
F 6 HOH 237 537 248 HOH HOH A . 
F 6 HOH 238 538 251 HOH HOH A . 
F 6 HOH 239 539 253 HOH HOH A . 
F 6 HOH 240 540 254 HOH HOH A . 
F 6 HOH 241 541 255 HOH HOH A . 
F 6 HOH 242 542 256 HOH HOH A . 
F 6 HOH 243 543 257 HOH HOH A . 
F 6 HOH 244 544 258 HOH HOH A . 
F 6 HOH 245 545 259 HOH HOH A . 
F 6 HOH 246 546 260 HOH HOH A . 
F 6 HOH 247 547 261 HOH HOH A . 
F 6 HOH 248 548 262 HOH HOH A . 
F 6 HOH 249 549 263 HOH HOH A . 
F 6 HOH 250 550 264 HOH HOH A . 
F 6 HOH 251 551 265 HOH HOH A . 
F 6 HOH 252 552 266 HOH HOH A . 
F 6 HOH 253 553 268 HOH HOH A . 
F 6 HOH 254 554 269 HOH HOH A . 
F 6 HOH 255 555 270 HOH HOH A . 
F 6 HOH 256 556 271 HOH HOH A . 
F 6 HOH 257 557 272 HOH HOH A . 
F 6 HOH 258 558 273 HOH HOH A . 
F 6 HOH 259 559 274 HOH HOH A . 
F 6 HOH 260 560 275 HOH HOH A . 
F 6 HOH 261 561 276 HOH HOH A . 
F 6 HOH 262 562 278 HOH HOH A . 
F 6 HOH 263 563 279 HOH HOH A . 
F 6 HOH 264 564 280 HOH HOH A . 
F 6 HOH 265 565 282 HOH HOH A . 
F 6 HOH 266 566 284 HOH HOH A . 
F 6 HOH 267 567 285 HOH HOH A . 
F 6 HOH 268 568 286 HOH HOH A . 
F 6 HOH 269 569 287 HOH HOH A . 
F 6 HOH 270 570 289 HOH HOH A . 
F 6 HOH 271 571 290 HOH HOH A . 
F 6 HOH 272 572 291 HOH HOH A . 
F 6 HOH 273 573 292 HOH HOH A . 
F 6 HOH 274 574 293 HOH HOH A . 
# 
loop_
_software.name 
_software.classification 
_software.version 
_software.citation_id 
_software.pdbx_ordinal 
HKL-2000 'data collection' .        ? 1 
AMoRE    phasing           .        ? 2 
REFMAC   refinement        5.6.0117 ? 3 
MOSFLM   'data reduction'  .        ? 4 
SCALA    'data scaling'    .        ? 5 
# 
_cell.entry_id           4QMC 
_cell.length_a           51.810 
_cell.length_b           51.810 
_cell.length_c           48.160 
_cell.angle_alpha        90.00 
_cell.angle_beta         90.00 
_cell.angle_gamma        90.00 
_cell.Z_PDB              4 
_cell.pdbx_unique_axis   ? 
_cell.length_a_esd       ? 
_cell.length_b_esd       ? 
_cell.length_c_esd       ? 
_cell.angle_alpha_esd    ? 
_cell.angle_beta_esd     ? 
_cell.angle_gamma_esd    ? 
# 
_symmetry.entry_id                         4QMC 
_symmetry.space_group_name_H-M             'P 43' 
_symmetry.pdbx_full_space_group_name_H-M   ? 
_symmetry.cell_setting                     ? 
_symmetry.Int_Tables_number                78 
_symmetry.space_group_name_Hall            ? 
# 
_exptl.entry_id          4QMC 
_exptl.method            'X-RAY DIFFRACTION' 
_exptl.crystals_number   1 
# 
_exptl_crystal.id                    1 
_exptl_crystal.density_meas          ? 
_exptl_crystal.density_Matthews      2.37 
_exptl_crystal.density_percent_sol   48.13 
_exptl_crystal.description           ? 
_exptl_crystal.F_000                 ? 
_exptl_crystal.preparation           ? 
# 
_exptl_crystal_grow.crystal_id      1 
_exptl_crystal_grow.method          'VAPOR DIFFUSION, HANGING DROP' 
_exptl_crystal_grow.temp            298 
_exptl_crystal_grow.temp_details    ? 
_exptl_crystal_grow.pH              6.5 
_exptl_crystal_grow.pdbx_details    'ammonium sulphate, PEG 4000, pH 6.5, VAPOR DIFFUSION, HANGING DROP, temperature 298K' 
_exptl_crystal_grow.pdbx_pH_range   . 
# 
_diffrn.id                     1 
_diffrn.ambient_temp           77 
_diffrn.ambient_temp_details   ? 
_diffrn.crystal_id             1 
# 
_diffrn_detector.diffrn_id              1 
_diffrn_detector.detector               CCD 
_diffrn_detector.type                   MARRESEARCH 
_diffrn_detector.pdbx_collection_date   2014-04-09 
_diffrn_detector.details                mirror 
# 
_diffrn_radiation.diffrn_id                        1 
_diffrn_radiation.wavelength_id                    1 
_diffrn_radiation.pdbx_monochromatic_or_laue_m_l   M 
_diffrn_radiation.monochromator                    graphite 
_diffrn_radiation.pdbx_diffrn_protocol             'SINGLE WAVELENGTH' 
_diffrn_radiation.pdbx_scattering_type             x-ray 
# 
_diffrn_radiation_wavelength.id           1 
_diffrn_radiation_wavelength.wavelength   0.97 
_diffrn_radiation_wavelength.wt           1.0 
# 
_diffrn_source.diffrn_id                   1 
_diffrn_source.source                      SYNCHROTRON 
_diffrn_source.type                        'ESRF BEAMLINE BM14' 
_diffrn_source.pdbx_synchrotron_site       ESRF 
_diffrn_source.pdbx_synchrotron_beamline   BM14 
_diffrn_source.pdbx_wavelength             ? 
_diffrn_source.pdbx_wavelength_list        0.97 
# 
_reflns.entry_id                     4QMC 
_reflns.observed_criterion_sigma_I   0.0 
_reflns.observed_criterion_sigma_F   0.0 
_reflns.d_resolution_low             51.81 
_reflns.d_resolution_high            1.09 
_reflns.number_obs                   52702 
_reflns.number_all                   ? 
_reflns.percent_possible_obs         99.2 
_reflns.pdbx_Rmerge_I_obs            ? 
_reflns.pdbx_Rsym_value              0.058 
_reflns.pdbx_netI_over_sigmaI        14.4 
_reflns.B_iso_Wilson_estimate        ? 
_reflns.pdbx_redundancy              ? 
_reflns.R_free_details               ? 
_reflns.limit_h_max                  ? 
_reflns.limit_h_min                  ? 
_reflns.limit_k_max                  ? 
_reflns.limit_k_min                  ? 
_reflns.limit_l_max                  ? 
_reflns.limit_l_min                  ? 
_reflns.observed_criterion_F_max     ? 
_reflns.observed_criterion_F_min     ? 
_reflns.pdbx_chi_squared             ? 
_reflns.pdbx_scaling_rejects         ? 
_reflns.pdbx_ordinal                 1 
_reflns.pdbx_diffrn_id               1 
# 
_reflns_shell.d_res_high                  1.09 
_reflns_shell.d_res_low                   1.118 
_reflns_shell.percent_possible_all        100 
_reflns_shell.Rmerge_I_obs                0.528 
_reflns_shell.pdbx_Rsym_value             ? 
_reflns_shell.meanI_over_sigI_obs         2.4 
_reflns_shell.pdbx_redundancy             ? 
_reflns_shell.percent_possible_obs        ? 
_reflns_shell.number_unique_all           ? 
_reflns_shell.number_measured_all         ? 
_reflns_shell.number_measured_obs         ? 
_reflns_shell.number_unique_obs           ? 
_reflns_shell.pdbx_chi_squared            ? 
_reflns_shell.pdbx_rejects                ? 
_reflns_shell.pdbx_netI_over_sigmaI_obs   ? 
_reflns_shell.number_possible             ? 
_reflns_shell.Rmerge_F_all                ? 
_reflns_shell.Rmerge_F_obs                ? 
_reflns_shell.Rmerge_I_all                ? 
_reflns_shell.meanI_over_sigI_all         ? 
_reflns_shell.pdbx_Rrim_I_all             ? 
_reflns_shell.pdbx_Rpim_I_all             ? 
_reflns_shell.pdbx_ordinal                1 
_reflns_shell.pdbx_diffrn_id              1 
# 
_refine.entry_id                                 4QMC 
_refine.ls_number_reflns_obs                     49983 
_refine.ls_number_reflns_all                     52702 
_refine.pdbx_ls_sigma_I                          0.0 
_refine.pdbx_ls_sigma_F                          0.0 
_refine.pdbx_data_cutoff_high_absF               ? 
_refine.pdbx_data_cutoff_low_absF                ? 
_refine.pdbx_data_cutoff_high_rms_absF           ? 
_refine.ls_d_res_low                             50.00 
_refine.ls_d_res_high                            1.09 
_refine.ls_percent_reflns_obs                    99.12 
_refine.ls_R_factor_obs                          0.19037 
_refine.ls_R_factor_all                          0.19037 
_refine.ls_R_factor_R_work                       0.18890 
_refine.ls_R_factor_R_free                       0.21719 
_refine.ls_R_factor_R_free_error                 ? 
_refine.ls_R_factor_R_free_error_details         ? 
_refine.ls_percent_reflns_R_free                 5.1 
_refine.ls_number_reflns_R_free                  2686 
_refine.ls_number_parameters                     ? 
_refine.ls_number_restraints                     ? 
_refine.occupancy_min                            ? 
_refine.occupancy_max                            ? 
_refine.correlation_coeff_Fo_to_Fc               0.968 
_refine.correlation_coeff_Fo_to_Fc_free          0.953 
_refine.B_iso_mean                               23.291 
_refine.aniso_B[1][1]                            0.12 
_refine.aniso_B[2][2]                            0.12 
_refine.aniso_B[3][3]                            -0.24 
_refine.aniso_B[1][2]                            0.00 
_refine.aniso_B[1][3]                            0.00 
_refine.aniso_B[2][3]                            0.00 
_refine.solvent_model_details                    MASK 
_refine.solvent_model_param_ksol                 ? 
_refine.solvent_model_param_bsol                 ? 
_refine.pdbx_solvent_vdw_probe_radii             1.20 
_refine.pdbx_solvent_ion_probe_radii             0.80 
_refine.pdbx_solvent_shrinkage_radii             0.80 
_refine.pdbx_ls_cross_valid_method               THROUGHOUT 
_refine.details                                  'HYDROGENS HAVE BEEN USED IF PRESENT IN THE INPUT' 
_refine.pdbx_starting_model                      1FB2 
_refine.pdbx_method_to_determine_struct          'MOLECULAR REPLACEMENT' 
_refine.pdbx_isotropic_thermal_model             ? 
_refine.pdbx_stereochemistry_target_values       'MAXIMUM LIKELIHOOD' 
_refine.pdbx_stereochem_target_val_spec_case     ? 
_refine.pdbx_R_Free_selection_details            RANDOM 
_refine.pdbx_overall_ESU_R                       0.035 
_refine.pdbx_overall_ESU_R_Free                  0.038 
_refine.overall_SU_ML                            0.029 
_refine.pdbx_overall_phase_error                 ? 
_refine.overall_SU_B                             0.575 
_refine.overall_SU_R_Cruickshank_DPI             ? 
_refine.ls_redundancy_reflns_obs                 ? 
_refine.B_iso_min                                ? 
_refine.B_iso_max                                ? 
_refine.overall_SU_R_free                        ? 
_refine.ls_wR_factor_R_free                      ? 
_refine.ls_wR_factor_R_work                      ? 
_refine.overall_FOM_free_R_set                   ? 
_refine.overall_FOM_work_R_set                   ? 
_refine.pdbx_diffrn_id                           1 
_refine.pdbx_refine_id                           'X-RAY DIFFRACTION' 
_refine.pdbx_TLS_residual_ADP_flag               ? 
_refine.pdbx_overall_SU_R_free_Cruickshank_DPI   ? 
_refine.pdbx_overall_SU_R_Blow_DPI               ? 
_refine.pdbx_overall_SU_R_free_Blow_DPI          ? 
# 
_refine_hist.pdbx_refine_id                   'X-RAY DIFFRACTION' 
_refine_hist.cycle_id                         LAST 
_refine_hist.pdbx_number_atoms_protein        944 
_refine_hist.pdbx_number_atoms_nucleic_acid   0 
_refine_hist.pdbx_number_atoms_ligand         32 
_refine_hist.number_atoms_solvent             274 
_refine_hist.number_atoms_total               1250 
_refine_hist.d_res_high                       1.09 
_refine_hist.d_res_low                        50.00 
# 
loop_
_refine_ls_restr.type 
_refine_ls_restr.dev_ideal 
_refine_ls_restr.dev_ideal_target 
_refine_ls_restr.weight 
_refine_ls_restr.number 
_refine_ls_restr.pdbx_restraint_function 
_refine_ls_restr.pdbx_refine_id 
r_bond_refined_d       0.031  ? ? ? ? 'X-RAY DIFFRACTION' 
r_angle_refined_deg    2.765  ? ? ? ? 'X-RAY DIFFRACTION' 
r_dihedral_angle_1_deg 6.144  ? ? ? ? 'X-RAY DIFFRACTION' 
r_dihedral_angle_2_deg 37.707 ? ? ? ? 'X-RAY DIFFRACTION' 
r_dihedral_angle_3_deg 14.341 ? ? ? ? 'X-RAY DIFFRACTION' 
r_dihedral_angle_4_deg 8.487  ? ? ? ? 'X-RAY DIFFRACTION' 
r_chiral_restr         ?      ? ? ? ? 'X-RAY DIFFRACTION' 
# 
_refine_ls_shell.pdbx_refine_id                   'X-RAY DIFFRACTION' 
_refine_ls_shell.pdbx_total_number_of_bins_used   20 
_refine_ls_shell.d_res_high                       1.090 
_refine_ls_shell.d_res_low                        1.118 
_refine_ls_shell.number_reflns_R_work             3621 
_refine_ls_shell.R_factor_R_work                  0.302 
_refine_ls_shell.percent_reflns_obs               99.97 
_refine_ls_shell.R_factor_R_free                  0.312 
_refine_ls_shell.R_factor_R_free_error            ? 
_refine_ls_shell.percent_reflns_R_free            ? 
_refine_ls_shell.number_reflns_R_free             192 
_refine_ls_shell.number_reflns_all                ? 
_refine_ls_shell.R_factor_all                     ? 
_refine_ls_shell.number_reflns_obs                ? 
_refine_ls_shell.redundancy_reflns_obs            ? 
# 
_struct.entry_id                  4QMC 
_struct.title                     
'Crystal structure of complex formed between phospholipase A2 and Biotin-sulfoxide at 1.09 A Resolution' 
_struct.pdbx_model_details        ? 
_struct.pdbx_CASP_flag            ? 
_struct.pdbx_model_type_details   ? 
# 
_struct_keywords.entry_id        4QMC 
_struct_keywords.pdbx_keywords   HYDROLASE 
_struct_keywords.text            Hydrolase 
# 
loop_
_struct_asym.id 
_struct_asym.pdbx_blank_PDB_chainid_flag 
_struct_asym.pdbx_modified 
_struct_asym.entity_id 
_struct_asym.details 
A N N 1 ? 
B N N 2 ? 
C N N 3 ? 
D N N 4 ? 
E N N 5 ? 
F N N 6 ? 
# 
_struct_ref.id                         1 
_struct_ref.db_name                    UNP 
_struct_ref.db_code                    D0VX11_9SAUR 
_struct_ref.pdbx_db_accession          D0VX11 
_struct_ref.entity_id                  1 
_struct_ref.pdbx_seq_one_letter_code   
;SLLEFGKMILEETGKLAIPSYSSYGCYCGWGGKGTPKDATDRCCFVHDCCYGNLPDCNPKSDRYKYKRVNGAIVCEKGTS
CENRICECDKAAAICFRQNLNTYSKKYMLYPDFLCKGELKC
;
_struct_ref.pdbx_align_begin           1 
_struct_ref.pdbx_db_isoform            ? 
# 
_struct_ref_seq.align_id                      1 
_struct_ref_seq.ref_id                        1 
_struct_ref_seq.pdbx_PDB_id_code              4QMC 
_struct_ref_seq.pdbx_strand_id                A 
_struct_ref_seq.seq_align_beg                 1 
_struct_ref_seq.pdbx_seq_align_beg_ins_code   ? 
_struct_ref_seq.seq_align_end                 121 
_struct_ref_seq.pdbx_seq_align_end_ins_code   ? 
_struct_ref_seq.pdbx_db_accession             D0VX11 
_struct_ref_seq.db_align_beg                  1 
_struct_ref_seq.pdbx_db_align_beg_ins_code    ? 
_struct_ref_seq.db_align_end                  121 
_struct_ref_seq.pdbx_db_align_end_ins_code    ? 
_struct_ref_seq.pdbx_auth_seq_align_beg       1 
_struct_ref_seq.pdbx_auth_seq_align_end       133 
# 
_pdbx_struct_assembly.id                   1 
_pdbx_struct_assembly.details              author_and_software_defined_assembly 
_pdbx_struct_assembly.method_details       PISA 
_pdbx_struct_assembly.oligomeric_details   monomeric 
_pdbx_struct_assembly.oligomeric_count     1 
# 
_pdbx_struct_assembly_gen.assembly_id       1 
_pdbx_struct_assembly_gen.oper_expression   1 
_pdbx_struct_assembly_gen.asym_id_list      A,B,C,D,E,F 
# 
_pdbx_struct_oper_list.id                   1 
_pdbx_struct_oper_list.type                 'identity operation' 
_pdbx_struct_oper_list.name                 1_555 
_pdbx_struct_oper_list.symmetry_operation   x,y,z 
_pdbx_struct_oper_list.matrix[1][1]         1.0000000000 
_pdbx_struct_oper_list.matrix[1][2]         0.0000000000 
_pdbx_struct_oper_list.matrix[1][3]         0.0000000000 
_pdbx_struct_oper_list.vector[1]            0.0000000000 
_pdbx_struct_oper_list.matrix[2][1]         0.0000000000 
_pdbx_struct_oper_list.matrix[2][2]         1.0000000000 
_pdbx_struct_oper_list.matrix[2][3]         0.0000000000 
_pdbx_struct_oper_list.vector[2]            0.0000000000 
_pdbx_struct_oper_list.matrix[3][1]         0.0000000000 
_pdbx_struct_oper_list.matrix[3][2]         0.0000000000 
_pdbx_struct_oper_list.matrix[3][3]         1.0000000000 
_pdbx_struct_oper_list.vector[3]            0.0000000000 
# 
_struct_biol.id        1 
_struct_biol.details   ? 
# 
loop_
_struct_conf.conf_type_id 
_struct_conf.id 
_struct_conf.pdbx_PDB_helix_id 
_struct_conf.beg_label_comp_id 
_struct_conf.beg_label_asym_id 
_struct_conf.beg_label_seq_id 
_struct_conf.pdbx_beg_PDB_ins_code 
_struct_conf.end_label_comp_id 
_struct_conf.end_label_asym_id 
_struct_conf.end_label_seq_id 
_struct_conf.pdbx_end_PDB_ins_code 
_struct_conf.beg_auth_comp_id 
_struct_conf.beg_auth_asym_id 
_struct_conf.beg_auth_seq_id 
_struct_conf.end_auth_comp_id 
_struct_conf.end_auth_asym_id 
_struct_conf.end_auth_seq_id 
_struct_conf.pdbx_PDB_helix_class 
_struct_conf.details 
_struct_conf.pdbx_PDB_helix_length 
HELX_P HELX_P1 1 SER A 1   ? GLY A 14  ? SER A 1   GLY A 14  1 ? 14 
HELX_P HELX_P2 2 LEU A 16  ? TYR A 21  ? LEU A 17  TYR A 22  1 ? 6  
HELX_P HELX_P3 3 ASP A 38  ? ASN A 53  ? ASP A 39  ASN A 54  1 ? 16 
HELX_P HELX_P4 4 THR A 79  ? ASN A 99  ? THR A 89  ASN A 109 1 ? 21 
HELX_P HELX_P5 5 LEU A 100 ? TYR A 103 ? LEU A 110 TYR A 113 5 ? 4  
HELX_P HELX_P6 6 SER A 104 ? MET A 108 ? SER A 114 MET A 118 5 ? 5  
HELX_P HELX_P7 7 PRO A 111 ? CYS A 115 ? PRO A 121 CYS A 126 5 ? 5  
# 
_struct_conf_type.id          HELX_P 
_struct_conf_type.criteria    ? 
_struct_conf_type.reference   ? 
# 
loop_
_struct_conn.id 
_struct_conn.conn_type_id 
_struct_conn.pdbx_leaving_atom_flag 
_struct_conn.pdbx_PDB_id 
_struct_conn.ptnr1_label_asym_id 
_struct_conn.ptnr1_label_comp_id 
_struct_conn.ptnr1_label_seq_id 
_struct_conn.ptnr1_label_atom_id 
_struct_conn.pdbx_ptnr1_label_alt_id 
_struct_conn.pdbx_ptnr1_PDB_ins_code 
_struct_conn.pdbx_ptnr1_standard_comp_id 
_struct_conn.ptnr1_symmetry 
_struct_conn.ptnr2_label_asym_id 
_struct_conn.ptnr2_label_comp_id 
_struct_conn.ptnr2_label_seq_id 
_struct_conn.ptnr2_label_atom_id 
_struct_conn.pdbx_ptnr2_label_alt_id 
_struct_conn.pdbx_ptnr2_PDB_ins_code 
_struct_conn.ptnr1_auth_asym_id 
_struct_conn.ptnr1_auth_comp_id 
_struct_conn.ptnr1_auth_seq_id 
_struct_conn.ptnr2_auth_asym_id 
_struct_conn.ptnr2_auth_comp_id 
_struct_conn.ptnr2_auth_seq_id 
_struct_conn.ptnr2_symmetry 
_struct_conn.pdbx_ptnr3_label_atom_id 
_struct_conn.pdbx_ptnr3_label_seq_id 
_struct_conn.pdbx_ptnr3_label_comp_id 
_struct_conn.pdbx_ptnr3_label_asym_id 
_struct_conn.pdbx_ptnr3_label_alt_id 
_struct_conn.pdbx_ptnr3_PDB_ins_code 
_struct_conn.details 
_struct_conn.pdbx_dist_value 
_struct_conn.pdbx_value_order 
_struct_conn.pdbx_role 
disulf1 disulf ? ? A CYS 26 SG ? ? ? 1_555 A CYS 115 SG ? ? A CYS 27 A CYS 126 1_555 ? ? ? ? ? ? ? 2.111 ? ? 
disulf2 disulf ? ? A CYS 28 SG ? ? ? 1_555 A CYS 44  SG ? ? A CYS 29 A CYS 45  1_555 ? ? ? ? ? ? ? 2.072 ? ? 
disulf3 disulf ? ? A CYS 43 SG ? ? ? 1_555 A CYS 95  SG ? ? A CYS 44 A CYS 105 1_555 ? ? ? ? ? ? ? 2.055 ? ? 
disulf4 disulf ? ? A CYS 49 SG ? ? ? 1_555 A CYS 121 SG ? ? A CYS 50 A CYS 133 1_555 ? ? ? ? ? ? ? 2.049 ? ? 
disulf5 disulf ? ? A CYS 50 SG ? ? ? 1_555 A CYS 88  SG ? ? A CYS 51 A CYS 98  1_555 ? ? ? ? ? ? ? 2.046 ? ? 
disulf6 disulf ? ? A CYS 57 SG ? ? ? 1_555 A CYS 81  SG ? ? A CYS 61 A CYS 91  1_555 ? ? ? ? ? ? ? 2.051 ? ? 
disulf7 disulf ? ? A CYS 75 SG ? ? ? 1_555 A CYS 86  SG ? ? A CYS 84 A CYS 96  1_555 ? ? ? ? ? ? ? 2.064 ? ? 
# 
_struct_conn_type.id          disulf 
_struct_conn_type.criteria    ? 
_struct_conn_type.reference   ? 
# 
loop_
_pdbx_modification_feature.ordinal 
_pdbx_modification_feature.label_comp_id 
_pdbx_modification_feature.label_asym_id 
_pdbx_modification_feature.label_seq_id 
_pdbx_modification_feature.label_alt_id 
_pdbx_modification_feature.modified_residue_label_comp_id 
_pdbx_modification_feature.modified_residue_label_asym_id 
_pdbx_modification_feature.modified_residue_label_seq_id 
_pdbx_modification_feature.modified_residue_label_alt_id 
_pdbx_modification_feature.auth_comp_id 
_pdbx_modification_feature.auth_asym_id 
_pdbx_modification_feature.auth_seq_id 
_pdbx_modification_feature.PDB_ins_code 
_pdbx_modification_feature.symmetry 
_pdbx_modification_feature.modified_residue_auth_comp_id 
_pdbx_modification_feature.modified_residue_auth_asym_id 
_pdbx_modification_feature.modified_residue_auth_seq_id 
_pdbx_modification_feature.modified_residue_PDB_ins_code 
_pdbx_modification_feature.modified_residue_symmetry 
_pdbx_modification_feature.comp_id_linking_atom 
_pdbx_modification_feature.modified_residue_id_linking_atom 
_pdbx_modification_feature.modified_residue_id 
_pdbx_modification_feature.ref_pcm_id 
_pdbx_modification_feature.ref_comp_id 
_pdbx_modification_feature.type 
_pdbx_modification_feature.category 
1 CYS A 26 ? CYS A 115 ? CYS A 27 ? 1_555 CYS A 126 ? 1_555 SG SG . . . None 'Disulfide bridge' 
2 CYS A 28 ? CYS A 44  ? CYS A 29 ? 1_555 CYS A 45  ? 1_555 SG SG . . . None 'Disulfide bridge' 
3 CYS A 43 ? CYS A 95  ? CYS A 44 ? 1_555 CYS A 105 ? 1_555 SG SG . . . None 'Disulfide bridge' 
4 CYS A 49 ? CYS A 121 ? CYS A 50 ? 1_555 CYS A 133 ? 1_555 SG SG . . . None 'Disulfide bridge' 
5 CYS A 50 ? CYS A 88  ? CYS A 51 ? 1_555 CYS A 98  ? 1_555 SG SG . . . None 'Disulfide bridge' 
6 CYS A 57 ? CYS A 81  ? CYS A 61 ? 1_555 CYS A 91  ? 1_555 SG SG . . . None 'Disulfide bridge' 
7 CYS A 75 ? CYS A 86  ? CYS A 84 ? 1_555 CYS A 96  ? 1_555 SG SG . . . None 'Disulfide bridge' 
# 
loop_
_struct_mon_prot_cis.pdbx_id 
_struct_mon_prot_cis.label_comp_id 
_struct_mon_prot_cis.label_seq_id 
_struct_mon_prot_cis.label_asym_id 
_struct_mon_prot_cis.label_alt_id 
_struct_mon_prot_cis.pdbx_PDB_ins_code 
_struct_mon_prot_cis.auth_comp_id 
_struct_mon_prot_cis.auth_seq_id 
_struct_mon_prot_cis.auth_asym_id 
_struct_mon_prot_cis.pdbx_label_comp_id_2 
_struct_mon_prot_cis.pdbx_label_seq_id_2 
_struct_mon_prot_cis.pdbx_label_asym_id_2 
_struct_mon_prot_cis.pdbx_PDB_ins_code_2 
_struct_mon_prot_cis.pdbx_auth_comp_id_2 
_struct_mon_prot_cis.pdbx_auth_seq_id_2 
_struct_mon_prot_cis.pdbx_auth_asym_id_2 
_struct_mon_prot_cis.pdbx_PDB_model_num 
_struct_mon_prot_cis.pdbx_omega_angle 
1 ILE 18  A . ? ILE 19  A PRO 19  A ? PRO 20  A 1 15.68 
2 GLY 117 A . ? GLY 128 A GLU 118 A ? GLU 129 A 1 -6.37 
# 
_struct_sheet.id               A 
_struct_sheet.type             ? 
_struct_sheet.number_strands   2 
_struct_sheet.details          ? 
# 
_struct_sheet_order.sheet_id     A 
_struct_sheet_order.range_id_1   1 
_struct_sheet_order.range_id_2   2 
_struct_sheet_order.offset       ? 
_struct_sheet_order.sense        anti-parallel 
# 
loop_
_struct_sheet_range.sheet_id 
_struct_sheet_range.id 
_struct_sheet_range.beg_label_comp_id 
_struct_sheet_range.beg_label_asym_id 
_struct_sheet_range.beg_label_seq_id 
_struct_sheet_range.pdbx_beg_PDB_ins_code 
_struct_sheet_range.end_label_comp_id 
_struct_sheet_range.end_label_asym_id 
_struct_sheet_range.end_label_seq_id 
_struct_sheet_range.pdbx_end_PDB_ins_code 
_struct_sheet_range.beg_auth_comp_id 
_struct_sheet_range.beg_auth_asym_id 
_struct_sheet_range.beg_auth_seq_id 
_struct_sheet_range.end_auth_comp_id 
_struct_sheet_range.end_auth_asym_id 
_struct_sheet_range.end_auth_seq_id 
A 1 TYR A 66 ? VAL A 69 ? TYR A 75 VAL A 78 
A 2 ALA A 72 ? CYS A 75 ? ALA A 81 CYS A 84 
# 
_pdbx_struct_sheet_hbond.sheet_id                A 
_pdbx_struct_sheet_hbond.range_id_1              1 
_pdbx_struct_sheet_hbond.range_id_2              2 
_pdbx_struct_sheet_hbond.range_1_label_atom_id   N 
_pdbx_struct_sheet_hbond.range_1_label_comp_id   LYS 
_pdbx_struct_sheet_hbond.range_1_label_asym_id   A 
_pdbx_struct_sheet_hbond.range_1_label_seq_id    67 
_pdbx_struct_sheet_hbond.range_1_PDB_ins_code    ? 
_pdbx_struct_sheet_hbond.range_1_auth_atom_id    N 
_pdbx_struct_sheet_hbond.range_1_auth_comp_id    LYS 
_pdbx_struct_sheet_hbond.range_1_auth_asym_id    A 
_pdbx_struct_sheet_hbond.range_1_auth_seq_id     76 
_pdbx_struct_sheet_hbond.range_2_label_atom_id   O 
_pdbx_struct_sheet_hbond.range_2_label_comp_id   VAL 
_pdbx_struct_sheet_hbond.range_2_label_asym_id   A 
_pdbx_struct_sheet_hbond.range_2_label_seq_id    74 
_pdbx_struct_sheet_hbond.range_2_PDB_ins_code    ? 
_pdbx_struct_sheet_hbond.range_2_auth_atom_id    O 
_pdbx_struct_sheet_hbond.range_2_auth_comp_id    VAL 
_pdbx_struct_sheet_hbond.range_2_auth_asym_id    A 
_pdbx_struct_sheet_hbond.range_2_auth_seq_id     83 
# 
loop_
_struct_site.id 
_struct_site.pdbx_evidence_code 
_struct_site.pdbx_auth_asym_id 
_struct_site.pdbx_auth_comp_id 
_struct_site.pdbx_auth_seq_id 
_struct_site.pdbx_auth_ins_code 
_struct_site.pdbx_num_residues 
_struct_site.details 
AC1 Software A GOL 201 ? 7  'BINDING SITE FOR RESIDUE GOL A 201' 
AC2 Software A BSO 202 ? 15 'BINDING SITE FOR RESIDUE BSO A 202' 
AC3 Software A SO4 203 ? 7  'BINDING SITE FOR RESIDUE SO4 A 203' 
AC4 Software A ACT 204 ? 6  'BINDING SITE FOR RESIDUE ACT A 204' 
# 
loop_
_struct_site_gen.id 
_struct_site_gen.site_id 
_struct_site_gen.pdbx_num_res 
_struct_site_gen.label_comp_id 
_struct_site_gen.label_asym_id 
_struct_site_gen.label_seq_id 
_struct_site_gen.pdbx_auth_ins_code 
_struct_site_gen.auth_comp_id 
_struct_site_gen.auth_asym_id 
_struct_site_gen.auth_seq_id 
_struct_site_gen.label_atom_id 
_struct_site_gen.label_alt_id 
_struct_site_gen.symmetry 
_struct_site_gen.details 
1  AC1 7  CYS A 75 ? CYS A 84  . ? 1_555 ? 
2  AC1 7  GLU A 76 ? GLU A 85  . ? 1_555 ? 
3  AC1 7  LYS A 77 ? LYS A 86  . ? 1_555 ? 
4  AC1 7  ASN A 83 ? ASN A 93  . ? 1_555 ? 
5  AC1 7  GLU A 87 ? GLU A 97  . ? 1_555 ? 
6  AC1 7  HOH F .  ? HOH A 371 . ? 1_555 ? 
7  AC1 7  HOH F .  ? HOH A 387 . ? 1_555 ? 
8  AC2 15 LEU A 2  ? LEU A 2   . ? 1_555 ? 
9  AC2 15 PHE A 5  ? PHE A 5   . ? 1_555 ? 
10 AC2 15 ILE A 9  ? ILE A 9   . ? 1_555 ? 
11 AC2 15 ALA A 17 ? ALA A 18  . ? 1_555 ? 
12 AC2 15 TYR A 21 ? TYR A 22  . ? 1_555 ? 
13 AC2 15 SER A 22 ? SER A 23  . ? 1_555 ? 
14 AC2 15 TYR A 27 ? TYR A 28  . ? 1_555 ? 
15 AC2 15 GLY A 29 ? GLY A 30  . ? 1_555 ? 
16 AC2 15 CYS A 44 ? CYS A 45  . ? 1_555 ? 
17 AC2 15 HIS A 47 ? HIS A 48  . ? 1_555 ? 
18 AC2 15 ASP A 48 ? ASP A 49  . ? 1_555 ? 
19 AC2 15 TYR A 51 ? TYR A 52  . ? 1_555 ? 
20 AC2 15 HOH F .  ? HOH A 341 . ? 1_555 ? 
21 AC2 15 HOH F .  ? HOH A 416 . ? 1_555 ? 
22 AC2 15 HOH F .  ? HOH A 504 . ? 1_555 ? 
23 AC3 7  SER A 1  ? SER A 1   . ? 1_555 ? 
24 AC3 7  LEU A 2  ? LEU A 2   . ? 1_555 ? 
25 AC3 7  LEU A 3  ? LEU A 3   . ? 1_555 ? 
26 AC3 7  ARG A 42 ? ARG A 43  . ? 3_554 ? 
27 AC3 7  ARG A 63 ? ARG A 72  . ? 1_555 ? 
28 AC3 7  HOH F .  ? HOH A 498 . ? 1_555 ? 
29 AC3 7  HOH F .  ? HOH A 510 . ? 1_555 ? 
30 AC4 6  SER A 80 ? SER A 90  . ? 1_555 ? 
31 AC4 6  CYS A 81 ? CYS A 91  . ? 1_555 ? 
32 AC4 6  ARG A 84 ? ARG A 94  . ? 1_555 ? 
33 AC4 6  GLU A 87 ? GLU A 97  . ? 3_554 ? 
34 AC4 6  HOH F .  ? HOH A 316 . ? 1_555 ? 
35 AC4 6  HOH F .  ? HOH A 340 . ? 1_555 ? 
# 
_pdbx_entry_details.entry_id                   4QMC 
_pdbx_entry_details.nonpolymer_details         ? 
_pdbx_entry_details.sequence_details           
;THIS COORDINATES IS USED NON-SEQUENTIAL RESIDUE NUMBERING. MANY NUMBERS WERE SIMPLY SKIPPED IN THE NUMBERING AND HAVE NOTHING TO DO WITH LACK OF ELECTRON DENSITY.
;
_pdbx_entry_details.compound_details           ? 
_pdbx_entry_details.source_details             ? 
_pdbx_entry_details.has_ligand_of_interest     ? 
_pdbx_entry_details.has_protein_modification   Y 
# 
loop_
_pdbx_validate_rmsd_bond.id 
_pdbx_validate_rmsd_bond.PDB_model_num 
_pdbx_validate_rmsd_bond.auth_atom_id_1 
_pdbx_validate_rmsd_bond.auth_asym_id_1 
_pdbx_validate_rmsd_bond.auth_comp_id_1 
_pdbx_validate_rmsd_bond.auth_seq_id_1 
_pdbx_validate_rmsd_bond.PDB_ins_code_1 
_pdbx_validate_rmsd_bond.label_alt_id_1 
_pdbx_validate_rmsd_bond.auth_atom_id_2 
_pdbx_validate_rmsd_bond.auth_asym_id_2 
_pdbx_validate_rmsd_bond.auth_comp_id_2 
_pdbx_validate_rmsd_bond.auth_seq_id_2 
_pdbx_validate_rmsd_bond.PDB_ins_code_2 
_pdbx_validate_rmsd_bond.label_alt_id_2 
_pdbx_validate_rmsd_bond.bond_value 
_pdbx_validate_rmsd_bond.bond_target_value 
_pdbx_validate_rmsd_bond.bond_deviation 
_pdbx_validate_rmsd_bond.bond_standard_deviation 
_pdbx_validate_rmsd_bond.linker_flag 
1 1 CG A PHE 5  ? ? CD2 A PHE 5  ? ? 1.261 1.383 -0.122 0.015 N 
2 1 CD A GLU 12 ? ? OE1 A GLU 12 ? ? 1.376 1.252 0.124  0.011 N 
3 1 CD A GLU 12 ? ? OE2 A GLU 12 ? ? 1.097 1.252 -0.155 0.011 N 
4 1 C  A GLY 53 ? ? O   A GLY 53 ? ? 1.356 1.232 0.124  0.016 N 
5 1 CD A GLU 92 ? ? OE1 A GLU 92 ? ? 1.180 1.252 -0.072 0.011 N 
6 1 CD A GLU 92 ? ? OE2 A GLU 92 ? ? 1.332 1.252 0.080  0.011 N 
# 
loop_
_pdbx_validate_rmsd_angle.id 
_pdbx_validate_rmsd_angle.PDB_model_num 
_pdbx_validate_rmsd_angle.auth_atom_id_1 
_pdbx_validate_rmsd_angle.auth_asym_id_1 
_pdbx_validate_rmsd_angle.auth_comp_id_1 
_pdbx_validate_rmsd_angle.auth_seq_id_1 
_pdbx_validate_rmsd_angle.PDB_ins_code_1 
_pdbx_validate_rmsd_angle.label_alt_id_1 
_pdbx_validate_rmsd_angle.auth_atom_id_2 
_pdbx_validate_rmsd_angle.auth_asym_id_2 
_pdbx_validate_rmsd_angle.auth_comp_id_2 
_pdbx_validate_rmsd_angle.auth_seq_id_2 
_pdbx_validate_rmsd_angle.PDB_ins_code_2 
_pdbx_validate_rmsd_angle.label_alt_id_2 
_pdbx_validate_rmsd_angle.auth_atom_id_3 
_pdbx_validate_rmsd_angle.auth_asym_id_3 
_pdbx_validate_rmsd_angle.auth_comp_id_3 
_pdbx_validate_rmsd_angle.auth_seq_id_3 
_pdbx_validate_rmsd_angle.PDB_ins_code_3 
_pdbx_validate_rmsd_angle.label_alt_id_3 
_pdbx_validate_rmsd_angle.angle_value 
_pdbx_validate_rmsd_angle.angle_target_value 
_pdbx_validate_rmsd_angle.angle_deviation 
_pdbx_validate_rmsd_angle.angle_standard_deviation 
_pdbx_validate_rmsd_angle.linker_flag 
1  1 CB A PHE 5   ? ? CG A PHE 5   ? ? CD2 A PHE 5   ? ? 115.54 120.80 -5.26 0.70 N 
2  1 CB A PHE 5   ? ? CG A PHE 5   ? ? CD1 A PHE 5   ? ? 125.11 120.80 4.31  0.70 N 
3  1 CB A TYR 22  ? ? CG A TYR 22  ? ? CD2 A TYR 22  ? ? 125.13 121.00 4.13  0.60 N 
4  1 CB A TYR 22  ? ? CG A TYR 22  ? ? CD1 A TYR 22  ? ? 117.27 121.00 -3.73 0.60 N 
5  1 CB A ASP 42  ? ? CG A ASP 42  ? ? OD1 A ASP 42  ? ? 123.73 118.30 5.43  0.90 N 
6  1 NE A ARG 43  ? ? CZ A ARG 43  ? ? NH2 A ARG 43  ? ? 116.07 120.30 -4.23 0.50 N 
7  1 CB A ASP 49  ? ? CG A ASP 49  ? ? OD2 A ASP 49  ? ? 112.58 118.30 -5.72 0.90 N 
8  1 CB A TYR 52  ? ? CG A TYR 52  ? ? CD2 A TYR 52  ? ? 117.00 121.00 -4.00 0.60 N 
9  1 CB A TYR 73  ? ? CG A TYR 73  ? ? CD2 A TYR 73  ? ? 125.22 121.00 4.22  0.60 N 
10 1 CB A TYR 75  ? ? CG A TYR 75  ? ? CD1 A TYR 75  ? ? 124.63 121.00 3.63  0.60 N 
11 1 NE A ARG 77  ? ? CZ A ARG 77  ? ? NH2 A ARG 77  ? ? 127.17 120.30 6.87  0.50 N 
12 1 CB A ASP 99  ? ? CG A ASP 99  ? ? OD1 A ASP 99  ? ? 124.85 118.30 6.55  0.90 N 
13 1 CB A ASP 99  ? ? CG A ASP 99  ? ? OD2 A ASP 99  ? ? 111.74 118.30 -6.56 0.90 N 
14 1 CB A PHE 106 ? ? CG A PHE 106 ? ? CD1 A PHE 106 ? ? 125.01 120.80 4.21  0.70 N 
# 
loop_
_chem_comp_atom.comp_id 
_chem_comp_atom.atom_id 
_chem_comp_atom.type_symbol 
_chem_comp_atom.pdbx_aromatic_flag 
_chem_comp_atom.pdbx_stereo_config 
_chem_comp_atom.pdbx_ordinal 
ACT C    C N N 1   
ACT O    O N N 2   
ACT OXT  O N N 3   
ACT CH3  C N N 4   
ACT H1   H N N 5   
ACT H2   H N N 6   
ACT H3   H N N 7   
ALA N    N N N 8   
ALA CA   C N S 9   
ALA C    C N N 10  
ALA O    O N N 11  
ALA CB   C N N 12  
ALA OXT  O N N 13  
ALA H    H N N 14  
ALA H2   H N N 15  
ALA HA   H N N 16  
ALA HB1  H N N 17  
ALA HB2  H N N 18  
ALA HB3  H N N 19  
ALA HXT  H N N 20  
ARG N    N N N 21  
ARG CA   C N S 22  
ARG C    C N N 23  
ARG O    O N N 24  
ARG CB   C N N 25  
ARG CG   C N N 26  
ARG CD   C N N 27  
ARG NE   N N N 28  
ARG CZ   C N N 29  
ARG NH1  N N N 30  
ARG NH2  N N N 31  
ARG OXT  O N N 32  
ARG H    H N N 33  
ARG H2   H N N 34  
ARG HA   H N N 35  
ARG HB2  H N N 36  
ARG HB3  H N N 37  
ARG HG2  H N N 38  
ARG HG3  H N N 39  
ARG HD2  H N N 40  
ARG HD3  H N N 41  
ARG HE   H N N 42  
ARG HH11 H N N 43  
ARG HH12 H N N 44  
ARG HH21 H N N 45  
ARG HH22 H N N 46  
ARG HXT  H N N 47  
ASN N    N N N 48  
ASN CA   C N S 49  
ASN C    C N N 50  
ASN O    O N N 51  
ASN CB   C N N 52  
ASN CG   C N N 53  
ASN OD1  O N N 54  
ASN ND2  N N N 55  
ASN OXT  O N N 56  
ASN H    H N N 57  
ASN H2   H N N 58  
ASN HA   H N N 59  
ASN HB2  H N N 60  
ASN HB3  H N N 61  
ASN HD21 H N N 62  
ASN HD22 H N N 63  
ASN HXT  H N N 64  
ASP N    N N N 65  
ASP CA   C N S 66  
ASP C    C N N 67  
ASP O    O N N 68  
ASP CB   C N N 69  
ASP CG   C N N 70  
ASP OD1  O N N 71  
ASP OD2  O N N 72  
ASP OXT  O N N 73  
ASP H    H N N 74  
ASP H2   H N N 75  
ASP HA   H N N 76  
ASP HB2  H N N 77  
ASP HB3  H N N 78  
ASP HD2  H N N 79  
ASP HXT  H N N 80  
BSO C11  C N N 81  
BSO O11  O N N 82  
BSO O12  O N N 83  
BSO C10  C N N 84  
BSO C9   C N N 85  
BSO C8   C N N 86  
BSO C7   C N N 87  
BSO C2   C N S 88  
BSO S1   S N S 89  
BSO C6   C N N 90  
BSO C5   C N R 91  
BSO N1   N N N 92  
BSO C3   C N N 93  
BSO O3   O N N 94  
BSO N2   N N N 95  
BSO C4   C N S 96  
BSO O10  O N N 97  
BSO H11  H N N 98  
BSO H101 H N N 99  
BSO H102 H N N 100 
BSO H9C1 H N N 101 
BSO H9C2 H N N 102 
BSO H8C1 H N N 103 
BSO H8C2 H N N 104 
BSO H7C1 H N N 105 
BSO H7C2 H N N 106 
BSO H2   H N N 107 
BSO H6C1 H N N 108 
BSO H6C2 H N N 109 
BSO H5   H N N 110 
BSO H1   H N N 111 
BSO HA   H N N 112 
BSO H4   H N N 113 
CYS N    N N N 114 
CYS CA   C N R 115 
CYS C    C N N 116 
CYS O    O N N 117 
CYS CB   C N N 118 
CYS SG   S N N 119 
CYS OXT  O N N 120 
CYS H    H N N 121 
CYS H2   H N N 122 
CYS HA   H N N 123 
CYS HB2  H N N 124 
CYS HB3  H N N 125 
CYS HG   H N N 126 
CYS HXT  H N N 127 
GLN N    N N N 128 
GLN CA   C N S 129 
GLN C    C N N 130 
GLN O    O N N 131 
GLN CB   C N N 132 
GLN CG   C N N 133 
GLN CD   C N N 134 
GLN OE1  O N N 135 
GLN NE2  N N N 136 
GLN OXT  O N N 137 
GLN H    H N N 138 
GLN H2   H N N 139 
GLN HA   H N N 140 
GLN HB2  H N N 141 
GLN HB3  H N N 142 
GLN HG2  H N N 143 
GLN HG3  H N N 144 
GLN HE21 H N N 145 
GLN HE22 H N N 146 
GLN HXT  H N N 147 
GLU N    N N N 148 
GLU CA   C N S 149 
GLU C    C N N 150 
GLU O    O N N 151 
GLU CB   C N N 152 
GLU CG   C N N 153 
GLU CD   C N N 154 
GLU OE1  O N N 155 
GLU OE2  O N N 156 
GLU OXT  O N N 157 
GLU H    H N N 158 
GLU H2   H N N 159 
GLU HA   H N N 160 
GLU HB2  H N N 161 
GLU HB3  H N N 162 
GLU HG2  H N N 163 
GLU HG3  H N N 164 
GLU HE2  H N N 165 
GLU HXT  H N N 166 
GLY N    N N N 167 
GLY CA   C N N 168 
GLY C    C N N 169 
GLY O    O N N 170 
GLY OXT  O N N 171 
GLY H    H N N 172 
GLY H2   H N N 173 
GLY HA2  H N N 174 
GLY HA3  H N N 175 
GLY HXT  H N N 176 
GOL C1   C N N 177 
GOL O1   O N N 178 
GOL C2   C N N 179 
GOL O2   O N N 180 
GOL C3   C N N 181 
GOL O3   O N N 182 
GOL H11  H N N 183 
GOL H12  H N N 184 
GOL HO1  H N N 185 
GOL H2   H N N 186 
GOL HO2  H N N 187 
GOL H31  H N N 188 
GOL H32  H N N 189 
GOL HO3  H N N 190 
HIS N    N N N 191 
HIS CA   C N S 192 
HIS C    C N N 193 
HIS O    O N N 194 
HIS CB   C N N 195 
HIS CG   C Y N 196 
HIS ND1  N Y N 197 
HIS CD2  C Y N 198 
HIS CE1  C Y N 199 
HIS NE2  N Y N 200 
HIS OXT  O N N 201 
HIS H    H N N 202 
HIS H2   H N N 203 
HIS HA   H N N 204 
HIS HB2  H N N 205 
HIS HB3  H N N 206 
HIS HD1  H N N 207 
HIS HD2  H N N 208 
HIS HE1  H N N 209 
HIS HE2  H N N 210 
HIS HXT  H N N 211 
HOH O    O N N 212 
HOH H1   H N N 213 
HOH H2   H N N 214 
ILE N    N N N 215 
ILE CA   C N S 216 
ILE C    C N N 217 
ILE O    O N N 218 
ILE CB   C N S 219 
ILE CG1  C N N 220 
ILE CG2  C N N 221 
ILE CD1  C N N 222 
ILE OXT  O N N 223 
ILE H    H N N 224 
ILE H2   H N N 225 
ILE HA   H N N 226 
ILE HB   H N N 227 
ILE HG12 H N N 228 
ILE HG13 H N N 229 
ILE HG21 H N N 230 
ILE HG22 H N N 231 
ILE HG23 H N N 232 
ILE HD11 H N N 233 
ILE HD12 H N N 234 
ILE HD13 H N N 235 
ILE HXT  H N N 236 
LEU N    N N N 237 
LEU CA   C N S 238 
LEU C    C N N 239 
LEU O    O N N 240 
LEU CB   C N N 241 
LEU CG   C N N 242 
LEU CD1  C N N 243 
LEU CD2  C N N 244 
LEU OXT  O N N 245 
LEU H    H N N 246 
LEU H2   H N N 247 
LEU HA   H N N 248 
LEU HB2  H N N 249 
LEU HB3  H N N 250 
LEU HG   H N N 251 
LEU HD11 H N N 252 
LEU HD12 H N N 253 
LEU HD13 H N N 254 
LEU HD21 H N N 255 
LEU HD22 H N N 256 
LEU HD23 H N N 257 
LEU HXT  H N N 258 
LYS N    N N N 259 
LYS CA   C N S 260 
LYS C    C N N 261 
LYS O    O N N 262 
LYS CB   C N N 263 
LYS CG   C N N 264 
LYS CD   C N N 265 
LYS CE   C N N 266 
LYS NZ   N N N 267 
LYS OXT  O N N 268 
LYS H    H N N 269 
LYS H2   H N N 270 
LYS HA   H N N 271 
LYS HB2  H N N 272 
LYS HB3  H N N 273 
LYS HG2  H N N 274 
LYS HG3  H N N 275 
LYS HD2  H N N 276 
LYS HD3  H N N 277 
LYS HE2  H N N 278 
LYS HE3  H N N 279 
LYS HZ1  H N N 280 
LYS HZ2  H N N 281 
LYS HZ3  H N N 282 
LYS HXT  H N N 283 
MET N    N N N 284 
MET CA   C N S 285 
MET C    C N N 286 
MET O    O N N 287 
MET CB   C N N 288 
MET CG   C N N 289 
MET SD   S N N 290 
MET CE   C N N 291 
MET OXT  O N N 292 
MET H    H N N 293 
MET H2   H N N 294 
MET HA   H N N 295 
MET HB2  H N N 296 
MET HB3  H N N 297 
MET HG2  H N N 298 
MET HG3  H N N 299 
MET HE1  H N N 300 
MET HE2  H N N 301 
MET HE3  H N N 302 
MET HXT  H N N 303 
PHE N    N N N 304 
PHE CA   C N S 305 
PHE C    C N N 306 
PHE O    O N N 307 
PHE CB   C N N 308 
PHE CG   C Y N 309 
PHE CD1  C Y N 310 
PHE CD2  C Y N 311 
PHE CE1  C Y N 312 
PHE CE2  C Y N 313 
PHE CZ   C Y N 314 
PHE OXT  O N N 315 
PHE H    H N N 316 
PHE H2   H N N 317 
PHE HA   H N N 318 
PHE HB2  H N N 319 
PHE HB3  H N N 320 
PHE HD1  H N N 321 
PHE HD2  H N N 322 
PHE HE1  H N N 323 
PHE HE2  H N N 324 
PHE HZ   H N N 325 
PHE HXT  H N N 326 
PRO N    N N N 327 
PRO CA   C N S 328 
PRO C    C N N 329 
PRO O    O N N 330 
PRO CB   C N N 331 
PRO CG   C N N 332 
PRO CD   C N N 333 
PRO OXT  O N N 334 
PRO H    H N N 335 
PRO HA   H N N 336 
PRO HB2  H N N 337 
PRO HB3  H N N 338 
PRO HG2  H N N 339 
PRO HG3  H N N 340 
PRO HD2  H N N 341 
PRO HD3  H N N 342 
PRO HXT  H N N 343 
SER N    N N N 344 
SER CA   C N S 345 
SER C    C N N 346 
SER O    O N N 347 
SER CB   C N N 348 
SER OG   O N N 349 
SER OXT  O N N 350 
SER H    H N N 351 
SER H2   H N N 352 
SER HA   H N N 353 
SER HB2  H N N 354 
SER HB3  H N N 355 
SER HG   H N N 356 
SER HXT  H N N 357 
SO4 S    S N N 358 
SO4 O1   O N N 359 
SO4 O2   O N N 360 
SO4 O3   O N N 361 
SO4 O4   O N N 362 
THR N    N N N 363 
THR CA   C N S 364 
THR C    C N N 365 
THR O    O N N 366 
THR CB   C N R 367 
THR OG1  O N N 368 
THR CG2  C N N 369 
THR OXT  O N N 370 
THR H    H N N 371 
THR H2   H N N 372 
THR HA   H N N 373 
THR HB   H N N 374 
THR HG1  H N N 375 
THR HG21 H N N 376 
THR HG22 H N N 377 
THR HG23 H N N 378 
THR HXT  H N N 379 
TRP N    N N N 380 
TRP CA   C N S 381 
TRP C    C N N 382 
TRP O    O N N 383 
TRP CB   C N N 384 
TRP CG   C Y N 385 
TRP CD1  C Y N 386 
TRP CD2  C Y N 387 
TRP NE1  N Y N 388 
TRP CE2  C Y N 389 
TRP CE3  C Y N 390 
TRP CZ2  C Y N 391 
TRP CZ3  C Y N 392 
TRP CH2  C Y N 393 
TRP OXT  O N N 394 
TRP H    H N N 395 
TRP H2   H N N 396 
TRP HA   H N N 397 
TRP HB2  H N N 398 
TRP HB3  H N N 399 
TRP HD1  H N N 400 
TRP HE1  H N N 401 
TRP HE3  H N N 402 
TRP HZ2  H N N 403 
TRP HZ3  H N N 404 
TRP HH2  H N N 405 
TRP HXT  H N N 406 
TYR N    N N N 407 
TYR CA   C N S 408 
TYR C    C N N 409 
TYR O    O N N 410 
TYR CB   C N N 411 
TYR CG   C Y N 412 
TYR CD1  C Y N 413 
TYR CD2  C Y N 414 
TYR CE1  C Y N 415 
TYR CE2  C Y N 416 
TYR CZ   C Y N 417 
TYR OH   O N N 418 
TYR OXT  O N N 419 
TYR H    H N N 420 
TYR H2   H N N 421 
TYR HA   H N N 422 
TYR HB2  H N N 423 
TYR HB3  H N N 424 
TYR HD1  H N N 425 
TYR HD2  H N N 426 
TYR HE1  H N N 427 
TYR HE2  H N N 428 
TYR HH   H N N 429 
TYR HXT  H N N 430 
VAL N    N N N 431 
VAL CA   C N S 432 
VAL C    C N N 433 
VAL O    O N N 434 
VAL CB   C N N 435 
VAL CG1  C N N 436 
VAL CG2  C N N 437 
VAL OXT  O N N 438 
VAL H    H N N 439 
VAL H2   H N N 440 
VAL HA   H N N 441 
VAL HB   H N N 442 
VAL HG11 H N N 443 
VAL HG12 H N N 444 
VAL HG13 H N N 445 
VAL HG21 H N N 446 
VAL HG22 H N N 447 
VAL HG23 H N N 448 
VAL HXT  H N N 449 
# 
loop_
_chem_comp_bond.comp_id 
_chem_comp_bond.atom_id_1 
_chem_comp_bond.atom_id_2 
_chem_comp_bond.value_order 
_chem_comp_bond.pdbx_aromatic_flag 
_chem_comp_bond.pdbx_stereo_config 
_chem_comp_bond.pdbx_ordinal 
ACT C   O    doub N N 1   
ACT C   OXT  sing N N 2   
ACT C   CH3  sing N N 3   
ACT CH3 H1   sing N N 4   
ACT CH3 H2   sing N N 5   
ACT CH3 H3   sing N N 6   
ALA N   CA   sing N N 7   
ALA N   H    sing N N 8   
ALA N   H2   sing N N 9   
ALA CA  C    sing N N 10  
ALA CA  CB   sing N N 11  
ALA CA  HA   sing N N 12  
ALA C   O    doub N N 13  
ALA C   OXT  sing N N 14  
ALA CB  HB1  sing N N 15  
ALA CB  HB2  sing N N 16  
ALA CB  HB3  sing N N 17  
ALA OXT HXT  sing N N 18  
ARG N   CA   sing N N 19  
ARG N   H    sing N N 20  
ARG N   H2   sing N N 21  
ARG CA  C    sing N N 22  
ARG CA  CB   sing N N 23  
ARG CA  HA   sing N N 24  
ARG C   O    doub N N 25  
ARG C   OXT  sing N N 26  
ARG CB  CG   sing N N 27  
ARG CB  HB2  sing N N 28  
ARG CB  HB3  sing N N 29  
ARG CG  CD   sing N N 30  
ARG CG  HG2  sing N N 31  
ARG CG  HG3  sing N N 32  
ARG CD  NE   sing N N 33  
ARG CD  HD2  sing N N 34  
ARG CD  HD3  sing N N 35  
ARG NE  CZ   sing N N 36  
ARG NE  HE   sing N N 37  
ARG CZ  NH1  sing N N 38  
ARG CZ  NH2  doub N N 39  
ARG NH1 HH11 sing N N 40  
ARG NH1 HH12 sing N N 41  
ARG NH2 HH21 sing N N 42  
ARG NH2 HH22 sing N N 43  
ARG OXT HXT  sing N N 44  
ASN N   CA   sing N N 45  
ASN N   H    sing N N 46  
ASN N   H2   sing N N 47  
ASN CA  C    sing N N 48  
ASN CA  CB   sing N N 49  
ASN CA  HA   sing N N 50  
ASN C   O    doub N N 51  
ASN C   OXT  sing N N 52  
ASN CB  CG   sing N N 53  
ASN CB  HB2  sing N N 54  
ASN CB  HB3  sing N N 55  
ASN CG  OD1  doub N N 56  
ASN CG  ND2  sing N N 57  
ASN ND2 HD21 sing N N 58  
ASN ND2 HD22 sing N N 59  
ASN OXT HXT  sing N N 60  
ASP N   CA   sing N N 61  
ASP N   H    sing N N 62  
ASP N   H2   sing N N 63  
ASP CA  C    sing N N 64  
ASP CA  CB   sing N N 65  
ASP CA  HA   sing N N 66  
ASP C   O    doub N N 67  
ASP C   OXT  sing N N 68  
ASP CB  CG   sing N N 69  
ASP CB  HB2  sing N N 70  
ASP CB  HB3  sing N N 71  
ASP CG  OD1  doub N N 72  
ASP CG  OD2  sing N N 73  
ASP OD2 HD2  sing N N 74  
ASP OXT HXT  sing N N 75  
BSO C11 O11  sing N N 76  
BSO C11 O12  doub N N 77  
BSO C11 C10  sing N N 78  
BSO O11 H11  sing N N 79  
BSO C10 C9   sing N N 80  
BSO C10 H101 sing N N 81  
BSO C10 H102 sing N N 82  
BSO C9  C8   sing N N 83  
BSO C9  H9C1 sing N N 84  
BSO C9  H9C2 sing N N 85  
BSO C8  C7   sing N N 86  
BSO C8  H8C1 sing N N 87  
BSO C8  H8C2 sing N N 88  
BSO C7  C2   sing N N 89  
BSO C7  H7C1 sing N N 90  
BSO C7  H7C2 sing N N 91  
BSO C2  S1   sing N N 92  
BSO C2  C4   sing N N 93  
BSO C2  H2   sing N N 94  
BSO S1  C6   sing N N 95  
BSO S1  O10  doub N N 96  
BSO C6  C5   sing N N 97  
BSO C6  H6C1 sing N N 98  
BSO C6  H6C2 sing N N 99  
BSO C5  N1   sing N N 100 
BSO C5  C4   sing N N 101 
BSO C5  H5   sing N N 102 
BSO N1  C3   sing N N 103 
BSO N1  H1   sing N N 104 
BSO C3  O3   doub N N 105 
BSO C3  N2   sing N N 106 
BSO N2  C4   sing N N 107 
BSO N2  HA   sing N N 108 
BSO C4  H4   sing N N 109 
CYS N   CA   sing N N 110 
CYS N   H    sing N N 111 
CYS N   H2   sing N N 112 
CYS CA  C    sing N N 113 
CYS CA  CB   sing N N 114 
CYS CA  HA   sing N N 115 
CYS C   O    doub N N 116 
CYS C   OXT  sing N N 117 
CYS CB  SG   sing N N 118 
CYS CB  HB2  sing N N 119 
CYS CB  HB3  sing N N 120 
CYS SG  HG   sing N N 121 
CYS OXT HXT  sing N N 122 
GLN N   CA   sing N N 123 
GLN N   H    sing N N 124 
GLN N   H2   sing N N 125 
GLN CA  C    sing N N 126 
GLN CA  CB   sing N N 127 
GLN CA  HA   sing N N 128 
GLN C   O    doub N N 129 
GLN C   OXT  sing N N 130 
GLN CB  CG   sing N N 131 
GLN CB  HB2  sing N N 132 
GLN CB  HB3  sing N N 133 
GLN CG  CD   sing N N 134 
GLN CG  HG2  sing N N 135 
GLN CG  HG3  sing N N 136 
GLN CD  OE1  doub N N 137 
GLN CD  NE2  sing N N 138 
GLN NE2 HE21 sing N N 139 
GLN NE2 HE22 sing N N 140 
GLN OXT HXT  sing N N 141 
GLU N   CA   sing N N 142 
GLU N   H    sing N N 143 
GLU N   H2   sing N N 144 
GLU CA  C    sing N N 145 
GLU CA  CB   sing N N 146 
GLU CA  HA   sing N N 147 
GLU C   O    doub N N 148 
GLU C   OXT  sing N N 149 
GLU CB  CG   sing N N 150 
GLU CB  HB2  sing N N 151 
GLU CB  HB3  sing N N 152 
GLU CG  CD   sing N N 153 
GLU CG  HG2  sing N N 154 
GLU CG  HG3  sing N N 155 
GLU CD  OE1  doub N N 156 
GLU CD  OE2  sing N N 157 
GLU OE2 HE2  sing N N 158 
GLU OXT HXT  sing N N 159 
GLY N   CA   sing N N 160 
GLY N   H    sing N N 161 
GLY N   H2   sing N N 162 
GLY CA  C    sing N N 163 
GLY CA  HA2  sing N N 164 
GLY CA  HA3  sing N N 165 
GLY C   O    doub N N 166 
GLY C   OXT  sing N N 167 
GLY OXT HXT  sing N N 168 
GOL C1  O1   sing N N 169 
GOL C1  C2   sing N N 170 
GOL C1  H11  sing N N 171 
GOL C1  H12  sing N N 172 
GOL O1  HO1  sing N N 173 
GOL C2  O2   sing N N 174 
GOL C2  C3   sing N N 175 
GOL C2  H2   sing N N 176 
GOL O2  HO2  sing N N 177 
GOL C3  O3   sing N N 178 
GOL C3  H31  sing N N 179 
GOL C3  H32  sing N N 180 
GOL O3  HO3  sing N N 181 
HIS N   CA   sing N N 182 
HIS N   H    sing N N 183 
HIS N   H2   sing N N 184 
HIS CA  C    sing N N 185 
HIS CA  CB   sing N N 186 
HIS CA  HA   sing N N 187 
HIS C   O    doub N N 188 
HIS C   OXT  sing N N 189 
HIS CB  CG   sing N N 190 
HIS CB  HB2  sing N N 191 
HIS CB  HB3  sing N N 192 
HIS CG  ND1  sing Y N 193 
HIS CG  CD2  doub Y N 194 
HIS ND1 CE1  doub Y N 195 
HIS ND1 HD1  sing N N 196 
HIS CD2 NE2  sing Y N 197 
HIS CD2 HD2  sing N N 198 
HIS CE1 NE2  sing Y N 199 
HIS CE1 HE1  sing N N 200 
HIS NE2 HE2  sing N N 201 
HIS OXT HXT  sing N N 202 
HOH O   H1   sing N N 203 
HOH O   H2   sing N N 204 
ILE N   CA   sing N N 205 
ILE N   H    sing N N 206 
ILE N   H2   sing N N 207 
ILE CA  C    sing N N 208 
ILE CA  CB   sing N N 209 
ILE CA  HA   sing N N 210 
ILE C   O    doub N N 211 
ILE C   OXT  sing N N 212 
ILE CB  CG1  sing N N 213 
ILE CB  CG2  sing N N 214 
ILE CB  HB   sing N N 215 
ILE CG1 CD1  sing N N 216 
ILE CG1 HG12 sing N N 217 
ILE CG1 HG13 sing N N 218 
ILE CG2 HG21 sing N N 219 
ILE CG2 HG22 sing N N 220 
ILE CG2 HG23 sing N N 221 
ILE CD1 HD11 sing N N 222 
ILE CD1 HD12 sing N N 223 
ILE CD1 HD13 sing N N 224 
ILE OXT HXT  sing N N 225 
LEU N   CA   sing N N 226 
LEU N   H    sing N N 227 
LEU N   H2   sing N N 228 
LEU CA  C    sing N N 229 
LEU CA  CB   sing N N 230 
LEU CA  HA   sing N N 231 
LEU C   O    doub N N 232 
LEU C   OXT  sing N N 233 
LEU CB  CG   sing N N 234 
LEU CB  HB2  sing N N 235 
LEU CB  HB3  sing N N 236 
LEU CG  CD1  sing N N 237 
LEU CG  CD2  sing N N 238 
LEU CG  HG   sing N N 239 
LEU CD1 HD11 sing N N 240 
LEU CD1 HD12 sing N N 241 
LEU CD1 HD13 sing N N 242 
LEU CD2 HD21 sing N N 243 
LEU CD2 HD22 sing N N 244 
LEU CD2 HD23 sing N N 245 
LEU OXT HXT  sing N N 246 
LYS N   CA   sing N N 247 
LYS N   H    sing N N 248 
LYS N   H2   sing N N 249 
LYS CA  C    sing N N 250 
LYS CA  CB   sing N N 251 
LYS CA  HA   sing N N 252 
LYS C   O    doub N N 253 
LYS C   OXT  sing N N 254 
LYS CB  CG   sing N N 255 
LYS CB  HB2  sing N N 256 
LYS CB  HB3  sing N N 257 
LYS CG  CD   sing N N 258 
LYS CG  HG2  sing N N 259 
LYS CG  HG3  sing N N 260 
LYS CD  CE   sing N N 261 
LYS CD  HD2  sing N N 262 
LYS CD  HD3  sing N N 263 
LYS CE  NZ   sing N N 264 
LYS CE  HE2  sing N N 265 
LYS CE  HE3  sing N N 266 
LYS NZ  HZ1  sing N N 267 
LYS NZ  HZ2  sing N N 268 
LYS NZ  HZ3  sing N N 269 
LYS OXT HXT  sing N N 270 
MET N   CA   sing N N 271 
MET N   H    sing N N 272 
MET N   H2   sing N N 273 
MET CA  C    sing N N 274 
MET CA  CB   sing N N 275 
MET CA  HA   sing N N 276 
MET C   O    doub N N 277 
MET C   OXT  sing N N 278 
MET CB  CG   sing N N 279 
MET CB  HB2  sing N N 280 
MET CB  HB3  sing N N 281 
MET CG  SD   sing N N 282 
MET CG  HG2  sing N N 283 
MET CG  HG3  sing N N 284 
MET SD  CE   sing N N 285 
MET CE  HE1  sing N N 286 
MET CE  HE2  sing N N 287 
MET CE  HE3  sing N N 288 
MET OXT HXT  sing N N 289 
PHE N   CA   sing N N 290 
PHE N   H    sing N N 291 
PHE N   H2   sing N N 292 
PHE CA  C    sing N N 293 
PHE CA  CB   sing N N 294 
PHE CA  HA   sing N N 295 
PHE C   O    doub N N 296 
PHE C   OXT  sing N N 297 
PHE CB  CG   sing N N 298 
PHE CB  HB2  sing N N 299 
PHE CB  HB3  sing N N 300 
PHE CG  CD1  doub Y N 301 
PHE CG  CD2  sing Y N 302 
PHE CD1 CE1  sing Y N 303 
PHE CD1 HD1  sing N N 304 
PHE CD2 CE2  doub Y N 305 
PHE CD2 HD2  sing N N 306 
PHE CE1 CZ   doub Y N 307 
PHE CE1 HE1  sing N N 308 
PHE CE2 CZ   sing Y N 309 
PHE CE2 HE2  sing N N 310 
PHE CZ  HZ   sing N N 311 
PHE OXT HXT  sing N N 312 
PRO N   CA   sing N N 313 
PRO N   CD   sing N N 314 
PRO N   H    sing N N 315 
PRO CA  C    sing N N 316 
PRO CA  CB   sing N N 317 
PRO CA  HA   sing N N 318 
PRO C   O    doub N N 319 
PRO C   OXT  sing N N 320 
PRO CB  CG   sing N N 321 
PRO CB  HB2  sing N N 322 
PRO CB  HB3  sing N N 323 
PRO CG  CD   sing N N 324 
PRO CG  HG2  sing N N 325 
PRO CG  HG3  sing N N 326 
PRO CD  HD2  sing N N 327 
PRO CD  HD3  sing N N 328 
PRO OXT HXT  sing N N 329 
SER N   CA   sing N N 330 
SER N   H    sing N N 331 
SER N   H2   sing N N 332 
SER CA  C    sing N N 333 
SER CA  CB   sing N N 334 
SER CA  HA   sing N N 335 
SER C   O    doub N N 336 
SER C   OXT  sing N N 337 
SER CB  OG   sing N N 338 
SER CB  HB2  sing N N 339 
SER CB  HB3  sing N N 340 
SER OG  HG   sing N N 341 
SER OXT HXT  sing N N 342 
SO4 S   O1   doub N N 343 
SO4 S   O2   doub N N 344 
SO4 S   O3   sing N N 345 
SO4 S   O4   sing N N 346 
THR N   CA   sing N N 347 
THR N   H    sing N N 348 
THR N   H2   sing N N 349 
THR CA  C    sing N N 350 
THR CA  CB   sing N N 351 
THR CA  HA   sing N N 352 
THR C   O    doub N N 353 
THR C   OXT  sing N N 354 
THR CB  OG1  sing N N 355 
THR CB  CG2  sing N N 356 
THR CB  HB   sing N N 357 
THR OG1 HG1  sing N N 358 
THR CG2 HG21 sing N N 359 
THR CG2 HG22 sing N N 360 
THR CG2 HG23 sing N N 361 
THR OXT HXT  sing N N 362 
TRP N   CA   sing N N 363 
TRP N   H    sing N N 364 
TRP N   H2   sing N N 365 
TRP CA  C    sing N N 366 
TRP CA  CB   sing N N 367 
TRP CA  HA   sing N N 368 
TRP C   O    doub N N 369 
TRP C   OXT  sing N N 370 
TRP CB  CG   sing N N 371 
TRP CB  HB2  sing N N 372 
TRP CB  HB3  sing N N 373 
TRP CG  CD1  doub Y N 374 
TRP CG  CD2  sing Y N 375 
TRP CD1 NE1  sing Y N 376 
TRP CD1 HD1  sing N N 377 
TRP CD2 CE2  doub Y N 378 
TRP CD2 CE3  sing Y N 379 
TRP NE1 CE2  sing Y N 380 
TRP NE1 HE1  sing N N 381 
TRP CE2 CZ2  sing Y N 382 
TRP CE3 CZ3  doub Y N 383 
TRP CE3 HE3  sing N N 384 
TRP CZ2 CH2  doub Y N 385 
TRP CZ2 HZ2  sing N N 386 
TRP CZ3 CH2  sing Y N 387 
TRP CZ3 HZ3  sing N N 388 
TRP CH2 HH2  sing N N 389 
TRP OXT HXT  sing N N 390 
TYR N   CA   sing N N 391 
TYR N   H    sing N N 392 
TYR N   H2   sing N N 393 
TYR CA  C    sing N N 394 
TYR CA  CB   sing N N 395 
TYR CA  HA   sing N N 396 
TYR C   O    doub N N 397 
TYR C   OXT  sing N N 398 
TYR CB  CG   sing N N 399 
TYR CB  HB2  sing N N 400 
TYR CB  HB3  sing N N 401 
TYR CG  CD1  doub Y N 402 
TYR CG  CD2  sing Y N 403 
TYR CD1 CE1  sing Y N 404 
TYR CD1 HD1  sing N N 405 
TYR CD2 CE2  doub Y N 406 
TYR CD2 HD2  sing N N 407 
TYR CE1 CZ   doub Y N 408 
TYR CE1 HE1  sing N N 409 
TYR CE2 CZ   sing Y N 410 
TYR CE2 HE2  sing N N 411 
TYR CZ  OH   sing N N 412 
TYR OH  HH   sing N N 413 
TYR OXT HXT  sing N N 414 
VAL N   CA   sing N N 415 
VAL N   H    sing N N 416 
VAL N   H2   sing N N 417 
VAL CA  C    sing N N 418 
VAL CA  CB   sing N N 419 
VAL CA  HA   sing N N 420 
VAL C   O    doub N N 421 
VAL C   OXT  sing N N 422 
VAL CB  CG1  sing N N 423 
VAL CB  CG2  sing N N 424 
VAL CB  HB   sing N N 425 
VAL CG1 HG11 sing N N 426 
VAL CG1 HG12 sing N N 427 
VAL CG1 HG13 sing N N 428 
VAL CG2 HG21 sing N N 429 
VAL CG2 HG22 sing N N 430 
VAL CG2 HG23 sing N N 431 
VAL OXT HXT  sing N N 432 
# 
_pdbx_initial_refinement_model.id               1 
_pdbx_initial_refinement_model.entity_id_list   ? 
_pdbx_initial_refinement_model.type             'experimental model' 
_pdbx_initial_refinement_model.source_name      PDB 
_pdbx_initial_refinement_model.accession_code   1FB2 
_pdbx_initial_refinement_model.details          ? 
# 
_atom_sites.entry_id                    4QMC 
_atom_sites.fract_transf_matrix[1][1]   0.00042120 
_atom_sites.fract_transf_matrix[1][2]   0.01178417 
_atom_sites.fract_transf_matrix[1][3]   -0.01528020 
_atom_sites.fract_transf_matrix[2][1]   -0.00698923 
_atom_sites.fract_transf_matrix[2][2]   0.01433922 
_atom_sites.fract_transf_matrix[2][3]   0.01086582 
_atom_sites.fract_transf_matrix[3][1]   0.01934949 
_atom_sites.fract_transf_matrix[3][2]   0.00569754 
_atom_sites.fract_transf_matrix[3][3]   0.00492735 
_atom_sites.fract_transf_vector[1]      0.031689 
_atom_sites.fract_transf_vector[2]      -0.338767 
_atom_sites.fract_transf_vector[3]      -0.007567 
# 
loop_
_atom_type.symbol 
C 
N 
O 
S 
# 
loop_
_atom_site.group_PDB 
_atom_site.id 
_atom_site.type_symbol 
_atom_site.label_atom_id 
_atom_site.label_alt_id 
_atom_site.label_comp_id 
_atom_site.label_asym_id 
_atom_site.label_entity_id 
_atom_site.label_seq_id 
_atom_site.pdbx_PDB_ins_code 
_atom_site.Cartn_x 
_atom_site.Cartn_y 
_atom_site.Cartn_z 
_atom_site.occupancy 
_atom_site.B_iso_or_equiv 
_atom_site.pdbx_formal_charge 
_atom_site.auth_seq_id 
_atom_site.auth_comp_id 
_atom_site.auth_asym_id 
_atom_site.auth_atom_id 
_atom_site.pdbx_PDB_model_num 
ATOM   1    N N   . SER A 1 1   ? -4.930  8.646   -5.614  1.00 13.67 ? 1   SER A N   1 
ATOM   2    C CA  . SER A 1 1   ? -5.796  7.749   -6.336  1.00 14.11 ? 1   SER A CA  1 
ATOM   3    C C   . SER A 1 1   ? -5.001  6.533   -6.744  1.00 14.83 ? 1   SER A C   1 
ATOM   4    O O   . SER A 1 1   ? -3.707  6.570   -6.666  1.00 14.99 ? 1   SER A O   1 
ATOM   5    C CB  . SER A 1 1   ? -6.344  8.429   -7.600  1.00 15.03 ? 1   SER A CB  1 
ATOM   6    O OG  . SER A 1 1   ? -5.299  8.608   -8.549  1.00 17.27 ? 1   SER A OG  1 
ATOM   7    N N   . LEU A 1 2   ? -5.660  5.508   -7.221  1.00 16.50 ? 2   LEU A N   1 
ATOM   8    C CA  . LEU A 1 2   ? -4.988  4.295   -7.616  1.00 21.62 ? 2   LEU A CA  1 
ATOM   9    C C   . LEU A 1 2   ? -3.875  4.636   -8.606  1.00 21.51 ? 2   LEU A C   1 
ATOM   10   O O   . LEU A 1 2   ? -2.889  3.954   -8.578  1.00 21.20 ? 2   LEU A O   1 
ATOM   11   C CB  . LEU A 1 2   ? -5.956  3.348   -8.282  1.00 27.66 ? 2   LEU A CB  1 
ATOM   12   C CG  . LEU A 1 2   ? -7.146  2.923   -7.495  1.00 31.38 ? 2   LEU A CG  1 
ATOM   13   C CD1 . LEU A 1 2   ? -8.191  2.214   -8.326  1.00 35.51 ? 2   LEU A CD1 1 
ATOM   14   C CD2 . LEU A 1 2   ? -6.698  2.009   -6.407  1.00 36.25 ? 2   LEU A CD2 1 
ATOM   15   N N   . LEU A 1 3   ? -4.054  5.682   -9.433  1.00 23.74 ? 3   LEU A N   1 
ATOM   16   C CA  . LEU A 1 3   ? -3.046  6.207   -10.357 1.00 28.83 ? 3   LEU A CA  1 
ATOM   17   C C   . LEU A 1 3   ? -1.727  6.726   -9.791  1.00 25.51 ? 3   LEU A C   1 
ATOM   18   O O   . LEU A 1 3   ? -0.671  6.276   -10.237 1.00 23.55 ? 3   LEU A O   1 
ATOM   19   C CB  . LEU A 1 3   ? -3.659  7.369   -11.130 1.00 32.15 ? 3   LEU A CB  1 
ATOM   20   C CG  . LEU A 1 3   ? -2.827  8.007   -12.162 1.00 36.46 ? 3   LEU A CG  1 
ATOM   21   C CD1 . LEU A 1 3   ? -2.630  6.968   -13.262 1.00 32.99 ? 3   LEU A CD1 1 
ATOM   22   C CD2 . LEU A 1 3   ? -3.507  9.222   -12.730 1.00 35.14 ? 3   LEU A CD2 1 
ATOM   23   N N   . GLU A 1 4   ? -1.747  7.602   -8.793  1.00 19.35 ? 4   GLU A N   1 
ATOM   24   C CA  . GLU A 1 4   ? -0.573  8.097   -8.171  1.00 20.65 ? 4   GLU A CA  1 
ATOM   25   C C   . GLU A 1 4   ? -0.003  6.836   -7.520  1.00 19.96 ? 4   GLU A C   1 
ATOM   26   O O   . GLU A 1 4   ? 1.134   6.606   -7.680  1.00 20.73 ? 4   GLU A O   1 
ATOM   27   C CB  . GLU A 1 4   ? -0.896  9.206   -7.172  1.00 18.49 ? 4   GLU A CB  1 
ATOM   28   C CG  . GLU A 1 4   ? -1.259  10.592  -7.720  1.00 22.19 ? 4   GLU A CG  1 
ATOM   29   C CD  . GLU A 1 4   ? -2.669  10.645  -8.245  1.00 19.97 ? 4   GLU A CD  1 
ATOM   30   O OE1 . GLU A 1 4   ? -3.484  10.202  -7.489  1.00 25.29 ? 4   GLU A OE1 1 
ATOM   31   O OE2 . GLU A 1 4   ? -2.923  11.091  -9.377  1.00 26.24 ? 4   GLU A OE2 1 
ATOM   32   N N   . PHE A 1 5   ? -0.831  5.983   -6.935  1.00 17.15 ? 5   PHE A N   1 
ATOM   33   C CA  . PHE A 1 5   ? -0.276  4.930   -5.967  1.00 13.91 ? 5   PHE A CA  1 
ATOM   34   C C   . PHE A 1 5   ? 0.513   3.936   -6.822  1.00 13.49 ? 5   PHE A C   1 
ATOM   35   O O   . PHE A 1 5   ? 1.680   3.555   -6.442  1.00 13.25 ? 5   PHE A O   1 
ATOM   36   C CB  . PHE A 1 5   ? -1.303  4.337   -5.048  1.00 13.71 ? 5   PHE A CB  1 
ATOM   37   C CG  . PHE A 1 5   ? -0.764  3.439   -3.999  1.00 12.24 ? 5   PHE A CG  1 
ATOM   38   C CD1 . PHE A 1 5   ? 0.460   3.620   -3.331  1.00 10.90 ? 5   PHE A CD1 1 
ATOM   39   C CD2 . PHE A 1 5   ? -1.513  2.480   -3.667  1.00 12.59 ? 5   PHE A CD2 1 
ATOM   40   C CE1 . PHE A 1 5   ? 0.803   2.768   -2.359  1.00 11.78 ? 5   PHE A CE1 1 
ATOM   41   C CE2 . PHE A 1 5   ? -1.196  1.557   -2.679  1.00 13.30 ? 5   PHE A CE2 1 
ATOM   42   C CZ  . PHE A 1 5   ? 0.030   1.748   -1.965  1.00 12.87 ? 5   PHE A CZ  1 
ATOM   43   N N   . GLY A 1 6   ? -0.156  3.450   -7.861  1.00 14.51 ? 6   GLY A N   1 
ATOM   44   C CA  . GLY A 1 6   ? 0.510   2.431   -8.690  1.00 16.17 ? 6   GLY A CA  1 
ATOM   45   C C   . GLY A 1 6   ? 1.785   2.972   -9.319  1.00 16.16 ? 6   GLY A C   1 
ATOM   46   O O   . GLY A 1 6   ? 2.845   2.231   -9.394  1.00 15.06 ? 6   GLY A O   1 
ATOM   47   N N   . LYS A 1 7   ? 1.843   4.190   -9.698  1.00 17.56 ? 7   LYS A N   1 
ATOM   48   C CA  . LYS A 1 7   ? 3.055   4.657   -10.316 1.00 20.85 ? 7   LYS A CA  1 
ATOM   49   C C   . LYS A 1 7   ? 4.131   4.901   -9.217  1.00 18.80 ? 7   LYS A C   1 
ATOM   50   O O   . LYS A 1 7   ? 5.351   4.641   -9.425  1.00 17.29 ? 7   LYS A O   1 
ATOM   51   C CB  . LYS A 1 7   ? 2.625   5.819   -11.226 1.00 27.94 ? 7   LYS A CB  1 
ATOM   52   C CG  . LYS A 1 7   ? 3.782   6.530   -11.889 1.00 34.31 ? 7   LYS A CG  1 
ATOM   53   C CD  . LYS A 1 7   ? 3.256   7.557   -12.881 1.00 39.52 ? 7   LYS A CD  1 
ATOM   54   C CE  . LYS A 1 7   ? 4.203   8.736   -12.881 1.00 45.57 ? 7   LYS A CE  1 
ATOM   55   N NZ  . LYS A 1 7   ? 4.401   9.335   -11.515 1.00 46.27 ? 7   LYS A NZ  1 
ATOM   56   N N   . MET A 1 8   ? 3.727   5.307   -8.035  1.00 15.93 ? 8   MET A N   1 
ATOM   57   C CA  . MET A 1 8   ? 4.604   5.429   -6.992  1.00 13.05 ? 8   MET A CA  1 
ATOM   58   C C   . MET A 1 8   ? 5.246   4.048   -6.528  1.00 11.47 ? 8   MET A C   1 
ATOM   59   O O   . MET A 1 8   ? 6.520   3.987   -6.299  1.00 13.60 ? 8   MET A O   1 
ATOM   60   C CB  . MET A 1 8   ? 3.793   6.014   -5.833  1.00 13.55 ? 8   MET A CB  1 
ATOM   61   C CG  . MET A 1 8   ? 4.678   6.339   -4.689  1.00 15.03 ? 8   MET A CG  1 
ATOM   62   S SD  . MET A 1 8   ? 3.644   6.968   -3.204  1.00 13.44 ? 8   MET A SD  1 
ATOM   63   C CE  . MET A 1 8   ? 3.098   8.536   -3.638  1.00 17.32 ? 8   MET A CE  1 
ATOM   64   N N   . ILE A 1 9   ? 4.472   3.066   -6.530  1.00 11.51 ? 9   ILE A N   1 
ATOM   65   C CA  . ILE A 1 9   ? 5.007   1.774   -6.236  1.00 12.33 ? 9   ILE A CA  1 
ATOM   66   C C   . ILE A 1 9   ? 5.983   1.280   -7.317  1.00 11.36 ? 9   ILE A C   1 
ATOM   67   O O   . ILE A 1 9   ? 7.064   0.724   -6.985  1.00 12.24 ? 9   ILE A O   1 
ATOM   68   C CB  . ILE A 1 9   ? 3.844   0.761   -6.190  1.00 11.10 ? 9   ILE A CB  1 
ATOM   69   C CG1 . ILE A 1 9   ? 2.913   0.971   -4.932  1.00 12.22 ? 9   ILE A CG1 1 
ATOM   70   C CG2 . ILE A 1 9   ? 4.290   -0.737  -6.207  1.00 12.91 ? 9   ILE A CG2 1 
ATOM   71   C CD1 . ILE A 1 9   ? 1.572   0.319   -4.986  1.00 12.64 ? 9   ILE A CD1 1 
ATOM   72   N N   . LEU A 1 10  ? 5.683   1.528   -8.575  1.00 11.68 ? 10  LEU A N   1 
ATOM   73   C CA  . LEU A 1 10  ? 6.602   1.110   -9.651  1.00 12.69 ? 10  LEU A CA  1 
ATOM   74   C C   . LEU A 1 10  ? 7.829   1.895   -9.576  1.00 13.79 ? 10  LEU A C   1 
ATOM   75   O O   . LEU A 1 10  ? 8.961   1.322   -9.704  1.00 14.43 ? 10  LEU A O   1 
ATOM   76   C CB  . LEU A 1 10  ? 5.882   1.245   -10.979 1.00 14.72 ? 10  LEU A CB  1 
ATOM   77   C CG  . LEU A 1 10  ? 6.775   1.005   -12.224 1.00 15.30 ? 10  LEU A CG  1 
ATOM   78   C CD1 . LEU A 1 10  ? 7.290   -0.422  -12.261 1.00 18.69 ? 10  LEU A CD1 1 
ATOM   79   C CD2 . LEU A 1 10  ? 5.954   1.399   -13.499 1.00 17.59 ? 10  LEU A CD2 1 
ATOM   80   N N   . GLU A 1 11  ? 7.835   3.180   -9.374  1.00 14.69 ? 11  GLU A N   1 
ATOM   81   C CA  . GLU A 1 11  ? 9.030   3.985   -9.170  1.00 14.83 ? 11  GLU A CA  1 
ATOM   82   C C   . GLU A 1 11  ? 9.871   3.522   -8.039  1.00 14.81 ? 11  GLU A C   1 
ATOM   83   O O   . GLU A 1 11  ? 11.098  3.527   -8.116  1.00 14.43 ? 11  GLU A O   1 
ATOM   84   C CB  . GLU A 1 11  ? 8.735   5.477   -8.806  1.00 18.62 ? 11  GLU A CB  1 
ATOM   85   C CG  . GLU A 1 11  ? 8.278   6.327   -9.948  1.00 18.21 ? 11  GLU A CG  1 
ATOM   86   C CD  . GLU A 1 11  ? 7.792   7.721   -9.508  1.00 21.70 ? 11  GLU A CD  1 
ATOM   87   O OE1 . GLU A 1 11  ? 7.439   7.994   -8.271  1.00 19.47 ? 11  GLU A OE1 1 
ATOM   88   O OE2 . GLU A 1 11  ? 7.736   8.504   -10.475 1.00 24.18 ? 11  GLU A OE2 1 
ATOM   89   N N   . GLU A 1 12  ? 9.246   3.162   -6.935  1.00 13.32 ? 12  GLU A N   1 
ATOM   90   C CA  . GLU A 1 12  ? 10.014  2.811   -5.772  1.00 13.83 ? 12  GLU A CA  1 
ATOM   91   C C   . GLU A 1 12  ? 10.660  1.444   -5.975  1.00 12.76 ? 12  GLU A C   1 
ATOM   92   O O   . GLU A 1 12  ? 11.816  1.268   -5.561  1.00 14.67 ? 12  GLU A O   1 
ATOM   93   C CB  . GLU A 1 12  ? 9.125   2.725   -4.520  1.00 14.97 ? 12  GLU A CB  1 
ATOM   94   C CG  . GLU A 1 12  ? 8.872   4.027   -3.827  1.00 17.26 ? 12  GLU A CG  1 
ATOM   95   C CD  . GLU A 1 12  ? 10.144  4.674   -3.356  1.00 12.49 ? 12  GLU A CD  1 
ATOM   96   O OE1 . GLU A 1 12  ? 10.806  3.972   -2.375  1.00 19.03 ? 12  GLU A OE1 1 
ATOM   97   O OE2 . GLU A 1 12  ? 10.384  5.639   -3.821  1.00 17.20 ? 12  GLU A OE2 1 
ATOM   98   N N   . THR A 1 13  ? 9.884   0.489   -6.411  1.00 12.55 ? 13  THR A N   1 
ATOM   99   C CA  . THR A 1 13  ? 10.220  -0.935  -6.346  1.00 14.02 ? 13  THR A CA  1 
ATOM   100  C C   . THR A 1 13  ? 10.593  -1.586  -7.650  1.00 14.56 ? 13  THR A C   1 
ATOM   101  O O   . THR A 1 13  ? 11.239  -2.652  -7.615  1.00 16.65 ? 13  THR A O   1 
ATOM   102  C CB  . THR A 1 13  ? 9.092   -1.786  -5.853  1.00 13.75 ? 13  THR A CB  1 
ATOM   103  O OG1 . THR A 1 13  ? 8.022   -1.865  -6.835  1.00 13.39 ? 13  THR A OG1 1 
ATOM   104  C CG2 . THR A 1 13  ? 8.569   -1.319  -4.471  1.00 13.54 ? 13  THR A CG2 1 
ATOM   105  N N   . GLY A 1 14  ? 10.298  -1.010  -8.774  1.00 14.18 ? 14  GLY A N   1 
ATOM   106  C CA  . GLY A 1 14  ? 10.532  -1.650  -10.087 1.00 16.79 ? 14  GLY A CA  1 
ATOM   107  C C   . GLY A 1 14  ? 9.529   -2.689  -10.347 1.00 16.93 ? 14  GLY A C   1 
ATOM   108  O O   . GLY A 1 14  ? 9.619   -3.345  -11.441 1.00 19.27 ? 14  GLY A O   1 
ATOM   109  N N   . LYS A 1 15  ? 8.468   -2.922  -9.542  1.00 15.71 ? 16  LYS A N   1 
ATOM   110  C CA  . LYS A 1 15  ? 7.438   -3.877  -9.735  1.00 17.48 ? 16  LYS A CA  1 
ATOM   111  C C   . LYS A 1 15  ? 6.143   -3.213  -10.092 1.00 16.87 ? 16  LYS A C   1 
ATOM   112  O O   . LYS A 1 15  ? 5.843   -2.093  -9.574  1.00 17.14 ? 16  LYS A O   1 
ATOM   113  C CB  . LYS A 1 15  ? 7.145   -4.745  -8.499  1.00 17.03 ? 16  LYS A CB  1 
ATOM   114  C CG  . LYS A 1 15  ? 8.279   -5.660  -8.064  1.00 17.26 ? 16  LYS A CG  1 
ATOM   115  C CD  . LYS A 1 15  ? 7.887   -6.548  -6.946  1.00 18.93 ? 16  LYS A CD  1 
ATOM   116  C CE  . LYS A 1 15  ? 8.960   -7.564  -6.476  1.00 20.90 ? 16  LYS A CE  1 
ATOM   117  N NZ  . LYS A 1 15  ? 8.976   -8.657  -7.512  1.00 24.53 ? 16  LYS A NZ  1 
ATOM   118  N N   . LEU A 1 16  ? 5.404   -3.788  -11.021 1.00 17.87 ? 17  LEU A N   1 
ATOM   119  C CA  . LEU A 1 16  ? 4.060   -3.336  -11.298 1.00 16.56 ? 17  LEU A CA  1 
ATOM   120  C C   . LEU A 1 16  ? 3.146   -3.591  -10.147 1.00 16.65 ? 17  LEU A C   1 
ATOM   121  O O   . LEU A 1 16  ? 3.093   -4.647  -9.617  1.00 18.30 ? 17  LEU A O   1 
ATOM   122  C CB  . LEU A 1 16  ? 3.550   -4.002  -12.586 1.00 17.81 ? 17  LEU A CB  1 
ATOM   123  C CG  . LEU A 1 16  ? 4.333   -3.764  -13.860 1.00 19.36 ? 17  LEU A CG  1 
ATOM   124  C CD1 . LEU A 1 16  ? 3.838   -4.800  -14.888 1.00 22.56 ? 17  LEU A CD1 1 
ATOM   125  C CD2 . LEU A 1 16  ? 4.208   -2.329  -14.322 1.00 21.30 ? 17  LEU A CD2 1 
ATOM   126  N N   . ALA A 1 17  ? 2.411   -2.529  -9.788  1.00 17.05 ? 18  ALA A N   1 
ATOM   127  C CA  . ALA A 1 17  ? 1.525   -2.608  -8.646  1.00 18.02 ? 18  ALA A CA  1 
ATOM   128  C C   . ALA A 1 17  ? 0.509   -3.665  -8.791  1.00 15.26 ? 18  ALA A C   1 
ATOM   129  O O   . ALA A 1 17  ? 0.236   -4.462  -7.922  1.00 16.79 ? 18  ALA A O   1 
ATOM   130  C CB  . ALA A 1 17  ? 0.879   -1.278  -8.318  1.00 16.97 ? 18  ALA A CB  1 
ATOM   131  N N   . ILE A 1 18  ? -0.141  -3.683  -9.994  1.00 17.06 ? 19  ILE A N   1 
ATOM   132  C CA  . ILE A 1 18  ? -0.914  -4.815  -10.467 1.00 21.33 ? 19  ILE A CA  1 
ATOM   133  C C   . ILE A 1 18  ? -0.018  -5.567  -11.522 1.00 21.36 ? 19  ILE A C   1 
ATOM   134  O O   . ILE A 1 18  ? 0.360   -4.989  -12.529 1.00 23.52 ? 19  ILE A O   1 
ATOM   135  C CB  . ILE A 1 18  ? -2.197  -4.332  -11.166 1.00 21.32 ? 19  ILE A CB  1 
ATOM   136  C CG1 . ILE A 1 18  ? -2.963  -3.302  -10.299 1.00 23.03 ? 19  ILE A CG1 1 
ATOM   137  C CG2 . ILE A 1 18  ? -3.124  -5.489  -11.498 1.00 25.83 ? 19  ILE A CG2 1 
ATOM   138  C CD1 . ILE A 1 18  ? -4.251  -2.759  -10.898 1.00 26.14 ? 19  ILE A CD1 1 
ATOM   139  N N   . PRO A 1 19  ? 0.340   -6.799  -11.225 1.00 22.42 ? 20  PRO A N   1 
ATOM   140  C CA  . PRO A 1 19  ? -0.162  -7.699  -10.256 1.00 21.86 ? 20  PRO A CA  1 
ATOM   141  C C   . PRO A 1 19  ? 0.709   -7.944  -9.028  1.00 21.60 ? 20  PRO A C   1 
ATOM   142  O O   . PRO A 1 19  ? 0.258   -8.751  -8.209  1.00 26.05 ? 20  PRO A O   1 
ATOM   143  C CB  . PRO A 1 19  ? -0.251  -9.019  -10.998 1.00 25.10 ? 20  PRO A CB  1 
ATOM   144  C CG  . PRO A 1 19  ? 0.984   -9.001  -11.822 1.00 24.84 ? 20  PRO A CG  1 
ATOM   145  C CD  . PRO A 1 19  ? 1.157   -7.552  -12.232 1.00 23.06 ? 20  PRO A CD  1 
ATOM   146  N N   . SER A 1 20  ? 1.863   -7.316  -8.876  1.00 17.32 ? 21  SER A N   1 
ATOM   147  C CA  . SER A 1 20  ? 2.780   -7.725  -7.776  1.00 16.76 ? 21  SER A CA  1 
ATOM   148  C C   . SER A 1 20  ? 2.281   -7.443  -6.391  1.00 16.64 ? 21  SER A C   1 
ATOM   149  O O   . SER A 1 20  ? 2.597   -8.150  -5.472  1.00 18.97 ? 21  SER A O   1 
ATOM   150  C CB  . SER A 1 20  ? 4.073   -6.966  -7.814  1.00 16.98 ? 21  SER A CB  1 
ATOM   151  O OG  . SER A 1 20  ? 4.765   -7.419  -8.946  1.00 22.76 ? 21  SER A OG  1 
ATOM   152  N N   . TYR A 1 21  ? 1.428   -6.457  -6.243  1.00 17.54 ? 22  TYR A N   1 
ATOM   153  C CA  . TYR A 1 21  ? 0.994   -6.044  -4.865  1.00 18.61 ? 22  TYR A CA  1 
ATOM   154  C C   . TYR A 1 21  ? -0.524  -5.991  -4.836  1.00 17.54 ? 22  TYR A C   1 
ATOM   155  O O   . TYR A 1 21  ? -1.229  -5.305  -4.002  1.00 21.16 ? 22  TYR A O   1 
ATOM   156  C CB  . TYR A 1 21  ? 1.524   -4.707  -4.523  1.00 17.55 ? 22  TYR A CB  1 
ATOM   157  C CG  . TYR A 1 21  ? 3.097   -4.687  -4.389  1.00 14.69 ? 22  TYR A CG  1 
ATOM   158  C CD1 . TYR A 1 21  ? 3.663   -5.219  -3.177  1.00 14.71 ? 22  TYR A CD1 1 
ATOM   159  C CD2 . TYR A 1 21  ? 3.938   -4.190  -5.297  1.00 15.01 ? 22  TYR A CD2 1 
ATOM   160  C CE1 . TYR A 1 21  ? 5.012   -5.224  -3.032  1.00 12.94 ? 22  TYR A CE1 1 
ATOM   161  C CE2 . TYR A 1 21  ? 5.283   -4.253  -5.123  1.00 14.69 ? 22  TYR A CE2 1 
ATOM   162  C CZ  . TYR A 1 21  ? 5.817   -4.723  -3.931  1.00 13.22 ? 22  TYR A CZ  1 
ATOM   163  O OH  . TYR A 1 21  ? 7.150   -4.750  -3.789  1.00 14.02 ? 22  TYR A OH  1 
ATOM   164  N N   . SER A 1 22  ? -1.207  -6.548  -5.822  1.00 18.99 ? 23  SER A N   1 
ATOM   165  C CA  . SER A 1 22  ? -2.670  -6.439  -5.790  1.00 18.85 ? 23  SER A CA  1 
ATOM   166  C C   . SER A 1 22  ? -3.458  -7.694  -5.371  1.00 21.08 ? 23  SER A C   1 
ATOM   167  O O   . SER A 1 22  ? -4.602  -7.618  -5.175  1.00 19.56 ? 23  SER A O   1 
ATOM   168  C CB  . SER A 1 22  ? -3.225  -5.841  -7.089  1.00 21.28 ? 23  SER A CB  1 
ATOM   169  O OG  . SER A 1 22  ? -2.821  -6.580  -8.202  1.00 26.90 ? 23  SER A OG  1 
ATOM   170  N N   . SER A 1 23  ? -2.825  -8.852  -5.286  1.00 21.95 ? 24  SER A N   1 
ATOM   171  C CA  . SER A 1 23  ? -3.410  -10.072 -4.685  1.00 22.66 ? 24  SER A CA  1 
ATOM   172  C C   . SER A 1 23  ? -2.476  -10.833 -3.762  1.00 22.13 ? 24  SER A C   1 
ATOM   173  O O   . SER A 1 23  ? -2.565  -12.063 -3.631  1.00 24.68 ? 24  SER A O   1 
ATOM   174  C CB  . SER A 1 23  ? -3.905  -11.039 -5.746  1.00 23.75 ? 24  SER A CB  1 
ATOM   175  O OG  . SER A 1 23  ? -2.854  -11.754 -6.279  1.00 26.75 ? 24  SER A OG  1 
ATOM   176  N N   . TYR A 1 24  ? -1.594  -10.098 -3.109  1.00 17.78 ? 25  TYR A N   1 
ATOM   177  C CA  . TYR A 1 24  ? -0.524  -10.687 -2.316  1.00 16.51 ? 25  TYR A CA  1 
ATOM   178  C C   . TYR A 1 24  ? -0.910  -10.857 -0.877  1.00 16.46 ? 25  TYR A C   1 
ATOM   179  O O   . TYR A 1 24  ? -1.356  -9.928  -0.237  1.00 17.63 ? 25  TYR A O   1 
ATOM   180  C CB  . TYR A 1 24  ? 0.724   -9.810  -2.447  1.00 15.60 ? 25  TYR A CB  1 
ATOM   181  C CG  . TYR A 1 24  ? 2.013   -10.299 -1.836  1.00 13.93 ? 25  TYR A CG  1 
ATOM   182  C CD1 . TYR A 1 24  ? 2.217   -10.266 -0.484  1.00 13.56 ? 25  TYR A CD1 1 
ATOM   183  C CD2 . TYR A 1 24  ? 3.044   -10.741 -2.641  1.00 15.73 ? 25  TYR A CD2 1 
ATOM   184  C CE1 . TYR A 1 24  ? 3.424   -10.663 0.061   1.00 12.82 ? 25  TYR A CE1 1 
ATOM   185  C CE2 . TYR A 1 24  ? 4.255   -11.139 -2.130  1.00 14.83 ? 25  TYR A CE2 1 
ATOM   186  C CZ  . TYR A 1 24  ? 4.447   -11.081 -0.786  1.00 13.01 ? 25  TYR A CZ  1 
ATOM   187  O OH  . TYR A 1 24  ? 5.626   -11.481 -0.279  1.00 13.97 ? 25  TYR A OH  1 
ATOM   188  N N   . GLY A 1 25  ? -0.713  -12.066 -0.352  1.00 14.67 ? 26  GLY A N   1 
ATOM   189  C CA  . GLY A 1 25  ? -0.967  -12.287 1.037   1.00 15.27 ? 26  GLY A CA  1 
ATOM   190  C C   . GLY A 1 25  ? -2.392  -12.013 1.435   1.00 14.31 ? 26  GLY A C   1 
ATOM   191  O O   . GLY A 1 25  ? -3.330  -12.196 0.563   1.00 15.86 ? 26  GLY A O   1 
ATOM   192  N N   . CYS A 1 26  ? -2.569  -11.681 2.678   1.00 15.30 ? 27  CYS A N   1 
ATOM   193  C CA  . CYS A 1 26  ? -3.897  -11.460 3.206   1.00 15.15 ? 27  CYS A CA  1 
ATOM   194  C C   . CYS A 1 26  ? -4.399  -10.025 3.019   1.00 14.66 ? 27  CYS A C   1 
ATOM   195  O O   . CYS A 1 26  ? -5.591  -9.798  3.019   1.00 15.71 ? 27  CYS A O   1 
ATOM   196  C CB  . CYS A 1 26  ? -3.905  -11.808 4.675   1.00 16.36 ? 27  CYS A CB  1 
ATOM   197  S SG  . CYS A 1 26  ? -3.612  -13.586 4.895   1.00 20.32 ? 27  CYS A SG  1 
ATOM   198  N N   . TYR A 1 27  ? -3.512  -9.031  2.773   1.00 13.77 ? 28  TYR A N   1 
ATOM   199  C CA  . TYR A 1 27  ? -3.882  -7.600  2.755   1.00 13.29 ? 28  TYR A CA  1 
ATOM   200  C C   . TYR A 1 27  ? -3.561  -6.860  1.566   1.00 14.46 ? 28  TYR A C   1 
ATOM   201  O O   . TYR A 1 27  ? -4.070  -5.734  1.426   1.00 16.84 ? 28  TYR A O   1 
ATOM   202  C CB  . TYR A 1 27  ? -3.268  -6.915  4.046   1.00 13.30 ? 28  TYR A CB  1 
ATOM   203  C CG  . TYR A 1 27  ? -3.944  -7.393  5.252   1.00 13.71 ? 28  TYR A CG  1 
ATOM   204  C CD1 . TYR A 1 27  ? -5.178  -6.867  5.646   1.00 17.17 ? 28  TYR A CD1 1 
ATOM   205  C CD2 . TYR A 1 27  ? -3.367  -8.457  6.017   1.00 15.07 ? 28  TYR A CD2 1 
ATOM   206  C CE1 . TYR A 1 27  ? -5.830  -7.394  6.778   1.00 16.43 ? 28  TYR A CE1 1 
ATOM   207  C CE2 . TYR A 1 27  ? -4.000  -8.922  7.130   1.00 16.55 ? 28  TYR A CE2 1 
ATOM   208  C CZ  . TYR A 1 27  ? -5.236  -8.432  7.506   1.00 16.85 ? 28  TYR A CZ  1 
ATOM   209  O OH  . TYR A 1 27  ? -5.919  -8.840  8.628   1.00 17.52 ? 28  TYR A OH  1 
ATOM   210  N N   . CYS A 1 28  ? -2.738  -7.346  0.689   1.00 13.96 ? 29  CYS A N   1 
ATOM   211  C CA  . CYS A 1 28  ? -2.423  -6.591  -0.475  1.00 14.93 ? 29  CYS A CA  1 
ATOM   212  C C   . CYS A 1 28  ? -3.412  -6.825  -1.620  1.00 18.73 ? 29  CYS A C   1 
ATOM   213  O O   . CYS A 1 28  ? -3.359  -7.871  -2.337  1.00 21.32 ? 29  CYS A O   1 
ATOM   214  C CB  . CYS A 1 28  ? -1.086  -6.845  -1.027  1.00 14.71 ? 29  CYS A CB  1 
ATOM   215  S SG  . CYS A 1 28  ? 0.266   -6.694  0.128   1.00 14.97 ? 29  CYS A SG  1 
ATOM   216  N N   . GLY A 1 29  ? -4.264  -5.847  -1.793  1.00 18.16 ? 30  GLY A N   1 
ATOM   217  C CA  . GLY A 1 29  ? -5.387  -6.061  -2.796  1.00 20.33 ? 30  GLY A CA  1 
ATOM   218  C C   . GLY A 1 29  ? -6.656  -6.150  -2.016  1.00 27.24 ? 30  GLY A C   1 
ATOM   219  O O   . GLY A 1 29  ? -6.664  -6.222  -0.787  1.00 27.88 ? 30  GLY A O   1 
ATOM   220  N N   . TRP A 1 30  ? -7.784  -6.120  -2.763  1.00 25.32 ? 31  TRP A N   1 
ATOM   221  C CA  . TRP A 1 30  ? -9.117  -6.109  -2.184  1.00 27.74 ? 31  TRP A CA  1 
ATOM   222  C C   . TRP A 1 30  ? -9.238  -7.078  -1.014  1.00 29.74 ? 31  TRP A C   1 
ATOM   223  O O   . TRP A 1 30  ? -8.871  -8.281  -1.104  1.00 31.78 ? 31  TRP A O   1 
ATOM   224  C CB  . TRP A 1 30  ? -10.120 -6.458  -3.309  1.00 29.65 ? 31  TRP A CB  1 
ATOM   225  C CG  . TRP A 1 30  ? -11.534 -6.519  -2.803  1.00 37.60 ? 31  TRP A CG  1 
ATOM   226  C CD1 . TRP A 1 30  ? -12.463 -5.478  -2.762  1.00 42.86 ? 31  TRP A CD1 1 
ATOM   227  C CD2 . TRP A 1 30  ? -12.208 -7.669  -2.193  1.00 39.51 ? 31  TRP A CD2 1 
ATOM   228  N NE1 . TRP A 1 30  ? -13.644 -5.911  -2.208  1.00 50.65 ? 31  TRP A NE1 1 
ATOM   229  C CE2 . TRP A 1 30  ? -13.553 -7.213  -1.835  1.00 48.07 ? 31  TRP A CE2 1 
ATOM   230  C CE3 . TRP A 1 30  ? -11.846 -8.972  -1.913  1.00 44.51 ? 31  TRP A CE3 1 
ATOM   231  C CZ2 . TRP A 1 30  ? -14.488 -8.062  -1.239  1.00 48.98 ? 31  TRP A CZ2 1 
ATOM   232  C CZ3 . TRP A 1 30  ? -12.791 -9.816  -1.301  1.00 48.34 ? 31  TRP A CZ3 1 
ATOM   233  C CH2 . TRP A 1 30  ? -14.080 -9.369  -0.979  1.00 47.68 ? 31  TRP A CH2 1 
ATOM   234  N N   . GLY A 1 31  ? -9.757  -6.592  0.107   1.00 28.34 ? 32  GLY A N   1 
ATOM   235  C CA  . GLY A 1 31  ? -10.073 -7.473  1.201   1.00 31.15 ? 32  GLY A CA  1 
ATOM   236  C C   . GLY A 1 31  ? -8.953  -7.488  2.249   1.00 29.79 ? 32  GLY A C   1 
ATOM   237  O O   . GLY A 1 31  ? -7.873  -6.900  2.102   1.00 26.67 ? 32  GLY A O   1 
ATOM   238  N N   . GLY A 1 32  ? -9.233  -8.165  3.341   1.00 35.20 ? 33  GLY A N   1 
ATOM   239  C CA  . GLY A 1 32  ? -8.235  -8.296  4.358   1.00 31.34 ? 33  GLY A CA  1 
ATOM   240  C C   . GLY A 1 32  ? -8.775  -8.843  5.634   1.00 30.61 ? 33  GLY A C   1 
ATOM   241  O O   . GLY A 1 32  ? -9.640  -8.162  6.267   1.00 32.92 ? 33  GLY A O   1 
ATOM   242  N N   . LYS A 1 33  ? -8.189  -9.988  6.032   1.00 24.46 ? 34  LYS A N   1 
ATOM   243  C CA  . LYS A 1 33  ? -8.397  -10.593 7.361   1.00 21.86 ? 34  LYS A CA  1 
ATOM   244  C C   . LYS A 1 33  ? -7.174  -11.365 7.693   1.00 16.89 ? 34  LYS A C   1 
ATOM   245  O O   . LYS A 1 33  ? -6.321  -11.642 6.942   1.00 17.22 ? 34  LYS A O   1 
ATOM   246  C CB  . LYS A 1 33  ? -9.627  -11.571 7.427   1.00 22.48 ? 34  LYS A CB  1 
ATOM   247  C CG  . LYS A 1 33  ? -9.392  -12.878 6.626   1.00 28.21 ? 34  LYS A CG  1 
ATOM   248  C CD  . LYS A 1 33  ? -10.576 -13.845 6.715   1.00 31.16 ? 34  LYS A CD  1 
ATOM   249  C CE  . LYS A 1 33  ? -10.324 -15.114 5.925   1.00 37.28 ? 34  LYS A CE  1 
ATOM   250  N NZ  . LYS A 1 33  ? -11.491 -16.046 6.036   1.00 36.29 ? 34  LYS A NZ  1 
ATOM   251  N N   . GLY A 1 34  ? -7.095  -11.771 8.969   1.00 16.92 ? 35  GLY A N   1 
ATOM   252  C CA  . GLY A 1 34  ? -6.086  -12.622 9.475   1.00 19.72 ? 35  GLY A CA  1 
ATOM   253  C C   . GLY A 1 34  ? -4.703  -11.998 9.774   1.00 16.57 ? 35  GLY A C   1 
ATOM   254  O O   . GLY A 1 34  ? -4.534  -10.769 9.716   1.00 18.24 ? 35  GLY A O   1 
ATOM   255  N N   . THR A 1 35  ? -3.712  -12.771 10.094  1.00 19.56 ? 36  THR A N   1 
ATOM   256  C CA  . THR A 1 35  ? -2.357  -12.283 10.410  1.00 20.43 ? 36  THR A CA  1 
ATOM   257  C C   . THR A 1 35  ? -1.642  -12.049 9.073   1.00 17.22 ? 36  THR A C   1 
ATOM   258  O O   . THR A 1 35  ? -1.613  -12.948 8.228   1.00 17.78 ? 36  THR A O   1 
ATOM   259  C CB  . THR A 1 35  ? -1.589  -13.338 11.231  1.00 25.62 ? 36  THR A CB  1 
ATOM   260  O OG1 . THR A 1 35  ? -2.247  -13.484 12.510  1.00 28.01 ? 36  THR A OG1 1 
ATOM   261  C CG2 . THR A 1 35  ? -0.123  -12.938 11.463  1.00 25.94 ? 36  THR A CG2 1 
ATOM   262  N N   . PRO A 1 36  ? -0.986  -10.880 8.853   1.00 15.49 ? 37  PRO A N   1 
ATOM   263  C CA  . PRO A 1 36  ? -0.218  -10.665 7.596   1.00 16.06 ? 37  PRO A CA  1 
ATOM   264  C C   . PRO A 1 36  ? 0.827   -11.743 7.458   1.00 15.09 ? 37  PRO A C   1 
ATOM   265  O O   . PRO A 1 36  ? 1.404   -12.178 8.461   1.00 16.54 ? 37  PRO A O   1 
ATOM   266  C CB  . PRO A 1 36  ? 0.431   -9.302  7.867   1.00 16.62 ? 37  PRO A CB  1 
ATOM   267  C CG  . PRO A 1 36  ? -0.519  -8.604  8.806   1.00 17.36 ? 37  PRO A CG  1 
ATOM   268  C CD  . PRO A 1 36  ? -1.018  -9.680  9.737   1.00 17.56 ? 37  PRO A CD  1 
ATOM   269  N N   . LYS A 1 37  ? 1.034   -12.253 6.266   1.00 13.67 ? 38  LYS A N   1 
ATOM   270  C CA  . LYS A 1 37  ? 1.960   -13.370 6.019   1.00 14.90 ? 38  LYS A CA  1 
ATOM   271  C C   . LYS A 1 37  ? 3.429   -13.086 6.155   1.00 13.88 ? 38  LYS A C   1 
ATOM   272  O O   . LYS A 1 37  ? 4.216   -13.963 6.464   1.00 16.16 ? 38  LYS A O   1 
ATOM   273  C CB  . LYS A 1 37  ? 1.697   -13.944 4.626   1.00 16.47 ? 38  LYS A CB  1 
ATOM   274  C CG  . LYS A 1 37  ? 0.278   -14.489 4.397   1.00 18.61 ? 38  LYS A CG  1 
ATOM   275  C CD  . LYS A 1 37  ? -0.263  -15.328 5.544   1.00 21.03 ? 38  LYS A CD  1 
ATOM   276  C CE  . LYS A 1 37  ? 0.600   -16.511 5.795   1.00 22.11 ? 38  LYS A CE  1 
ATOM   277  N NZ  . LYS A 1 37  ? -0.051  -17.591 6.588   1.00 27.55 ? 38  LYS A NZ  1 
ATOM   278  N N   . ASP A 1 38  ? 3.809   -11.859 5.840   1.00 13.48 ? 39  ASP A N   1 
ATOM   279  C CA  . ASP A 1 38  ? 5.197   -11.473 5.781   1.00 14.00 ? 39  ASP A CA  1 
ATOM   280  C C   . ASP A 1 38  ? 5.292   -9.964  5.865   1.00 12.22 ? 39  ASP A C   1 
ATOM   281  O O   . ASP A 1 38  ? 4.301   -9.289  6.018   1.00 11.84 ? 39  ASP A O   1 
ATOM   282  C CB  . ASP A 1 38  ? 5.925   -12.059 4.562   1.00 13.87 ? 39  ASP A CB  1 
ATOM   283  C CG  . ASP A 1 38  ? 5.536   -11.422 3.254   1.00 14.04 ? 39  ASP A CG  1 
ATOM   284  O OD1 . ASP A 1 38  ? 4.619   -10.604 3.241   1.00 13.25 ? 39  ASP A OD1 1 
ATOM   285  O OD2 . ASP A 1 38  ? 6.206   -11.755 2.259   1.00 14.31 ? 39  ASP A OD2 1 
ATOM   286  N N   . ALA A 1 39  ? 6.496   -9.439  5.780   1.00 12.13 ? 40  ALA A N   1 
ATOM   287  C CA  . ALA A 1 39  ? 6.666   -7.983  5.931   1.00 12.49 ? 40  ALA A CA  1 
ATOM   288  C C   . ALA A 1 39  ? 5.920   -7.189  4.860   1.00 10.51 ? 40  ALA A C   1 
ATOM   289  O O   . ALA A 1 39  ? 5.307   -6.215  5.146   1.00 11.31 ? 40  ALA A O   1 
ATOM   290  C CB  . ALA A 1 39  ? 8.149   -7.581  5.940   1.00 12.89 ? 40  ALA A CB  1 
ATOM   291  N N   . THR A 1 40  ? 5.991   -7.650  3.620   1.00 11.57 ? 41  THR A N   1 
ATOM   292  C CA  . THR A 1 40  ? 5.286   -6.964  2.541   1.00 11.08 ? 41  THR A CA  1 
ATOM   293  C C   . THR A 1 40  ? 3.774   -6.935  2.814   1.00 10.20 ? 41  THR A C   1 
ATOM   294  O O   . THR A 1 40  ? 3.133   -5.925  2.657   1.00 11.16 ? 41  THR A O   1 
ATOM   295  C CB  . THR A 1 40  ? 5.583   -7.654  1.190   1.00 11.48 ? 41  THR A CB  1 
ATOM   296  O OG1 . THR A 1 40  ? 6.929   -7.363  0.782   1.00 12.34 ? 41  THR A OG1 1 
ATOM   297  C CG2 . THR A 1 40  ? 4.631   -7.151  0.105   1.00 12.60 ? 41  THR A CG2 1 
ATOM   298  N N   . ASP A 1 41  ? 3.230   -8.055  3.262   1.00 10.47 ? 42  ASP A N   1 
ATOM   299  C CA  . ASP A 1 41  ? 1.817   -8.107  3.615   1.00 10.98 ? 42  ASP A CA  1 
ATOM   300  C C   . ASP A 1 41  ? 1.511   -7.144  4.745   1.00 10.29 ? 42  ASP A C   1 
ATOM   301  O O   . ASP A 1 41  ? 0.472   -6.531  4.786   1.00 11.41 ? 42  ASP A O   1 
ATOM   302  C CB  . ASP A 1 41  ? 1.444   -9.575  3.982   1.00 12.15 ? 42  ASP A CB  1 
ATOM   303  C CG  . ASP A 1 41  ? -0.027  -9.857  3.767   1.00 12.55 ? 42  ASP A CG  1 
ATOM   304  O OD1 . ASP A 1 41  ? -0.785  -9.100  3.171   1.00 12.96 ? 42  ASP A OD1 1 
ATOM   305  O OD2 . ASP A 1 41  ? -0.423  -10.963 4.275   1.00 12.94 ? 42  ASP A OD2 1 
ATOM   306  N N   . ARG A 1 42  ? 2.411   -7.065  5.755   1.00 10.75 ? 43  ARG A N   1 
ATOM   307  C CA  . ARG A 1 42  ? 2.209   -6.115  6.861   1.00 10.59 ? 43  ARG A CA  1 
ATOM   308  C C   . ARG A 1 42  ? 2.234   -4.685  6.275   1.00 10.14 ? 43  ARG A C   1 
ATOM   309  O O   . ARG A 1 42  ? 1.465   -3.832  6.802   1.00 10.90 ? 43  ARG A O   1 
ATOM   310  C CB  . ARG A 1 42  ? 3.203   -6.290  7.942   0.50 7.71  ? 43  ARG A CB  1 
ATOM   311  C CG  . ARG A 1 42  ? 2.748   -5.439  9.154   0.50 10.11 ? 43  ARG A CG  1 
ATOM   312  C CD  . ARG A 1 42  ? 3.574   -5.723  10.382  0.50 11.82 ? 43  ARG A CD  1 
ATOM   313  N NE  . ARG A 1 42  ? 3.177   -7.022  10.896  0.50 12.29 ? 43  ARG A NE  1 
ATOM   314  C CZ  . ARG A 1 42  ? 2.404   -7.279  11.887  0.50 13.43 ? 43  ARG A CZ  1 
ATOM   315  N NH1 . ARG A 1 42  ? 1.898   -6.340  12.646  0.50 14.35 ? 43  ARG A NH1 1 
ATOM   316  N NH2 . ARG A 1 42  ? 2.173   -8.580  12.134  0.50 14.35 ? 43  ARG A NH2 1 
ATOM   317  N N   . CYS A 1 43  ? 3.015   -4.364  5.300   1.00 9.81  ? 44  CYS A N   1 
ATOM   318  C CA  . CYS A 1 43  ? 2.930   -3.043  4.698   1.00 10.11 ? 44  CYS A CA  1 
ATOM   319  C C   . CYS A 1 43  ? 1.518   -2.773  4.275   1.00 9.79  ? 44  CYS A C   1 
ATOM   320  O O   . CYS A 1 43  ? 0.950   -1.648  4.429   1.00 10.18 ? 44  CYS A O   1 
ATOM   321  C CB  . CYS A 1 43  ? 3.866   -2.937  3.458   1.00 10.52 ? 44  CYS A CB  1 
ATOM   322  S SG  . CYS A 1 43  ? 5.599   -3.191  3.661   1.00 11.94 ? 44  CYS A SG  1 
ATOM   323  N N   . CYS A 1 44  ? 0.881   -3.780  3.600   1.00 10.23 ? 45  CYS A N   1 
ATOM   324  C CA  . CYS A 1 44  ? -0.493  -3.598  3.157   1.00 10.96 ? 45  CYS A CA  1 
ATOM   325  C C   . CYS A 1 44  ? -1.462  -3.493  4.295   1.00 10.18 ? 45  CYS A C   1 
ATOM   326  O O   . CYS A 1 44  ? -2.399  -2.692  4.195   1.00 10.99 ? 45  CYS A O   1 
ATOM   327  C CB  . CYS A 1 44  ? -0.867  -4.765  2.240   1.00 11.81 ? 45  CYS A CB  1 
ATOM   328  S SG  . CYS A 1 44  ? 0.113   -4.707  0.694   1.00 14.21 ? 45  CYS A SG  1 
ATOM   329  N N   . PHE A 1 45  ? -1.283  -4.260  5.326   1.00 10.36 ? 46  PHE A N   1 
ATOM   330  C CA  . PHE A 1 45  ? -2.148  -4.131  6.463   1.00 10.71 ? 46  PHE A CA  1 
ATOM   331  C C   . PHE A 1 45  ? -2.110  -2.697  7.039   1.00 9.25  ? 46  PHE A C   1 
ATOM   332  O O   . PHE A 1 45  ? -3.137  -2.105  7.347   1.00 10.06 ? 46  PHE A O   1 
ATOM   333  C CB  . PHE A 1 45  ? -1.683  -5.123  7.600   1.00 13.02 ? 46  PHE A CB  1 
ATOM   334  C CG  . PHE A 1 45  ? -2.493  -5.023  8.834   1.00 13.20 ? 46  PHE A CG  1 
ATOM   335  C CD1 . PHE A 1 45  ? -3.760  -5.671  8.877   1.00 18.73 ? 46  PHE A CD1 1 
ATOM   336  C CD2 . PHE A 1 45  ? -2.116  -4.256  9.937   1.00 14.60 ? 46  PHE A CD2 1 
ATOM   337  C CE1 . PHE A 1 45  ? -4.601  -5.500  9.970   1.00 19.06 ? 46  PHE A CE1 1 
ATOM   338  C CE2 . PHE A 1 45  ? -2.920  -4.167  11.024  1.00 15.71 ? 46  PHE A CE2 1 
ATOM   339  C CZ  . PHE A 1 45  ? -4.121  -4.809  11.065  1.00 17.51 ? 46  PHE A CZ  1 
ATOM   340  N N   . VAL A 1 46  ? -0.854  -2.200  7.257   1.00 8.98  ? 47  VAL A N   1 
ATOM   341  C CA  . VAL A 1 46  ? -0.702  -0.855  7.812   1.00 9.13  ? 47  VAL A CA  1 
ATOM   342  C C   . VAL A 1 46  ? -1.322  0.140   6.847   1.00 8.86  ? 47  VAL A C   1 
ATOM   343  O O   . VAL A 1 46  ? -1.962  1.100   7.312   1.00 9.69  ? 47  VAL A O   1 
ATOM   344  C CB  . VAL A 1 46  ? 0.754   -0.567  8.094   1.00 9.46  ? 47  VAL A CB  1 
ATOM   345  C CG1 . VAL A 1 46  ? 0.978   0.906   8.453   1.00 10.36 ? 47  VAL A CG1 1 
ATOM   346  C CG2 . VAL A 1 46  ? 1.294   -1.436  9.206   1.00 10.38 ? 47  VAL A CG2 1 
ATOM   347  N N   . HIS A 1 47  ? -1.134  -0.031  5.529   1.00 9.15  ? 48  HIS A N   1 
ATOM   348  C CA  . HIS A 1 47  ? -1.775  0.896   4.578   1.00 9.76  ? 48  HIS A CA  1 
ATOM   349  C C   . HIS A 1 47  ? -3.282  0.868   4.654   1.00 9.23  ? 48  HIS A C   1 
ATOM   350  O O   . HIS A 1 47  ? -3.924  1.905   4.623   1.00 9.32  ? 48  HIS A O   1 
ATOM   351  C CB  . HIS A 1 47  ? -1.298  0.464   3.181   1.00 10.18 ? 48  HIS A CB  1 
ATOM   352  C CG  . HIS A 1 47  ? -1.715  1.396   2.092   1.00 8.96  ? 48  HIS A CG  1 
ATOM   353  N ND1 . HIS A 1 47  ? -2.626  1.051   1.103   1.00 10.76 ? 48  HIS A ND1 1 
ATOM   354  C CD2 . HIS A 1 47  ? -1.307  2.611   1.785   1.00 9.35  ? 48  HIS A CD2 1 
ATOM   355  C CE1 . HIS A 1 47  ? -2.727  2.023   0.269   1.00 11.25 ? 48  HIS A CE1 1 
ATOM   356  N NE2 . HIS A 1 47  ? -1.981  3.023   0.657   1.00 9.94  ? 48  HIS A NE2 1 
ATOM   357  N N   . ASP A 1 48  ? -3.851  -0.302  4.836   1.00 9.27  ? 49  ASP A N   1 
ATOM   358  C CA  . ASP A 1 48  ? -5.287  -0.373  5.060   1.00 10.77 ? 49  ASP A CA  1 
ATOM   359  C C   . ASP A 1 48  ? -5.701  0.341   6.302   1.00 10.31 ? 49  ASP A C   1 
ATOM   360  O O   . ASP A 1 48  ? -6.711  1.075   6.341   1.00 11.45 ? 49  ASP A O   1 
ATOM   361  C CB  . ASP A 1 48  ? -5.748  -1.803  5.216   1.00 11.97 ? 49  ASP A CB  1 
ATOM   362  C CG  . ASP A 1 48  ? -5.804  -2.624  3.893   1.00 13.14 ? 49  ASP A CG  1 
ATOM   363  O OD1 . ASP A 1 48  ? -5.826  -2.091  2.839   1.00 15.60 ? 49  ASP A OD1 1 
ATOM   364  O OD2 . ASP A 1 48  ? -5.893  -3.875  4.098   1.00 17.43 ? 49  ASP A OD2 1 
ATOM   365  N N   . CYS A 1 49  ? -4.949  0.183   7.409   1.00 10.17 ? 50  CYS A N   1 
ATOM   366  C CA  . CYS A 1 49  ? -5.207  0.922   8.630   1.00 9.79  ? 50  CYS A CA  1 
ATOM   367  C C   . CYS A 1 49  ? -5.085  2.400   8.417   1.00 10.05 ? 50  CYS A C   1 
ATOM   368  O O   . CYS A 1 49  ? -5.865  3.196   8.989   1.00 11.28 ? 50  CYS A O   1 
ATOM   369  C CB  . CYS A 1 49  ? -4.294  0.484   9.766   1.00 10.82 ? 50  CYS A CB  1 
ATOM   370  S SG  . CYS A 1 49  ? -4.462  -1.242  10.240  1.00 12.53 ? 50  CYS A SG  1 
ATOM   371  N N   . CYS A 1 50  ? -4.132  2.827   7.630   1.00 9.55  ? 51  CYS A N   1 
ATOM   372  C CA  . CYS A 1 50  ? -3.875  4.237   7.335   1.00 10.11 ? 51  CYS A CA  1 
ATOM   373  C C   . CYS A 1 50  ? -5.064  4.835   6.606   1.00 9.87  ? 51  CYS A C   1 
ATOM   374  O O   . CYS A 1 50  ? -5.623  5.889   6.993   1.00 10.78 ? 51  CYS A O   1 
ATOM   375  C CB  . CYS A 1 50  ? -2.596  4.340   6.569   1.00 9.43  ? 51  CYS A CB  1 
ATOM   376  S SG  . CYS A 1 50  ? -1.866  6.024   6.519   1.00 9.97  ? 51  CYS A SG  1 
ATOM   377  N N   . TYR A 1 51  ? -5.565  4.157   5.606   1.00 9.87  ? 52  TYR A N   1 
ATOM   378  C CA  . TYR A 1 51  ? -6.800  4.548   4.947   1.00 10.22 ? 52  TYR A CA  1 
ATOM   379  C C   . TYR A 1 51  ? -7.965  4.525   5.877   1.00 11.20 ? 52  TYR A C   1 
ATOM   380  O O   . TYR A 1 51  ? -8.897  5.348   5.810   1.00 12.78 ? 52  TYR A O   1 
ATOM   381  C CB  . TYR A 1 51  ? -7.136  3.683   3.746   1.00 10.84 ? 52  TYR A CB  1 
ATOM   382  C CG  . TYR A 1 51  ? -6.281  3.912   2.486   1.00 9.55  ? 52  TYR A CG  1 
ATOM   383  C CD1 . TYR A 1 51  ? -5.339  4.877   2.379   1.00 10.18 ? 52  TYR A CD1 1 
ATOM   384  C CD2 . TYR A 1 51  ? -6.566  3.143   1.396   1.00 10.67 ? 52  TYR A CD2 1 
ATOM   385  C CE1 . TYR A 1 51  ? -4.652  5.096   1.188   1.00 10.33 ? 52  TYR A CE1 1 
ATOM   386  C CE2 . TYR A 1 51  ? -5.904  3.350   0.194   1.00 11.47 ? 52  TYR A CE2 1 
ATOM   387  C CZ  . TYR A 1 51  ? -4.991  4.304   0.080   1.00 9.91  ? 52  TYR A CZ  1 
ATOM   388  O OH  . TYR A 1 51  ? -4.374  4.506   -1.142  1.00 10.76 ? 52  TYR A OH  1 
ATOM   389  N N   . GLY A 1 52  ? -8.003  3.593   6.793   1.00 12.07 ? 53  GLY A N   1 
ATOM   390  C CA  . GLY A 1 52  ? -9.069  3.517   7.803   1.00 15.53 ? 53  GLY A CA  1 
ATOM   391  C C   . GLY A 1 52  ? -8.941  4.676   8.813   1.00 12.58 ? 53  GLY A C   1 
ATOM   392  O O   . GLY A 1 52  ? -10.101 4.980   9.445   1.00 18.42 ? 53  GLY A O   1 
ATOM   393  N N   . ASN A 1 53  ? -7.866  5.342   8.946   1.00 15.26 ? 54  ASN A N   1 
ATOM   394  C CA  . ASN A 1 53  ? -7.830  6.482   9.798   1.00 16.82 ? 54  ASN A CA  1 
ATOM   395  C C   . ASN A 1 53  ? -8.651  7.636   9.100   1.00 16.01 ? 54  ASN A C   1 
ATOM   396  O O   . ASN A 1 53  ? -8.853  8.631   9.728   1.00 17.28 ? 54  ASN A O   1 
ATOM   397  C CB  . ASN A 1 53  ? -6.363  6.933   10.028  1.00 20.12 ? 54  ASN A CB  1 
ATOM   398  C CG  . ASN A 1 53  ? -5.437  5.900   10.769  1.00 21.22 ? 54  ASN A CG  1 
ATOM   399  O OD1 . ASN A 1 53  ? -5.863  5.245   11.690  1.00 23.20 ? 54  ASN A OD1 1 
ATOM   400  N ND2 . ASN A 1 53  ? -4.119  5.816   10.369  1.00 16.78 ? 54  ASN A ND2 1 
ATOM   401  N N   . LEU A 1 54  ? -9.058  7.441   7.825   1.00 14.46 ? 55  LEU A N   1 
ATOM   402  C CA  . LEU A 1 54  ? -9.637  8.471   6.900   1.00 13.86 ? 55  LEU A CA  1 
ATOM   403  C C   . LEU A 1 54  ? -10.993 8.114   6.297   1.00 13.96 ? 55  LEU A C   1 
ATOM   404  O O   . LEU A 1 54  ? -11.231 8.019   5.150   1.00 13.86 ? 55  LEU A O   1 
ATOM   405  C CB  . LEU A 1 54  ? -8.655  8.820   5.748   1.00 13.10 ? 55  LEU A CB  1 
ATOM   406  C CG  . LEU A 1 54  ? -7.172  8.929   6.064   1.00 12.88 ? 55  LEU A CG  1 
ATOM   407  C CD1 . LEU A 1 54  ? -6.366  9.008   4.788   1.00 14.76 ? 55  LEU A CD1 1 
ATOM   408  C CD2 . LEU A 1 54  ? -6.959  10.138  6.946   1.00 18.83 ? 55  LEU A CD2 1 
ATOM   409  N N   . PRO A 1 55  ? -11.949 7.927   7.292   1.00 16.90 ? 56  PRO A N   1 
ATOM   410  C CA  . PRO A 1 55  ? -13.244 7.382   6.829   1.00 19.05 ? 56  PRO A CA  1 
ATOM   411  C C   . PRO A 1 55  ? -14.005 8.288   5.854   1.00 15.29 ? 56  PRO A C   1 
ATOM   412  O O   . PRO A 1 55  ? -14.840 7.826   5.144   1.00 17.91 ? 56  PRO A O   1 
ATOM   413  C CB  . PRO A 1 55  ? -14.030 7.181   8.132   1.00 19.64 ? 56  PRO A CB  1 
ATOM   414  C CG  . PRO A 1 55  ? -13.462 8.155   9.069   1.00 21.21 ? 56  PRO A CG  1 
ATOM   415  C CD  . PRO A 1 55  ? -12.025 8.036   8.839   1.00 17.94 ? 56  PRO A CD  1 
ATOM   416  N N   . ASP A 1 56  ? -13.725 9.586   5.906   1.00 15.30 ? 59  ASP A N   1 
ATOM   417  C CA  . ASP A 1 56  ? -14.387 10.513  4.978   1.00 13.32 ? 59  ASP A CA  1 
ATOM   418  C C   . ASP A 1 56  ? -13.503 11.004  3.813   1.00 11.15 ? 59  ASP A C   1 
ATOM   419  O O   . ASP A 1 56  ? -13.719 12.022  3.258   1.00 13.76 ? 59  ASP A O   1 
ATOM   420  C CB  . ASP A 1 56  ? -14.991 11.692  5.736   1.00 17.26 ? 59  ASP A CB  1 
ATOM   421  C CG  . ASP A 1 56  ? -15.953 11.214  6.832   1.00 22.75 ? 59  ASP A CG  1 
ATOM   422  O OD1 . ASP A 1 56  ? -16.703 10.327  6.500   1.00 21.11 ? 59  ASP A OD1 1 
ATOM   423  O OD2 . ASP A 1 56  ? -15.909 11.713  7.963   1.00 27.89 ? 59  ASP A OD2 1 
ATOM   424  N N   . CYS A 1 57  ? -12.459 10.211  3.505   1.00 9.67  ? 61  CYS A N   1 
ATOM   425  C CA  . CYS A 1 57  ? -11.671 10.357  2.374   1.00 9.97  ? 61  CYS A CA  1 
ATOM   426  C C   . CYS A 1 57  ? -11.881 9.225   1.346   1.00 10.00 ? 61  CYS A C   1 
ATOM   427  O O   . CYS A 1 57  ? -12.427 8.190   1.747   1.00 11.92 ? 61  CYS A O   1 
ATOM   428  C CB  . CYS A 1 57  ? -10.158 10.481  2.702   1.00 10.23 ? 61  CYS A CB  1 
ATOM   429  S SG  . CYS A 1 57  ? -9.813  11.841  3.888   1.00 10.48 ? 61  CYS A SG  1 
ATOM   430  N N   . ASN A 1 58  ? -11.461 9.410   0.152   1.00 10.17 ? 67  ASN A N   1 
ATOM   431  C CA  . ASN A 1 58  ? -11.757 8.490   -0.938  1.00 9.80  ? 67  ASN A CA  1 
ATOM   432  C C   . ASN A 1 58  ? -10.488 8.179   -1.766  1.00 10.06 ? 67  ASN A C   1 
ATOM   433  O O   . ASN A 1 58  ? -10.237 8.720   -2.772  1.00 11.82 ? 67  ASN A O   1 
ATOM   434  C CB  . ASN A 1 58  ? -12.838 9.040   -1.852  1.00 11.97 ? 67  ASN A CB  1 
ATOM   435  C CG  . ASN A 1 58  ? -14.120 9.199   -1.110  1.00 12.91 ? 67  ASN A CG  1 
ATOM   436  O OD1 . ASN A 1 58  ? -14.459 10.289  -0.543  1.00 14.04 ? 67  ASN A OD1 1 
ATOM   437  N ND2 . ASN A 1 58  ? -14.787 8.175   -0.983  1.00 13.25 ? 67  ASN A ND2 1 
ATOM   438  N N   . PRO A 1 59  ? -9.610  7.372   -1.135  1.00 10.81 ? 68  PRO A N   1 
ATOM   439  C CA  . PRO A 1 59  ? -8.283  7.197   -1.722  1.00 11.92 ? 68  PRO A CA  1 
ATOM   440  C C   . PRO A 1 59  ? -8.221  6.566   -3.049  1.00 13.57 ? 68  PRO A C   1 
ATOM   441  O O   . PRO A 1 59  ? -7.191  6.705   -3.734  1.00 15.26 ? 68  PRO A O   1 
ATOM   442  C CB  . PRO A 1 59  ? -7.530  6.347   -0.690  1.00 15.50 ? 68  PRO A CB  1 
ATOM   443  C CG  . PRO A 1 59  ? -8.501  5.889   0.253   1.00 15.99 ? 68  PRO A CG  1 
ATOM   444  C CD  . PRO A 1 59  ? -9.744  6.704   0.148   1.00 12.19 ? 68  PRO A CD  1 
ATOM   445  N N   . LYS A 1 60  ? -9.192  5.810   -3.466  1.00 13.48 ? 69  LYS A N   1 
ATOM   446  C CA  . LYS A 1 60  ? -9.131  5.261   -4.853  1.00 16.49 ? 69  LYS A CA  1 
ATOM   447  C C   . LYS A 1 60  ? -9.192  6.273   -5.908  1.00 17.64 ? 69  LYS A C   1 
ATOM   448  O O   . LYS A 1 60  ? -8.527  6.101   -6.957  1.00 16.97 ? 69  LYS A O   1 
ATOM   449  C CB  . LYS A 1 60  ? -10.280 4.231   -5.084  1.00 18.16 ? 69  LYS A CB  1 
ATOM   450  C CG  . LYS A 1 60  ? -10.191 3.032   -4.228  1.00 22.78 ? 69  LYS A CG  1 
ATOM   451  C CD  . LYS A 1 60  ? -11.286 1.952   -4.477  1.00 30.93 ? 69  LYS A CD  1 
ATOM   452  C CE  . LYS A 1 60  ? -11.336 1.020   -3.226  1.00 34.32 ? 69  LYS A CE  1 
ATOM   453  N NZ  . LYS A 1 60  ? -12.708 0.449   -2.956  1.00 41.83 ? 69  LYS A NZ  1 
ATOM   454  N N   . SER A 1 61  ? -10.021 7.322   -5.706  1.00 14.44 ? 70  SER A N   1 
ATOM   455  C CA  . SER A 1 61  ? -10.285 8.215   -6.723  1.00 14.60 ? 70  SER A CA  1 
ATOM   456  C C   . SER A 1 61  ? -9.748  9.605   -6.560  1.00 13.76 ? 70  SER A C   1 
ATOM   457  O O   . SER A 1 61  ? -9.649  10.367  -7.505  1.00 15.46 ? 70  SER A O   1 
ATOM   458  C CB  . SER A 1 61  ? -11.806 8.318   -6.953  1.00 16.55 ? 70  SER A CB  1 
ATOM   459  O OG  . SER A 1 61  ? -12.389 8.827   -5.713  1.00 16.68 ? 70  SER A OG  1 
ATOM   460  N N   . ASP A 1 62  ? -9.382  10.013  -5.306  1.00 12.02 ? 71  ASP A N   1 
ATOM   461  C CA  . ASP A 1 62  ? -8.959  11.361  -5.082  1.00 11.12 ? 71  ASP A CA  1 
ATOM   462  C C   . ASP A 1 62  ? -7.507  11.456  -5.461  1.00 10.12 ? 71  ASP A C   1 
ATOM   463  O O   . ASP A 1 62  ? -6.613  10.764  -4.854  1.00 12.76 ? 71  ASP A O   1 
ATOM   464  C CB  . ASP A 1 62  ? -9.258  11.717  -3.610  1.00 10.85 ? 71  ASP A CB  1 
ATOM   465  C CG  . ASP A 1 62  ? -9.058  13.155  -3.292  1.00 10.47 ? 71  ASP A CG  1 
ATOM   466  O OD1 . ASP A 1 62  ? -8.760  13.960  -4.185  1.00 11.07 ? 71  ASP A OD1 1 
ATOM   467  O OD2 . ASP A 1 62  ? -9.237  13.532  -2.093  1.00 9.70  ? 71  ASP A OD2 1 
ATOM   468  N N   . ARG A 1 63  ? -7.173  12.292  -6.399  1.00 11.65 ? 72  ARG A N   1 
ATOM   469  C CA  . ARG A 1 63  ? -5.753  12.444  -6.850  1.00 12.60 ? 72  ARG A CA  1 
ATOM   470  C C   . ARG A 1 63  ? -5.094  13.507  -6.019  1.00 11.86 ? 72  ARG A C   1 
ATOM   471  O O   . ARG A 1 63  ? -5.618  14.504  -5.621  1.00 14.04 ? 72  ARG A O   1 
ATOM   472  C CB  . ARG A 1 63  ? -5.828  12.951  -8.305  1.00 13.44 ? 72  ARG A CB  1 
ATOM   473  C CG  . ARG A 1 63  ? -6.298  11.864  -9.281  1.00 15.11 ? 72  ARG A CG  1 
ATOM   474  C CD  . ARG A 1 63  ? -6.089  12.283  -10.750 1.00 18.18 ? 72  ARG A CD  1 
ATOM   475  N NE  . ARG A 1 63  ? -6.520  11.330  -11.752 1.00 23.43 ? 72  ARG A NE  1 
ATOM   476  C CZ  . ARG A 1 63  ? -6.271  11.569  -13.065 1.00 21.99 ? 72  ARG A CZ  1 
ATOM   477  N NH1 . ARG A 1 63  ? -6.699  10.707  -14.000 1.00 35.75 ? 72  ARG A NH1 1 
ATOM   478  N NH2 . ARG A 1 63  ? -5.560  12.641  -13.365 1.00 23.21 ? 72  ARG A NH2 1 
ATOM   479  N N   . TYR A 1 64  ? -3.875  13.155  -5.644  1.00 14.43 ? 73  TYR A N   1 
ATOM   480  C CA  . TYR A 1 64  ? -2.979  14.024  -4.893  1.00 15.47 ? 73  TYR A CA  1 
ATOM   481  C C   . TYR A 1 64  ? -1.764  14.330  -5.849  1.00 14.71 ? 73  TYR A C   1 
ATOM   482  O O   . TYR A 1 64  ? -1.530  13.699  -6.868  1.00 17.07 ? 73  TYR A O   1 
ATOM   483  C CB  . TYR A 1 64  ? -2.523  13.417  -3.553  1.00 14.34 ? 73  TYR A CB  1 
ATOM   484  C CG  . TYR A 1 64  ? -2.019  12.080  -3.682  1.00 11.90 ? 73  TYR A CG  1 
ATOM   485  C CD1 . TYR A 1 64  ? -0.647  11.884  -4.060  1.00 13.25 ? 73  TYR A CD1 1 
ATOM   486  C CD2 . TYR A 1 64  ? -2.707  10.948  -3.368  1.00 12.33 ? 73  TYR A CD2 1 
ATOM   487  C CE1 . TYR A 1 64  ? -0.137  10.631  -4.059  1.00 12.91 ? 73  TYR A CE1 1 
ATOM   488  C CE2 . TYR A 1 64  ? -2.211  9.704   -3.485  1.00 12.27 ? 73  TYR A CE2 1 
ATOM   489  C CZ  . TYR A 1 64  ? -0.866  9.528   -3.836  1.00 11.51 ? 73  TYR A CZ  1 
ATOM   490  O OH  . TYR A 1 64  ? -0.342  8.276   -3.981  1.00 13.66 ? 73  TYR A OH  1 
ATOM   491  N N   . LYS A 1 65  ? -0.961  15.372  -5.469  1.00 17.73 ? 74  LYS A N   1 
ATOM   492  C CA  . LYS A 1 65  ? 0.329   15.545  -6.203  1.00 17.16 ? 74  LYS A CA  1 
ATOM   493  C C   . LYS A 1 65  ? 1.508   15.256  -5.214  1.00 14.22 ? 74  LYS A C   1 
ATOM   494  O O   . LYS A 1 65  ? 1.425   15.525  -4.089  1.00 15.09 ? 74  LYS A O   1 
ATOM   495  C CB  . LYS A 1 65  ? 0.444   16.916  -6.799  1.00 24.08 ? 74  LYS A CB  1 
ATOM   496  C CG  . LYS A 1 65  ? -0.629  17.153  -7.906  1.00 26.59 ? 74  LYS A CG  1 
ATOM   497  C CD  . LYS A 1 65  ? -0.325  16.443  -9.241  1.00 39.16 ? 74  LYS A CD  1 
ATOM   498  C CE  . LYS A 1 65  ? -1.342  15.336  -9.629  1.00 43.18 ? 74  LYS A CE  1 
ATOM   499  N NZ  . LYS A 1 65  ? -0.825  13.963  -9.954  1.00 44.45 ? 74  LYS A NZ  1 
ATOM   500  N N   . TYR A 1 66  ? 2.535   14.685  -5.820  1.00 14.69 ? 75  TYR A N   1 
ATOM   501  C CA  . TYR A 1 66  ? 3.794   14.533  -5.078  1.00 13.58 ? 75  TYR A CA  1 
ATOM   502  C C   . TYR A 1 66  ? 4.908   14.787  -6.042  1.00 15.91 ? 75  TYR A C   1 
ATOM   503  O O   . TYR A 1 66  ? 4.757   14.760  -7.270  1.00 17.75 ? 75  TYR A O   1 
ATOM   504  C CB  . TYR A 1 66  ? 3.883   13.152  -4.450  1.00 14.58 ? 75  TYR A CB  1 
ATOM   505  C CG  . TYR A 1 66  ? 4.135   12.009  -5.395  1.00 13.65 ? 75  TYR A CG  1 
ATOM   506  C CD1 . TYR A 1 66  ? 3.126   11.328  -6.125  1.00 14.89 ? 75  TYR A CD1 1 
ATOM   507  C CD2 . TYR A 1 66  ? 5.429   11.572  -5.621  1.00 15.13 ? 75  TYR A CD2 1 
ATOM   508  C CE1 . TYR A 1 66  ? 3.400   10.322  -6.921  1.00 16.16 ? 75  TYR A CE1 1 
ATOM   509  C CE2 . TYR A 1 66  ? 5.722   10.499  -6.434  1.00 15.70 ? 75  TYR A CE2 1 
ATOM   510  C CZ  . TYR A 1 66  ? 4.688   9.879   -7.099  1.00 15.90 ? 75  TYR A CZ  1 
ATOM   511  O OH  . TYR A 1 66  ? 4.855   8.801   -7.888  1.00 19.00 ? 75  TYR A OH  1 
ATOM   512  N N   . LYS A 1 67  ? 6.018   15.045  -5.484  1.00 14.88 ? 76  LYS A N   1 
ATOM   513  C CA  . LYS A 1 67  ? 7.252   15.242  -6.247  1.00 15.48 ? 76  LYS A CA  1 
ATOM   514  C C   . LYS A 1 67  ? 8.369   14.445  -5.603  1.00 14.91 ? 76  LYS A C   1 
ATOM   515  O O   . LYS A 1 67  ? 8.243   13.817  -4.578  1.00 14.95 ? 76  LYS A O   1 
ATOM   516  C CB  . LYS A 1 67  ? 7.640   16.705  -6.215  1.00 17.74 ? 76  LYS A CB  1 
ATOM   517  C CG  . LYS A 1 67  ? 7.930   17.186  -4.861  1.00 18.49 ? 76  LYS A CG  1 
ATOM   518  C CD  . LYS A 1 67  ? 8.292   18.680  -4.855  1.00 20.56 ? 76  LYS A CD  1 
ATOM   519  C CE  . LYS A 1 67  ? 8.508   19.160  -3.437  1.00 21.01 ? 76  LYS A CE  1 
ATOM   520  N NZ  . LYS A 1 67  ? 8.953   20.562  -3.322  1.00 26.34 ? 76  LYS A NZ  1 
ATOM   521  N N   . ARG A 1 68  ? 9.540   14.517  -6.248  1.00 20.12 ? 77  ARG A N   1 
ATOM   522  C CA  . ARG A 1 68  ? 10.840  13.920  -5.824  1.00 21.51 ? 77  ARG A CA  1 
ATOM   523  C C   . ARG A 1 68  ? 11.797  14.991  -5.388  1.00 25.11 ? 77  ARG A C   1 
ATOM   524  O O   . ARG A 1 68  ? 12.036  15.917  -6.201  1.00 26.47 ? 77  ARG A O   1 
ATOM   525  C CB  . ARG A 1 68  ? 11.458  13.132  -6.959  1.00 28.82 ? 77  ARG A CB  1 
ATOM   526  C CG  . ARG A 1 68  ? 10.715  11.913  -7.343  1.00 20.20 ? 77  ARG A CG  1 
ATOM   527  C CD  . ARG A 1 68  ? 10.913  10.804  -6.274  1.00 24.89 ? 77  ARG A CD  1 
ATOM   528  N NE  . ARG A 1 68  ? 10.020  9.682   -6.447  1.00 18.61 ? 77  ARG A NE  1 
ATOM   529  C CZ  . ARG A 1 68  ? 10.036  8.513   -5.791  1.00 19.78 ? 77  ARG A CZ  1 
ATOM   530  N NH1 . ARG A 1 68  ? 10.973  8.296   -4.870  1.00 19.23 ? 77  ARG A NH1 1 
ATOM   531  N NH2 . ARG A 1 68  ? 9.255   7.508   -5.976  1.00 17.72 ? 77  ARG A NH2 1 
ATOM   532  N N   . VAL A 1 69  ? 12.311  14.955  -4.163  1.00 28.08 ? 78  VAL A N   1 
ATOM   533  C CA  . VAL A 1 69  ? 13.377  15.875  -3.713  1.00 26.78 ? 78  VAL A CA  1 
ATOM   534  C C   . VAL A 1 69  ? 14.552  14.974  -3.330  1.00 33.48 ? 78  VAL A C   1 
ATOM   535  O O   . VAL A 1 69  ? 14.543  14.324  -2.264  1.00 30.38 ? 78  VAL A O   1 
ATOM   536  C CB  . VAL A 1 69  ? 12.964  16.782  -2.526  1.00 30.12 ? 78  VAL A CB  1 
ATOM   537  C CG1 . VAL A 1 69  ? 14.125  17.620  -2.000  1.00 33.64 ? 78  VAL A CG1 1 
ATOM   538  C CG2 . VAL A 1 69  ? 11.820  17.673  -2.943  1.00 29.14 ? 78  VAL A CG2 1 
ATOM   539  N N   . ASN A 1 70  ? 15.596  14.959  -4.159  1.00 42.47 ? 79  ASN A N   1 
ATOM   540  C CA  . ASN A 1 70  ? 16.758  14.145  -3.806  1.00 42.27 ? 79  ASN A CA  1 
ATOM   541  C C   . ASN A 1 70  ? 16.409  12.669  -3.857  1.00 42.79 ? 79  ASN A C   1 
ATOM   542  O O   . ASN A 1 70  ? 16.896  11.873  -3.018  1.00 47.51 ? 79  ASN A O   1 
ATOM   543  C CB  . ASN A 1 70  ? 17.228  14.474  -2.371  1.00 47.83 ? 79  ASN A CB  1 
ATOM   544  C CG  . ASN A 1 70  ? 18.475  15.320  -2.349  1.00 56.03 ? 79  ASN A CG  1 
ATOM   545  O OD1 . ASN A 1 70  ? 18.460  16.501  -2.749  1.00 52.37 ? 79  ASN A OD1 1 
ATOM   546  N ND2 . ASN A 1 70  ? 19.578  14.722  -1.879  1.00 58.73 ? 79  ASN A ND2 1 
ATOM   547  N N   . GLY A 1 71  ? 15.540  12.313  -4.799  1.00 37.16 ? 80  GLY A N   1 
ATOM   548  C CA  . GLY A 1 71  ? 14.943  10.968  -4.851  1.00 30.24 ? 80  GLY A CA  1 
ATOM   549  C C   . GLY A 1 71  ? 13.785  10.661  -3.834  1.00 23.07 ? 80  GLY A C   1 
ATOM   550  O O   . GLY A 1 71  ? 13.132  9.672   -3.968  1.00 24.65 ? 80  GLY A O   1 
ATOM   551  N N   . ALA A 1 72  ? 13.653  11.429  -2.791  1.00 19.08 ? 81  ALA A N   1 
ATOM   552  C CA  . ALA A 1 72  ? 12.607  11.223  -1.771  1.00 14.45 ? 81  ALA A CA  1 
ATOM   553  C C   . ALA A 1 72  ? 11.221  11.616  -2.312  1.00 15.04 ? 81  ALA A C   1 
ATOM   554  O O   . ALA A 1 72  ? 11.101  12.628  -3.005  1.00 19.04 ? 81  ALA A O   1 
ATOM   555  C CB  . ALA A 1 72  ? 12.908  12.087  -0.611  1.00 19.03 ? 81  ALA A CB  1 
ATOM   556  N N   . ILE A 1 73  ? 10.194  10.878  -1.933  1.00 12.49 ? 82  ILE A N   1 
ATOM   557  C CA  . ILE A 1 73  ? 8.815   11.288  -2.155  1.00 12.15 ? 82  ILE A CA  1 
ATOM   558  C C   . ILE A 1 73  ? 8.409   12.409  -1.222  1.00 13.41 ? 82  ILE A C   1 
ATOM   559  O O   . ILE A 1 73  ? 8.593   12.298  -0.002  1.00 13.63 ? 82  ILE A O   1 
ATOM   560  C CB  . ILE A 1 73  ? 7.893   10.090  -1.880  1.00 11.98 ? 82  ILE A CB  1 
ATOM   561  C CG1 . ILE A 1 73  ? 8.265   8.911   -2.838  1.00 15.09 ? 82  ILE A CG1 1 
ATOM   562  C CG2 . ILE A 1 73  ? 6.413   10.444  -2.014  1.00 11.38 ? 82  ILE A CG2 1 
ATOM   563  C CD1 . ILE A 1 73  ? 7.596   7.589   -2.421  1.00 15.40 ? 82  ILE A CD1 1 
ATOM   564  N N   . VAL A 1 74  ? 7.921   13.517  -1.777  1.00 12.30 ? 83  VAL A N   1 
ATOM   565  C CA  . VAL A 1 74  ? 7.449   14.609  -1.004  1.00 12.72 ? 83  VAL A CA  1 
ATOM   566  C C   . VAL A 1 74  ? 6.036   14.929  -1.432  1.00 12.30 ? 83  VAL A C   1 
ATOM   567  O O   . VAL A 1 74  ? 5.755   15.270  -2.587  1.00 12.79 ? 83  VAL A O   1 
ATOM   568  C CB  . VAL A 1 74  ? 8.366   15.848  -1.198  1.00 14.15 ? 83  VAL A CB  1 
ATOM   569  C CG1 . VAL A 1 74  ? 7.781   16.992  -0.367  1.00 17.93 ? 83  VAL A CG1 1 
ATOM   570  C CG2 . VAL A 1 74  ? 9.806   15.489  -0.706  1.00 17.60 ? 83  VAL A CG2 1 
ATOM   571  N N   . CYS A 1 75  ? 5.068   14.725  -0.521  1.00 11.77 ? 84  CYS A N   1 
ATOM   572  C CA  . CYS A 1 75  ? 3.675   15.082  -0.765  1.00 11.70 ? 84  CYS A CA  1 
ATOM   573  C C   . CYS A 1 75  ? 3.512   16.563  -0.878  1.00 13.21 ? 84  CYS A C   1 
ATOM   574  O O   . CYS A 1 75  ? 4.016   17.278  -0.026  1.00 15.71 ? 84  CYS A O   1 
ATOM   575  C CB  . CYS A 1 75  ? 2.821   14.479  0.294   1.00 12.47 ? 84  CYS A CB  1 
ATOM   576  S SG  . CYS A 1 75  ? 2.800   12.593  0.293   1.00 12.14 ? 84  CYS A SG  1 
ATOM   577  N N   . GLU A 1 76  ? 2.834   16.980  -1.930  1.00 11.81 ? 85  GLU A N   1 
ATOM   578  C CA  . GLU A 1 76  ? 2.605   18.416  -2.133  1.00 14.46 ? 85  GLU A CA  1 
ATOM   579  C C   . GLU A 1 76  ? 1.232   18.832  -1.575  1.00 12.64 ? 85  GLU A C   1 
ATOM   580  O O   . GLU A 1 76  ? 0.340   18.037  -1.305  1.00 16.81 ? 85  GLU A O   1 
ATOM   581  C CB  . GLU A 1 76  ? 2.746   18.762  -3.577  1.00 15.07 ? 85  GLU A CB  1 
ATOM   582  C CG  . GLU A 1 76  ? 4.255   18.687  -3.920  1.00 18.31 ? 85  GLU A CG  1 
ATOM   583  C CD  . GLU A 1 76  ? 4.490   18.767  -5.394  1.00 20.42 ? 85  GLU A CD  1 
ATOM   584  O OE1 . GLU A 1 76  ? 4.029   17.868  -6.121  1.00 21.70 ? 85  GLU A OE1 1 
ATOM   585  O OE2 . GLU A 1 76  ? 5.226   19.705  -5.836  1.00 22.59 ? 85  GLU A OE2 1 
ATOM   586  N N   . LYS A 1 77  ? 1.085   20.114  -1.273  1.00 11.81 ? 86  LYS A N   1 
ATOM   587  C CA  . LYS A 1 77  ? -0.129  20.639  -0.667  1.00 12.08 ? 86  LYS A CA  1 
ATOM   588  C C   . LYS A 1 77  ? -1.334  20.439  -1.533  1.00 12.16 ? 86  LYS A C   1 
ATOM   589  O O   . LYS A 1 77  ? -1.406  20.940  -2.608  1.00 13.87 ? 86  LYS A O   1 
ATOM   590  C CB  . LYS A 1 77  ? 0.058   22.145  -0.434  1.00 15.18 ? 86  LYS A CB  1 
ATOM   591  C CG  . LYS A 1 77  ? -1.034  22.806  0.389   1.00 18.90 ? 86  LYS A CG  1 
ATOM   592  C CD  . LYS A 1 77  ? -0.728  24.260  0.683   1.00 22.02 ? 86  LYS A CD  1 
ATOM   593  C CE  . LYS A 1 77  ? 0.247   24.412  1.823   1.00 26.63 ? 86  LYS A CE  1 
ATOM   594  N NZ  . LYS A 1 77  ? 0.594   25.876  1.815   1.00 42.07 ? 86  LYS A NZ  1 
ATOM   595  N N   . GLY A 1 78  ? -2.392  19.857  -0.957  1.00 11.72 ? 88  GLY A N   1 
ATOM   596  C CA  . GLY A 1 78  ? -3.736  19.723  -1.573  1.00 10.87 ? 88  GLY A CA  1 
ATOM   597  C C   . GLY A 1 78  ? -4.779  19.865  -0.483  1.00 9.86  ? 88  GLY A C   1 
ATOM   598  O O   . GLY A 1 78  ? -4.576  20.598  0.494   1.00 12.18 ? 88  GLY A O   1 
ATOM   599  N N   . THR A 1 79  ? -5.897  19.187  -0.661  1.00 9.93  ? 89  THR A N   1 
ATOM   600  C CA  . THR A 1 79  ? -6.865  19.130  0.436   1.00 9.29  ? 89  THR A CA  1 
ATOM   601  C C   . THR A 1 79  ? -6.298  18.318  1.577   1.00 8.70  ? 89  THR A C   1 
ATOM   602  O O   . THR A 1 79  ? -5.310  17.528  1.398   1.00 8.81  ? 89  THR A O   1 
ATOM   603  C CB  . THR A 1 79  ? -8.185  18.518  -0.098  1.00 9.53  ? 89  THR A CB  1 
ATOM   604  O OG1 . THR A 1 79  ? -7.939  17.129  -0.346  1.00 8.96  ? 89  THR A OG1 1 
ATOM   605  C CG2 . THR A 1 79  ? -8.722  19.213  -1.290  1.00 9.72  ? 89  THR A CG2 1 
ATOM   606  N N   . SER A 1 80  ? -6.939  18.394  2.726   1.00 9.18  ? 90  SER A N   1 
ATOM   607  C CA  . SER A 1 80  ? -6.491  17.547  3.811   1.00 9.67  ? 90  SER A CA  1 
ATOM   608  C C   . SER A 1 80  ? -6.571  16.090  3.502   1.00 8.87  ? 90  SER A C   1 
ATOM   609  O O   . SER A 1 80  ? -5.605  15.313  3.815   1.00 9.48  ? 90  SER A O   1 
ATOM   610  C CB  . SER A 1 80  ? -7.274  17.892  5.090   1.00 11.90 ? 90  SER A CB  1 
ATOM   611  O OG  . SER A 1 80  ? -6.943  17.061  6.144   1.00 19.60 ? 90  SER A OG  1 
ATOM   612  N N   . CYS A 1 81  ? -7.640  15.608  2.897   1.00 8.93  ? 91  CYS A N   1 
ATOM   613  C CA  . CYS A 1 81  ? -7.706  14.264  2.483   1.00 8.75  ? 91  CYS A CA  1 
ATOM   614  C C   . CYS A 1 81  ? -6.605  13.891  1.568   1.00 8.72  ? 91  CYS A C   1 
ATOM   615  O O   . CYS A 1 81  ? -5.952  12.830  1.722   1.00 8.84  ? 91  CYS A O   1 
ATOM   616  C CB  . CYS A 1 81  ? -9.064  13.908  1.808   1.00 8.77  ? 91  CYS A CB  1 
ATOM   617  S SG  . CYS A 1 81  ? -10.417 13.546  2.922   1.00 10.71 ? 91  CYS A SG  1 
ATOM   618  N N   . GLU A 1 82  ? -6.312  14.708  0.575   1.00 8.24  ? 92  GLU A N   1 
ATOM   619  C CA  . GLU A 1 82  ? -5.253  14.391  -0.383  1.00 8.33  ? 92  GLU A CA  1 
ATOM   620  C C   . GLU A 1 82  ? -3.908  14.309  0.343   1.00 8.01  ? 92  GLU A C   1 
ATOM   621  O O   . GLU A 1 82  ? -3.106  13.370  0.019   1.00 9.23  ? 92  GLU A O   1 
ATOM   622  C CB  . GLU A 1 82  ? -5.223  15.431  -1.474  1.00 8.86  ? 92  GLU A CB  1 
ATOM   623  C CG  . GLU A 1 82  ? -6.391  15.273  -2.427  1.00 9.15  ? 92  GLU A CG  1 
ATOM   624  C CD  . GLU A 1 82  ? -6.766  16.449  -3.231  1.00 9.13  ? 92  GLU A CD  1 
ATOM   625  O OE1 . GLU A 1 82  ? -6.189  17.476  -3.171  1.00 10.16 ? 92  GLU A OE1 1 
ATOM   626  O OE2 . GLU A 1 82  ? -7.835  16.313  -4.014  1.00 11.12 ? 92  GLU A OE2 1 
ATOM   627  N N   . ASN A 1 83  ? -3.620  15.213  1.219   1.00 8.43  ? 93  ASN A N   1 
ATOM   628  C CA  . ASN A 1 83  ? -2.322  15.150  1.918   1.00 9.33  ? 93  ASN A CA  1 
ATOM   629  C C   . ASN A 1 83  ? -2.202  13.894  2.707   1.00 8.77  ? 93  ASN A C   1 
ATOM   630  O O   . ASN A 1 83  ? -1.105  13.250  2.699   1.00 9.40  ? 93  ASN A O   1 
ATOM   631  C CB  . ASN A 1 83  ? -2.257  16.368  2.901   1.00 11.43 ? 93  ASN A CB  1 
ATOM   632  C CG  . ASN A 1 83  ? -2.321  17.745  2.234   1.00 11.47 ? 93  ASN A CG  1 
ATOM   633  O OD1 . ASN A 1 83  ? -2.024  17.869  1.077   1.00 13.81 ? 93  ASN A OD1 1 
ATOM   634  N ND2 . ASN A 1 83  ? -2.622  18.771  2.993   1.00 14.78 ? 93  ASN A ND2 1 
ATOM   635  N N   . ARG A 1 84  ? -3.250  13.492  3.416   1.00 8.61  ? 94  ARG A N   1 
ATOM   636  C CA  . ARG A 1 84  ? -3.199  12.324  4.232   1.00 9.11  ? 94  ARG A CA  1 
ATOM   637  C C   . ARG A 1 84  ? -3.190  11.054  3.446   1.00 8.09  ? 94  ARG A C   1 
ATOM   638  O O   . ARG A 1 84  ? -2.415  10.103  3.806   1.00 9.04  ? 94  ARG A O   1 
ATOM   639  C CB  . ARG A 1 84  ? -4.393  12.365  5.239   1.00 9.91  ? 94  ARG A CB  1 
ATOM   640  C CG  . ARG A 1 84  ? -4.283  13.526  6.195   1.00 12.20 ? 94  ARG A CG  1 
ATOM   641  C CD  . ARG A 1 84  ? -5.553  13.807  6.968   1.00 14.45 ? 94  ARG A CD  1 
ATOM   642  N NE  . ARG A 1 84  ? -5.730  12.901  8.054   1.00 15.78 ? 94  ARG A NE  1 
ATOM   643  C CZ  . ARG A 1 84  ? -6.769  12.860  8.862   1.00 17.59 ? 94  ARG A CZ  1 
ATOM   644  N NH1 . ARG A 1 84  ? -7.850  13.676  8.606   1.00 22.57 ? 94  ARG A NH1 1 
ATOM   645  N NH2 . ARG A 1 84  ? -6.766  12.090  9.962   1.00 17.94 ? 94  ARG A NH2 1 
ATOM   646  N N   . ILE A 1 85  ? -3.883  10.979  2.338   1.00 7.98  ? 95  ILE A N   1 
ATOM   647  C CA  . ILE A 1 85  ? -3.830  9.839   1.481   1.00 8.55  ? 95  ILE A CA  1 
ATOM   648  C C   . ILE A 1 85  ? -2.438  9.714   0.934   1.00 7.83  ? 95  ILE A C   1 
ATOM   649  O O   . ILE A 1 85  ? -1.856  8.582   0.910   1.00 8.41  ? 95  ILE A O   1 
ATOM   650  C CB  . ILE A 1 85  ? -4.854  9.938   0.341   1.00 7.98  ? 95  ILE A CB  1 
ATOM   651  C CG1 . ILE A 1 85  ? -6.316  9.900   0.829   1.00 9.16  ? 95  ILE A CG1 1 
ATOM   652  C CG2 . ILE A 1 85  ? -4.559  8.895   -0.710  1.00 10.35 ? 95  ILE A CG2 1 
ATOM   653  C CD1 . ILE A 1 85  ? -7.268  10.459  -0.170  1.00 9.97  ? 95  ILE A CD1 1 
ATOM   654  N N   . CYS A 1 86  ? -1.860  10.797  0.499   1.00 7.85  ? 96  CYS A N   1 
ATOM   655  C CA  . CYS A 1 86  ? -0.484  10.759  -0.063  1.00 8.09  ? 96  CYS A CA  1 
ATOM   656  C C   . CYS A 1 86  ? 0.479   10.210  0.951   1.00 7.94  ? 96  CYS A C   1 
ATOM   657  O O   . CYS A 1 86  ? 1.342   9.375   0.616   1.00 9.21  ? 96  CYS A O   1 
ATOM   658  C CB  . CYS A 1 86  ? -0.048  12.131  -0.513  1.00 9.73  ? 96  CYS A CB  1 
ATOM   659  S SG  . CYS A 1 86  ? 1.555   12.183  -1.302  1.00 10.61 ? 96  CYS A SG  1 
ATOM   660  N N   . GLU A 1 87  ? 0.382   10.639  2.215   1.00 8.15  ? 97  GLU A N   1 
ATOM   661  C CA  . GLU A 1 87  ? 1.302   10.106  3.237   1.00 8.54  ? 97  GLU A CA  1 
ATOM   662  C C   . GLU A 1 87  ? 1.105   8.627   3.488   1.00 8.67  ? 97  GLU A C   1 
ATOM   663  O O   . GLU A 1 87  ? 2.096   7.896   3.703   1.00 9.04  ? 97  GLU A O   1 
ATOM   664  C CB  . GLU A 1 87  ? 1.177   10.937  4.532   1.00 8.66  ? 97  GLU A CB  1 
ATOM   665  C CG  . GLU A 1 87  ? 1.665   12.346  4.382   1.00 11.50 ? 97  GLU A CG  1 
ATOM   666  C CD  . GLU A 1 87  ? 3.156   12.501  4.190   1.00 11.03 ? 97  GLU A CD  1 
ATOM   667  O OE1 . GLU A 1 87  ? 3.970   11.572  4.494   1.00 12.48 ? 97  GLU A OE1 1 
ATOM   668  O OE2 . GLU A 1 87  ? 3.601   13.611  3.776   1.00 13.95 ? 97  GLU A OE2 1 
ATOM   669  N N   . CYS A 1 88  ? -0.124  8.157   3.446   1.00 8.25  ? 98  CYS A N   1 
ATOM   670  C CA  . CYS A 1 88  ? -0.369  6.734   3.518   1.00 8.48  ? 98  CYS A CA  1 
ATOM   671  C C   . CYS A 1 88  ? 0.305   5.947   2.391   1.00 8.18  ? 98  CYS A C   1 
ATOM   672  O O   . CYS A 1 88  ? 0.975   4.920   2.595   1.00 8.31  ? 98  CYS A O   1 
ATOM   673  C CB  . CYS A 1 88  ? -1.853  6.391   3.515   1.00 9.04  ? 98  CYS A CB  1 
ATOM   674  S SG  . CYS A 1 88  ? -2.791  6.952   4.948   1.00 9.76  ? 98  CYS A SG  1 
ATOM   675  N N   . ASP A 1 89  ? 0.123   6.463   1.200   1.00 7.89  ? 99  ASP A N   1 
ATOM   676  C CA  . ASP A 1 89  ? 0.700   5.821   -0.020  1.00 7.94  ? 99  ASP A CA  1 
ATOM   677  C C   . ASP A 1 89  ? 2.215   5.849   -0.016  1.00 8.02  ? 99  ASP A C   1 
ATOM   678  O O   . ASP A 1 89  ? 2.863   4.848   -0.343  1.00 8.23  ? 99  ASP A O   1 
ATOM   679  C CB  . ASP A 1 89  ? 0.089   6.493   -1.244  1.00 9.08  ? 99  ASP A CB  1 
ATOM   680  C CG  . ASP A 1 89  ? -1.350  6.100   -1.462  1.00 8.51  ? 99  ASP A CG  1 
ATOM   681  O OD1 . ASP A 1 89  ? -1.965  5.391   -0.757  1.00 9.02  ? 99  ASP A OD1 1 
ATOM   682  O OD2 . ASP A 1 89  ? -1.842  6.640   -2.557  1.00 10.60 ? 99  ASP A OD2 1 
ATOM   683  N N   . LYS A 1 90  ? 2.755   6.995   0.294   1.00 7.94  ? 100 LYS A N   1 
ATOM   684  C CA  . LYS A 1 90  ? 4.224   7.132   0.425   1.00 8.17  ? 100 LYS A CA  1 
ATOM   685  C C   . LYS A 1 90  ? 4.789   6.105   1.333   1.00 8.49  ? 100 LYS A C   1 
ATOM   686  O O   . LYS A 1 90  ? 5.790   5.417   1.011   1.00 8.60  ? 100 LYS A O   1 
ATOM   687  C CB  . LYS A 1 90  ? 4.517   8.541   0.913   1.00 8.97  ? 100 LYS A CB  1 
ATOM   688  C CG  . LYS A 1 90  ? 6.008   8.765   1.257   1.00 9.93  ? 100 LYS A CG  1 
ATOM   689  C CD  . LYS A 1 90  ? 6.320   10.134  1.734   1.00 10.24 ? 100 LYS A CD  1 
ATOM   690  C CE  . LYS A 1 90  ? 7.706   10.303  2.222   1.00 11.89 ? 100 LYS A CE  1 
ATOM   691  N NZ  . LYS A 1 90  ? 7.957   11.677  2.719   1.00 13.77 ? 100 LYS A NZ  1 
ATOM   692  N N   . ALA A 1 91  ? 4.217   5.954   2.520   1.00 8.42  ? 101 ALA A N   1 
ATOM   693  C CA  . ALA A 1 91  ? 4.700   4.979   3.469   1.00 7.99  ? 101 ALA A CA  1 
ATOM   694  C C   . ALA A 1 91  ? 4.612   3.605   2.920   1.00 7.83  ? 101 ALA A C   1 
ATOM   695  O O   . ALA A 1 91  ? 5.584   2.800   3.083   1.00 8.28  ? 101 ALA A O   1 
ATOM   696  C CB  . ALA A 1 91  ? 3.898   5.088   4.786   1.00 8.74  ? 101 ALA A CB  1 
ATOM   697  N N   . ALA A 1 92  ? 3.500   3.220   2.279   1.00 7.90  ? 102 ALA A N   1 
ATOM   698  C CA  . ALA A 1 92  ? 3.398   1.900   1.748   1.00 8.70  ? 102 ALA A CA  1 
ATOM   699  C C   . ALA A 1 92  ? 4.442   1.643   0.660   1.00 8.16  ? 102 ALA A C   1 
ATOM   700  O O   . ALA A 1 92  ? 5.064   0.565   0.617   1.00 8.92  ? 102 ALA A O   1 
ATOM   701  C CB  . ALA A 1 92  ? 2.010   1.651   1.191   1.00 9.20  ? 102 ALA A CB  1 
ATOM   702  N N   . ALA A 1 93  ? 4.660   2.551   -0.198  1.00 8.54  ? 103 ALA A N   1 
ATOM   703  C CA  . ALA A 1 93  ? 5.676   2.367   -1.261  1.00 9.62  ? 103 ALA A CA  1 
ATOM   704  C C   . ALA A 1 93  ? 7.049   2.206   -0.662  1.00 8.96  ? 103 ALA A C   1 
ATOM   705  O O   . ALA A 1 93  ? 7.835   1.315   -1.148  1.00 10.01 ? 103 ALA A O   1 
ATOM   706  C CB  . ALA A 1 93  ? 5.591   3.479   -2.235  1.00 10.99 ? 103 ALA A CB  1 
ATOM   707  N N   . ILE A 1 94  ? 7.392   3.022   0.290   1.00 9.23  ? 104 ILE A N   1 
ATOM   708  C CA  . ILE A 1 94  ? 8.694   2.887   0.973   1.00 9.44  ? 104 ILE A CA  1 
ATOM   709  C C   . ILE A 1 94  ? 8.757   1.563   1.689   1.00 9.64  ? 104 ILE A C   1 
ATOM   710  O O   . ILE A 1 94  ? 9.841   0.875   1.634   1.00 10.08 ? 104 ILE A O   1 
ATOM   711  C CB  . ILE A 1 94  ? 8.869   4.044   1.968   1.00 9.87  ? 104 ILE A CB  1 
ATOM   712  C CG1 . ILE A 1 94  ? 9.068   5.335   1.166   1.00 11.02 ? 104 ILE A CG1 1 
ATOM   713  C CG2 . ILE A 1 94  ? 10.093  3.764   2.883   1.00 11.72 ? 104 ILE A CG2 1 
ATOM   714  C CD1 . ILE A 1 94  ? 9.031   6.608   1.995   1.00 12.14 ? 104 ILE A CD1 1 
ATOM   715  N N   . CYS A 1 95  ? 7.718   1.125   2.332   1.00 9.00  ? 105 CYS A N   1 
ATOM   716  C CA  . CYS A 1 95  ? 7.667   -0.164  3.037   1.00 10.16 ? 105 CYS A CA  1 
ATOM   717  C C   . CYS A 1 95  ? 7.836   -1.303  2.028   1.00 9.24  ? 105 CYS A C   1 
ATOM   718  O O   . CYS A 1 95  ? 8.636   -2.247  2.311   1.00 9.82  ? 105 CYS A O   1 
ATOM   719  C CB  . CYS A 1 95  ? 6.359   -0.212  3.796   1.00 9.68  ? 105 CYS A CB  1 
ATOM   720  S SG  . CYS A 1 95  ? 6.206   -1.666  4.897   1.00 11.27 ? 105 CYS A SG  1 
ATOM   721  N N   . PHE A 1 96  ? 7.207   -1.217  0.889   1.00 9.42  ? 106 PHE A N   1 
ATOM   722  C CA  . PHE A 1 96  ? 7.411   -2.256  -0.134  1.00 9.86  ? 106 PHE A CA  1 
ATOM   723  C C   . PHE A 1 96  ? 8.910   -2.260  -0.554  1.00 9.93  ? 106 PHE A C   1 
ATOM   724  O O   . PHE A 1 96  ? 9.531   -3.368  -0.644  1.00 11.08 ? 106 PHE A O   1 
ATOM   725  C CB  . PHE A 1 96  ? 6.602   -2.006  -1.366  1.00 10.31 ? 106 PHE A CB  1 
ATOM   726  C CG  . PHE A 1 96  ? 5.111   -2.158  -1.162  1.00 9.81  ? 106 PHE A CG  1 
ATOM   727  C CD1 . PHE A 1 96  ? 4.532   -2.928  -0.213  1.00 12.05 ? 106 PHE A CD1 1 
ATOM   728  C CD2 . PHE A 1 96  ? 4.250   -1.524  -2.078  1.00 11.93 ? 106 PHE A CD2 1 
ATOM   729  C CE1 . PHE A 1 96  ? 3.130   -3.068  -0.114  1.00 13.38 ? 106 PHE A CE1 1 
ATOM   730  C CE2 . PHE A 1 96  ? 2.868   -1.614  -1.960  1.00 13.40 ? 106 PHE A CE2 1 
ATOM   731  C CZ  . PHE A 1 96  ? 2.334   -2.400  -1.023  1.00 12.70 ? 106 PHE A CZ  1 
ATOM   732  N N   . ARG A 1 97  ? 9.477   -1.142  -0.761  1.00 9.52  ? 107 ARG A N   1 
ATOM   733  C CA  . ARG A 1 97  ? 10.921  -1.046  -1.150  1.00 11.36 ? 107 ARG A CA  1 
ATOM   734  C C   . ARG A 1 97  ? 11.750  -1.644  -0.101  1.00 10.47 ? 107 ARG A C   1 
ATOM   735  O O   . ARG A 1 97  ? 12.797  -2.351  -0.390  1.00 12.10 ? 107 ARG A O   1 
ATOM   736  C CB  . ARG A 1 97  ? 11.305  0.424   -1.351  1.00 12.73 ? 107 ARG A CB  1 
ATOM   737  C CG  . ARG A 1 97  ? 12.837  0.673   -1.549  1.00 15.20 ? 107 ARG A CG  1 
ATOM   738  C CD  . ARG A 1 97  ? 13.248  0.063   -2.845  1.00 14.52 ? 107 ARG A CD  1 
ATOM   739  N NE  . ARG A 1 97  ? 14.715  0.339   -3.043  1.00 18.74 ? 107 ARG A NE  1 
ATOM   740  C CZ  . ARG A 1 97  ? 15.690  -0.363  -2.423  1.00 21.52 ? 107 ARG A CZ  1 
ATOM   741  N NH1 . ARG A 1 97  ? 16.989  0.022   -2.571  1.00 23.33 ? 107 ARG A NH1 1 
ATOM   742  N NH2 . ARG A 1 97  ? 15.389  -1.487  -1.730  1.00 21.22 ? 107 ARG A NH2 1 
ATOM   743  N N   . GLN A 1 98  ? 11.467  -1.346  1.157   1.00 11.28 ? 108 GLN A N   1 
ATOM   744  C CA  . GLN A 1 98  ? 12.330  -1.827  2.238   1.00 11.79 ? 108 GLN A CA  1 
ATOM   745  C C   . GLN A 1 98  ? 12.250  -3.308  2.365   1.00 10.91 ? 108 GLN A C   1 
ATOM   746  O O   . GLN A 1 98  ? 13.238  -3.957  2.889   1.00 14.81 ? 108 GLN A O   1 
ATOM   747  C CB  . GLN A 1 98  ? 11.873  -1.164  3.554   1.00 12.54 ? 108 GLN A CB  1 
ATOM   748  C CG  . GLN A 1 98  ? 12.684  -1.504  4.752   1.00 14.99 ? 108 GLN A CG  1 
ATOM   749  C CD  . GLN A 1 98  ? 12.638  -0.441  5.812   1.00 14.74 ? 108 GLN A CD  1 
ATOM   750  O OE1 . GLN A 1 98  ? 13.730  -0.029  6.299   1.00 19.36 ? 108 GLN A OE1 1 
ATOM   751  N NE2 . GLN A 1 98  ? 11.504  0.108   6.145   1.00 15.41 ? 108 GLN A NE2 1 
ATOM   752  N N   . ASN A 1 99  ? 11.185  -3.984  1.918   1.00 12.22 ? 109 ASN A N   1 
ATOM   753  C CA  . ASN A 1 99  ? 10.986  -5.401  2.120   1.00 12.09 ? 109 ASN A CA  1 
ATOM   754  C C   . ASN A 1 99  ? 11.049  -6.206  0.801   1.00 11.41 ? 109 ASN A C   1 
ATOM   755  O O   . ASN A 1 99  ? 10.655  -7.358  0.808   1.00 12.68 ? 109 ASN A O   1 
ATOM   756  C CB  . ASN A 1 99  ? 9.663   -5.585  2.793   1.00 12.02 ? 109 ASN A CB  1 
ATOM   757  C CG  . ASN A 1 99  ? 9.743   -5.075  4.229   1.00 10.96 ? 109 ASN A CG  1 
ATOM   758  O OD1 . ASN A 1 99  ? 10.500  -5.636  5.036   1.00 12.66 ? 109 ASN A OD1 1 
ATOM   759  N ND2 . ASN A 1 99  ? 9.077   -3.971  4.549   1.00 12.42 ? 109 ASN A ND2 1 
ATOM   760  N N   . LEU A 1 100 ? 11.645  -5.611  -0.212  1.00 12.70 ? 110 LEU A N   1 
ATOM   761  C CA  . LEU A 1 100 ? 11.870  -6.360  -1.460  1.00 13.98 ? 110 LEU A CA  1 
ATOM   762  C C   . LEU A 1 100 ? 12.723  -7.591  -1.213  1.00 14.98 ? 110 LEU A C   1 
ATOM   763  O O   . LEU A 1 100 ? 12.462  -8.620  -1.920  1.00 16.22 ? 110 LEU A O   1 
ATOM   764  C CB  . LEU A 1 100 ? 12.597  -5.544  -2.480  1.00 15.11 ? 110 LEU A CB  1 
ATOM   765  C CG  . LEU A 1 100 ? 11.664  -4.570  -3.211  1.00 14.53 ? 110 LEU A CG  1 
ATOM   766  C CD1 . LEU A 1 100 ? 12.496  -3.672  -4.090  1.00 17.04 ? 110 LEU A CD1 1 
ATOM   767  C CD2 . LEU A 1 100 ? 10.552  -5.303  -3.975  1.00 18.55 ? 110 LEU A CD2 1 
ATOM   768  N N   . ASN A 1 101 ? 13.609  -7.592  -0.253  1.00 15.42 ? 111 ASN A N   1 
ATOM   769  C CA  . ASN A 1 101 ? 14.443  -8.766  -0.066  1.00 17.27 ? 111 ASN A CA  1 
ATOM   770  C C   . ASN A 1 101 ? 13.651  -9.928  0.462   1.00 16.84 ? 111 ASN A C   1 
ATOM   771  O O   . ASN A 1 101 ? 14.211  -11.090 0.407   1.00 18.95 ? 111 ASN A O   1 
ATOM   772  C CB  . ASN A 1 101 ? 15.494  -8.428  0.994   1.00 19.24 ? 111 ASN A CB  1 
ATOM   773  C CG  . ASN A 1 101 ? 16.606  -7.453  0.494   1.00 24.67 ? 111 ASN A CG  1 
ATOM   774  O OD1 . ASN A 1 101 ? 16.865  -7.334  -0.737  1.00 27.25 ? 111 ASN A OD1 1 
ATOM   775  N ND2 . ASN A 1 101 ? 17.273  -6.751  1.450   1.00 28.73 ? 111 ASN A ND2 1 
ATOM   776  N N   . THR A 1 102 ? 12.436  -9.779  0.976   1.00 16.02 ? 112 THR A N   1 
ATOM   777  C CA  . THR A 1 102 ? 11.678  -10.903 1.412   1.00 15.07 ? 112 THR A CA  1 
ATOM   778  C C   . THR A 1 102 ? 10.373  -11.094 0.611   1.00 14.72 ? 112 THR A C   1 
ATOM   779  O O   . THR A 1 102 ? 9.615   -12.028 0.900   1.00 17.02 ? 112 THR A O   1 
ATOM   780  C CB  . THR A 1 102 ? 11.356  -10.964 2.932   1.00 14.62 ? 112 THR A CB  1 
ATOM   781  O OG1 . THR A 1 102 ? 10.526  -9.799  3.237   1.00 15.27 ? 112 THR A OG1 1 
ATOM   782  C CG2 . THR A 1 102 ? 12.634  -10.981 3.808   1.00 17.14 ? 112 THR A CG2 1 
ATOM   783  N N   . TYR A 1 103 ? 10.159  -10.309 -0.385  1.00 13.86 ? 113 TYR A N   1 
ATOM   784  C CA  . TYR A 1 103 ? 8.970   -10.495 -1.219  1.00 16.10 ? 113 TYR A CA  1 
ATOM   785  C C   . TYR A 1 103 ? 8.997   -11.883 -1.792  1.00 16.42 ? 113 TYR A C   1 
ATOM   786  O O   . TYR A 1 103 ? 10.086  -12.334 -2.300  1.00 17.14 ? 113 TYR A O   1 
ATOM   787  C CB  . TYR A 1 103 ? 9.025   -9.458  -2.360  1.00 15.55 ? 113 TYR A CB  1 
ATOM   788  C CG  . TYR A 1 103 ? 7.869   -9.511  -3.325  1.00 14.93 ? 113 TYR A CG  1 
ATOM   789  C CD1 . TYR A 1 103 ? 7.829   -10.507 -4.304  1.00 17.38 ? 113 TYR A CD1 1 
ATOM   790  C CD2 . TYR A 1 103 ? 6.785   -8.600  -3.228  1.00 14.64 ? 113 TYR A CD2 1 
ATOM   791  C CE1 . TYR A 1 103 ? 6.748   -10.678 -5.111  1.00 16.35 ? 113 TYR A CE1 1 
ATOM   792  C CE2 . TYR A 1 103 ? 5.664   -8.666  -4.098  1.00 14.85 ? 113 TYR A CE2 1 
ATOM   793  C CZ  . TYR A 1 103 ? 5.647   -9.782  -5.008  1.00 16.45 ? 113 TYR A CZ  1 
ATOM   794  O OH  . TYR A 1 103 ? 4.610   -9.870  -5.908  1.00 18.37 ? 113 TYR A OH  1 
ATOM   795  N N   . SER A 1 104 ? 7.887   -12.552 -1.819  1.00 14.30 ? 114 SER A N   1 
ATOM   796  C CA  . SER A 1 104 ? 7.857   -13.975 -2.273  1.00 15.80 ? 114 SER A CA  1 
ATOM   797  C C   . SER A 1 104 ? 6.672   -14.175 -3.163  1.00 16.41 ? 114 SER A C   1 
ATOM   798  O O   . SER A 1 104 ? 5.496   -13.988 -2.774  1.00 16.40 ? 114 SER A O   1 
ATOM   799  C CB  . SER A 1 104 ? 7.756   -14.873 -1.122  1.00 16.25 ? 114 SER A CB  1 
ATOM   800  O OG  . SER A 1 104 ? 7.702   -16.229 -1.709  1.00 26.12 ? 114 SER A OG  1 
ATOM   801  N N   . LYS A 1 105 ? 6.967   -14.643 -4.398  1.00 19.54 ? 115 LYS A N   1 
ATOM   802  C CA  . LYS A 1 105 ? 5.885   -14.902 -5.367  1.00 18.91 ? 115 LYS A CA  1 
ATOM   803  C C   . LYS A 1 105 ? 4.879   -15.899 -4.900  1.00 18.60 ? 115 LYS A C   1 
ATOM   804  O O   . LYS A 1 105 ? 3.696   -15.884 -5.370  1.00 19.52 ? 115 LYS A O   1 
ATOM   805  C CB  . LYS A 1 105 ? 6.446   -15.255 -6.742  1.00 22.71 ? 115 LYS A CB  1 
ATOM   806  C CG  . LYS A 1 105 ? 7.297   -14.155 -7.321  1.00 27.79 ? 115 LYS A CG  1 
ATOM   807  C CD  . LYS A 1 105 ? 7.699   -14.325 -8.773  1.00 34.53 ? 115 LYS A CD  1 
ATOM   808  C CE  . LYS A 1 105 ? 8.634   -13.180 -9.131  1.00 41.12 ? 115 LYS A CE  1 
ATOM   809  N NZ  . LYS A 1 105 ? 9.174   -13.277 -10.526 1.00 50.54 ? 115 LYS A NZ  1 
ATOM   810  N N   . LYS A 1 106 ? 5.293   -16.731 -3.976  1.00 17.90 ? 116 LYS A N   1 
ATOM   811  C CA  . LYS A 1 106 ? 4.408   -17.716 -3.439  1.00 20.58 ? 116 LYS A CA  1 
ATOM   812  C C   . LYS A 1 106 ? 3.155   -17.119 -2.726  1.00 20.03 ? 116 LYS A C   1 
ATOM   813  O O   . LYS A 1 106 ? 2.172   -17.836 -2.453  1.00 20.74 ? 116 LYS A O   1 
ATOM   814  C CB  . LYS A 1 106 ? 5.139   -18.684 -2.518  1.00 26.66 ? 116 LYS A CB  1 
ATOM   815  C CG  . LYS A 1 106 ? 5.224   -18.310 -1.035  1.00 28.05 ? 116 LYS A CG  1 
ATOM   816  C CD  . LYS A 1 106 ? 6.172   -19.208 -0.206  1.00 34.67 ? 116 LYS A CD  1 
ATOM   817  C CE  . LYS A 1 106 ? 6.174   -18.855 1.293   1.00 36.62 ? 116 LYS A CE  1 
ATOM   818  N NZ  . LYS A 1 106 ? 7.520   -19.018 1.955   1.00 40.80 ? 116 LYS A NZ  1 
ATOM   819  N N   . TYR A 1 107 ? 3.248   -15.809 -2.344  1.00 16.29 ? 117 TYR A N   1 
ATOM   820  C CA  . TYR A 1 107 ? 2.089   -15.201 -1.733  1.00 13.87 ? 117 TYR A CA  1 
ATOM   821  C C   . TYR A 1 107 ? 1.125   -14.528 -2.700  1.00 13.71 ? 117 TYR A C   1 
ATOM   822  O O   . TYR A 1 107 ? 0.103   -14.032 -2.286  1.00 14.38 ? 117 TYR A O   1 
ATOM   823  C CB  . TYR A 1 107 ? 2.511   -14.253 -0.588  1.00 15.53 ? 117 TYR A CB  1 
ATOM   824  C CG  . TYR A 1 107 ? 3.064   -14.928 0.617   1.00 16.26 ? 117 TYR A CG  1 
ATOM   825  C CD1 . TYR A 1 107 ? 2.369   -15.862 1.311   1.00 17.54 ? 117 TYR A CD1 1 
ATOM   826  C CD2 . TYR A 1 107 ? 4.337   -14.596 1.090   1.00 15.11 ? 117 TYR A CD2 1 
ATOM   827  C CE1 . TYR A 1 107 ? 2.874   -16.468 2.405   1.00 21.40 ? 117 TYR A CE1 1 
ATOM   828  C CE2 . TYR A 1 107 ? 4.887   -15.240 2.132   1.00 18.54 ? 117 TYR A CE2 1 
ATOM   829  C CZ  . TYR A 1 107 ? 4.157   -16.171 2.788   1.00 20.05 ? 117 TYR A CZ  1 
ATOM   830  O OH  . TYR A 1 107 ? 4.697   -16.787 3.922   1.00 24.38 ? 117 TYR A OH  1 
ATOM   831  N N   . MET A 1 108 ? 1.426   -14.553 -3.978  1.00 15.25 ? 118 MET A N   1 
ATOM   832  C CA  . MET A 1 108 ? 0.493   -14.026 -4.959  1.00 15.59 ? 118 MET A CA  1 
ATOM   833  C C   . MET A 1 108 ? -0.715  -14.939 -5.076  1.00 15.44 ? 118 MET A C   1 
ATOM   834  O O   . MET A 1 108 ? -0.582  -16.207 -4.916  1.00 19.68 ? 118 MET A O   1 
ATOM   835  C CB  . MET A 1 108 ? 1.212   -14.017 -6.281  1.00 19.53 ? 118 MET A CB  1 
ATOM   836  C CG  . MET A 1 108 ? 2.258   -12.906 -6.275  1.00 21.35 ? 118 MET A CG  1 
ATOM   837  S SD  . MET A 1 108 ? 3.271   -12.837 -7.754  1.00 27.91 ? 118 MET A SD  1 
ATOM   838  C CE  . MET A 1 108 ? 2.272   -11.755 -8.721  1.00 30.30 ? 118 MET A CE  1 
ATOM   839  N N   . LEU A 1 109 ? -1.841  -14.338 -5.272  1.00 14.15 ? 119 LEU A N   1 
ATOM   840  C CA  . LEU A 1 109 ? -3.113  -15.096 -5.345  1.00 15.47 ? 119 LEU A CA  1 
ATOM   841  C C   . LEU A 1 109 ? -3.362  -15.868 -4.103  1.00 15.28 ? 119 LEU A C   1 
ATOM   842  O O   . LEU A 1 109 ? -3.959  -16.954 -4.121  1.00 15.25 ? 119 LEU A O   1 
ATOM   843  C CB  . LEU A 1 109 ? -3.244  -15.968 -6.672  1.00 15.20 ? 119 LEU A CB  1 
ATOM   844  C CG  . LEU A 1 109 ? -3.079  -15.132 -7.948  1.00 14.88 ? 119 LEU A CG  1 
ATOM   845  C CD1 . LEU A 1 109 ? -2.924  -16.051 -9.170  1.00 17.15 ? 119 LEU A CD1 1 
ATOM   846  C CD2 . LEU A 1 109 ? -4.222  -14.185 -8.149  1.00 17.78 ? 119 LEU A CD2 1 
ATOM   847  N N   . TYR A 1 110 ? -2.904  -15.438 -2.925  1.00 14.82 ? 120 TYR A N   1 
ATOM   848  C CA  . TYR A 1 110 ? -2.958  -16.250 -1.707  1.00 16.21 ? 120 TYR A CA  1 
ATOM   849  C C   . TYR A 1 110 ? -4.427  -16.439 -1.418  1.00 13.75 ? 120 TYR A C   1 
ATOM   850  O O   . TYR A 1 110 ? -5.254  -15.566 -1.400  1.00 14.97 ? 120 TYR A O   1 
ATOM   851  C CB  . TYR A 1 110 ? -2.326  -15.406 -0.599  1.00 15.40 ? 120 TYR A CB  1 
ATOM   852  C CG  . TYR A 1 110 ? -1.999  -16.254 0.592   1.00 17.14 ? 120 TYR A CG  1 
ATOM   853  C CD1 . TYR A 1 110 ? -1.052  -17.262 0.554   1.00 19.38 ? 120 TYR A CD1 1 
ATOM   854  C CD2 . TYR A 1 110 ? -2.720  -16.061 1.799   1.00 16.53 ? 120 TYR A CD2 1 
ATOM   855  C CE1 . TYR A 1 110 ? -0.801  -18.035 1.692   1.00 19.00 ? 120 TYR A CE1 1 
ATOM   856  C CE2 . TYR A 1 110 ? -2.462  -16.809 2.933   1.00 17.69 ? 120 TYR A CE2 1 
ATOM   857  C CZ  . TYR A 1 110 ? -1.511  -17.730 2.884   1.00 17.57 ? 120 TYR A CZ  1 
ATOM   858  O OH  . TYR A 1 110 ? -1.274  -18.449 4.003   1.00 19.51 ? 120 TYR A OH  1 
ATOM   859  N N   . PRO A 1 111 ? -4.850  -17.688 -1.074  1.00 15.09 ? 121 PRO A N   1 
ATOM   860  C CA  . PRO A 1 111 ? -6.277  -17.966 -0.873  1.00 13.88 ? 121 PRO A CA  1 
ATOM   861  C C   . PRO A 1 111 ? -6.846  -17.421 0.477   1.00 14.14 ? 121 PRO A C   1 
ATOM   862  O O   . PRO A 1 111 ? -6.188  -17.518 1.553   1.00 15.26 ? 121 PRO A O   1 
ATOM   863  C CB  . PRO A 1 111 ? -6.372  -19.498 -0.924  1.00 14.97 ? 121 PRO A CB  1 
ATOM   864  C CG  . PRO A 1 111 ? -5.034  -19.940 -0.615  1.00 19.06 ? 121 PRO A CG  1 
ATOM   865  C CD  . PRO A 1 111 ? -4.017  -18.871 -1.080  1.00 16.49 ? 121 PRO A CD  1 
ATOM   866  N N   . ASP A 1 112 ? -7.998  -16.931 0.396   1.00 13.14 ? 122 ASP A N   1 
ATOM   867  C CA  . ASP A 1 112 ? -8.675  -16.291 1.550   1.00 15.47 ? 122 ASP A CA  1 
ATOM   868  C C   . ASP A 1 112 ? -8.787  -17.139 2.732   1.00 16.78 ? 122 ASP A C   1 
ATOM   869  O O   . ASP A 1 112 ? -8.570  -16.668 3.912   1.00 17.57 ? 122 ASP A O   1 
ATOM   870  C CB  . ASP A 1 112 ? -10.051 -15.915 1.114   1.00 17.94 ? 122 ASP A CB  1 
ATOM   871  C CG  . ASP A 1 112 ? -10.923 -15.294 2.257   1.00 19.81 ? 122 ASP A CG  1 
ATOM   872  O OD1 . ASP A 1 112 ? -11.604 -15.988 3.001   1.00 19.01 ? 122 ASP A OD1 1 
ATOM   873  O OD2 . ASP A 1 112 ? -11.005 -14.046 2.360   1.00 25.62 ? 122 ASP A OD2 1 
ATOM   874  N N   . PHE A 1 113 ? -8.917  -18.561 2.655   1.00 15.55 ? 124 PHE A N   1 
ATOM   875  C CA  . PHE A 1 113 ? -9.208  -19.312 3.840   1.00 15.78 ? 124 PHE A CA  1 
ATOM   876  C C   . PHE A 1 113 ? -7.935  -19.430 4.649   1.00 15.59 ? 124 PHE A C   1 
ATOM   877  O O   . PHE A 1 113 ? -7.958  -19.879 5.829   1.00 18.25 ? 124 PHE A O   1 
ATOM   878  C CB  . PHE A 1 113 ? -9.792  -20.734 3.481   1.00 17.49 ? 124 PHE A CB  1 
ATOM   879  C CG  . PHE A 1 113 ? -8.762  -21.701 3.032   1.00 17.18 ? 124 PHE A CG  1 
ATOM   880  C CD1 . PHE A 1 113 ? -8.127  -21.588 1.790   1.00 16.59 ? 124 PHE A CD1 1 
ATOM   881  C CD2 . PHE A 1 113 ? -8.369  -22.765 3.876   1.00 21.32 ? 124 PHE A CD2 1 
ATOM   882  C CE1 . PHE A 1 113 ? -7.147  -22.446 1.403   1.00 17.26 ? 124 PHE A CE1 1 
ATOM   883  C CE2 . PHE A 1 113 ? -7.371  -23.660 3.494   1.00 23.07 ? 124 PHE A CE2 1 
ATOM   884  C CZ  . PHE A 1 113 ? -6.763  -23.510 2.235   1.00 23.02 ? 124 PHE A CZ  1 
ATOM   885  N N   . LEU A 1 114 ? -6.792  -19.155 4.123   1.00 16.94 ? 125 LEU A N   1 
ATOM   886  C CA  . LEU A 1 114 ? -5.541  -19.284 4.879   1.00 20.02 ? 125 LEU A CA  1 
ATOM   887  C C   . LEU A 1 114 ? -5.189  -18.028 5.667   1.00 22.37 ? 125 LEU A C   1 
ATOM   888  O O   . LEU A 1 114 ? -4.116  -18.012 6.333   1.00 26.73 ? 125 LEU A O   1 
ATOM   889  C CB  . LEU A 1 114 ? -4.390  -19.578 3.990   1.00 23.45 ? 125 LEU A CB  1 
ATOM   890  C CG  . LEU A 1 114 ? -4.561  -20.977 3.395   1.00 25.01 ? 125 LEU A CG  1 
ATOM   891  C CD1 . LEU A 1 114 ? -3.412  -21.122 2.442   1.00 29.27 ? 125 LEU A CD1 1 
ATOM   892  C CD2 . LEU A 1 114 ? -4.512  -21.970 4.574   1.00 26.46 ? 125 LEU A CD2 1 
ATOM   893  N N   . CYS A 1 115 ? -6.091  -17.068 5.602   1.00 18.81 ? 126 CYS A N   1 
ATOM   894  C CA  . CYS A 1 115 ? -5.873  -15.728 6.309   1.00 21.07 ? 126 CYS A CA  1 
ATOM   895  C C   . CYS A 1 115 ? -6.493  -15.860 7.692   1.00 27.23 ? 126 CYS A C   1 
ATOM   896  O O   . CYS A 1 115 ? -7.551  -15.338 7.957   1.00 32.45 ? 126 CYS A O   1 
ATOM   897  C CB  . CYS A 1 115 ? -6.436  -14.621 5.452   1.00 18.16 ? 126 CYS A CB  1 
ATOM   898  S SG  . CYS A 1 115 ? -5.329  -14.465 4.037   1.00 16.28 ? 126 CYS A SG  1 
ATOM   899  N N   . LYS A 1 116 ? -5.790  -16.638 8.534   1.00 35.88 ? 127 LYS A N   1 
ATOM   900  C CA  . LYS A 1 116 ? -6.280  -17.001 9.848   1.00 31.92 ? 127 LYS A CA  1 
ATOM   901  C C   . LYS A 1 116 ? -5.933  -15.786 10.719  1.00 35.82 ? 127 LYS A C   1 
ATOM   902  O O   . LYS A 1 116 ? -4.699  -15.361 10.692  1.00 31.62 ? 127 LYS A O   1 
ATOM   903  C CB  . LYS A 1 116 ? -5.653  -18.320 10.278  1.00 41.31 ? 127 LYS A CB  1 
ATOM   904  C CG  . LYS A 1 116 ? -6.092  -19.492 9.382   1.00 43.67 ? 127 LYS A CG  1 
ATOM   905  C CD  . LYS A 1 116 ? -7.227  -20.322 10.006  1.00 49.37 ? 127 LYS A CD  1 
ATOM   906  C CE  . LYS A 1 116 ? -7.972  -21.186 8.978   1.00 49.18 ? 127 LYS A CE  1 
ATOM   907  N NZ  . LYS A 1 116 ? -7.225  -21.940 7.914   1.00 52.34 ? 127 LYS A NZ  1 
ATOM   908  N N   . GLY A 1 117 ? -7.052  -15.199 11.279  1.00 32.11 ? 128 GLY A N   1 
ATOM   909  C CA  . GLY A 1 117 ? -7.205  -13.886 12.033  1.00 29.56 ? 128 GLY A CA  1 
ATOM   910  C C   . GLY A 1 117 ? -6.168  -13.995 13.085  1.00 27.64 ? 128 GLY A C   1 
ATOM   911  O O   . GLY A 1 117 ? -5.562  -15.063 13.138  1.00 33.63 ? 128 GLY A O   1 
ATOM   912  N N   . GLU A 1 118 ? -5.944  -12.995 13.947  1.00 31.40 ? 129 GLU A N   1 
ATOM   913  C CA  . GLU A 1 118 ? -6.549  -11.677 13.908  1.00 33.80 ? 129 GLU A CA  1 
ATOM   914  C C   . GLU A 1 118 ? -5.534  -10.644 14.264  1.00 33.03 ? 129 GLU A C   1 
ATOM   915  O O   . GLU A 1 118 ? -4.646  -10.891 15.018  1.00 34.96 ? 129 GLU A O   1 
ATOM   916  C CB  . GLU A 1 118 ? -7.586  -11.460 14.990  1.00 45.43 ? 129 GLU A CB  1 
ATOM   917  C CG  . GLU A 1 118 ? -8.940  -12.118 14.877  1.00 56.45 ? 129 GLU A CG  1 
ATOM   918  C CD  . GLU A 1 118 ? -9.377  -12.690 16.213  1.00 63.97 ? 129 GLU A CD  1 
ATOM   919  O OE1 . GLU A 1 118 ? -8.752  -12.406 17.234  1.00 69.34 ? 129 GLU A OE1 1 
ATOM   920  O OE2 . GLU A 1 118 ? -10.317 -13.490 16.244  1.00 71.97 ? 129 GLU A OE2 1 
ATOM   921  N N   . LEU A 1 119 ? -5.757  -9.462  13.734  1.00 32.22 ? 130 LEU A N   1 
ATOM   922  C CA  . LEU A 1 119 ? -4.882  -8.302  13.935  1.00 32.21 ? 130 LEU A CA  1 
ATOM   923  C C   . LEU A 1 119 ? -5.700  -6.965  13.985  1.00 27.68 ? 130 LEU A C   1 
ATOM   924  O O   . LEU A 1 119 ? -6.323  -6.541  12.983  1.00 27.96 ? 130 LEU A O   1 
ATOM   925  C CB  . LEU A 1 119 ? -3.722  -8.323  12.891  1.00 28.81 ? 130 LEU A CB  1 
ATOM   926  C CG  . LEU A 1 119 ? -2.605  -7.318  13.159  1.00 28.12 ? 130 LEU A CG  1 
ATOM   927  C CD1 . LEU A 1 119 ? -1.974  -7.561  14.562  1.00 29.87 ? 130 LEU A CD1 1 
ATOM   928  C CD2 . LEU A 1 119 ? -1.497  -7.198  12.111  1.00 26.11 ? 130 LEU A CD2 1 
ATOM   929  N N   . LYS A 1 120 ? -5.637  -6.267  15.121  1.00 25.34 ? 131 LYS A N   1 
ATOM   930  C CA  . LYS A 1 120 ? -6.206  -4.885  15.260  1.00 24.91 ? 131 LYS A CA  1 
ATOM   931  C C   . LYS A 1 120 ? -5.158  -3.871  14.839  1.00 19.30 ? 131 LYS A C   1 
ATOM   932  O O   . LYS A 1 120 ? -3.989  -4.030  14.950  1.00 19.33 ? 131 LYS A O   1 
ATOM   933  C CB  . LYS A 1 120 ? -6.774  -4.551  16.674  1.00 26.73 ? 131 LYS A CB  1 
ATOM   934  C CG  . LYS A 1 120 ? -7.771  -3.364  16.623  1.00 38.62 ? 131 LYS A CG  1 
ATOM   935  C CD  . LYS A 1 120 ? -8.609  -3.024  17.867  1.00 43.34 ? 131 LYS A CD  1 
ATOM   936  C CE  . LYS A 1 120 ? -7.770  -2.451  18.986  1.00 44.31 ? 131 LYS A CE  1 
ATOM   937  N NZ  . LYS A 1 120 ? -7.013  -3.579  19.619  1.00 46.91 ? 131 LYS A NZ  1 
ATOM   938  N N   . CYS A 1 121 ? -5.685  -2.715  14.150  1.00 18.37 ? 133 CYS A N   1 
ATOM   939  C CA  . CYS A 1 121 ? -4.761  -1.674  13.696  1.00 17.26 ? 133 CYS A CA  1 
ATOM   940  C C   . CYS A 1 121 ? -4.040  -1.054  14.881  1.00 20.31 ? 133 CYS A C   1 
ATOM   941  O O   . CYS A 1 121 ? -2.907  -0.711  14.681  1.00 18.59 ? 133 CYS A O   1 
ATOM   942  C CB  . CYS A 1 121 ? -5.545  -0.571  13.001  1.00 16.39 ? 133 CYS A CB  1 
ATOM   943  S SG  . CYS A 1 121 ? -6.173  -1.148  11.364  1.00 15.62 ? 133 CYS A SG  1 
ATOM   944  O OXT . CYS A 1 121 ? -4.675  -0.950  15.976  1.00 22.69 ? 133 CYS A OXT 1 
HETATM 945  C C1  . GOL B 2 .   ? 1.894   19.121  2.205   1.00 35.61 ? 201 GOL A C1  1 
HETATM 946  O O1  . GOL B 2 .   ? 1.106   20.228  2.770   1.00 32.92 ? 201 GOL A O1  1 
HETATM 947  C C2  . GOL B 2 .   ? 1.334   17.803  2.745   1.00 40.05 ? 201 GOL A C2  1 
HETATM 948  O O2  . GOL B 2 .   ? 0.751   17.226  1.586   1.00 34.96 ? 201 GOL A O2  1 
HETATM 949  C C3  . GOL B 2 .   ? 2.337   16.784  3.329   1.00 39.24 ? 201 GOL A C3  1 
HETATM 950  O O3  . GOL B 2 .   ? 1.737   15.731  4.115   1.00 31.40 ? 201 GOL A O3  1 
HETATM 951  C C11 . BSO C 3 .   ? -2.630  -1.909  -5.814  0.80 50.71 ? 202 BSO A C11 1 
HETATM 952  O O11 . BSO C 3 .   ? -3.043  -0.863  -6.368  0.80 53.23 ? 202 BSO A O11 1 
HETATM 953  O O12 . BSO C 3 .   ? -3.347  -2.884  -5.560  0.80 49.55 ? 202 BSO A O12 1 
HETATM 954  C C10 . BSO C 3 .   ? -1.197  -2.009  -5.392  0.80 46.64 ? 202 BSO A C10 1 
HETATM 955  C C9  . BSO C 3 .   ? -1.118  -1.665  -3.903  0.80 43.87 ? 202 BSO A C9  1 
HETATM 956  C C8  . BSO C 3 .   ? -1.224  -2.666  -2.888  0.80 38.65 ? 202 BSO A C8  1 
HETATM 957  C C7  . BSO C 3 .   ? -2.475  -3.042  -2.209  0.80 37.86 ? 202 BSO A C7  1 
HETATM 958  C C2  . BSO C 3 .   ? -2.631  -1.985  -1.139  0.80 37.84 ? 202 BSO A C2  1 
HETATM 959  S S1  . BSO C 3 .   ? -3.785  -2.369  0.059   0.80 41.32 ? 202 BSO A S1  1 
HETATM 960  C C6  . BSO C 3 .   ? -5.082  -1.468  -0.627  0.80 34.89 ? 202 BSO A C6  1 
HETATM 961  C C5  . BSO C 3 .   ? -4.316  -0.203  -1.047  0.80 34.27 ? 202 BSO A C5  1 
HETATM 962  N N1  . BSO C 3 .   ? -4.836  0.699   -2.023  0.80 38.58 ? 202 BSO A N1  1 
HETATM 963  C C3  . BSO C 3 .   ? -4.399  0.416   -3.251  0.80 47.36 ? 202 BSO A C3  1 
HETATM 964  O O3  . BSO C 3 .   ? -4.832  0.947   -4.270  0.80 47.80 ? 202 BSO A O3  1 
HETATM 965  N N2  . BSO C 3 .   ? -3.438  -0.530  -3.160  0.80 47.82 ? 202 BSO A N2  1 
HETATM 966  C C4  . BSO C 3 .   ? -3.058  -0.648  -1.740  0.80 40.75 ? 202 BSO A C4  1 
HETATM 967  O O10 . BSO C 3 .   ? -3.305  -1.718  1.263   0.80 19.87 ? 202 BSO A O10 1 
HETATM 968  S S   . SO4 D 4 .   ? -7.404  7.441   -11.410 1.00 39.51 ? 203 SO4 A S   1 
HETATM 969  O O1  . SO4 D 4 .   ? -6.713  6.313   -10.670 1.00 34.30 ? 203 SO4 A O1  1 
HETATM 970  O O2  . SO4 D 4 .   ? -6.738  8.772   -11.230 1.00 36.96 ? 203 SO4 A O2  1 
HETATM 971  O O3  . SO4 D 4 .   ? -7.394  7.146   -12.874 1.00 40.46 ? 203 SO4 A O3  1 
HETATM 972  O O4  . SO4 D 4 .   ? -8.871  7.388   -10.946 1.00 34.84 ? 203 SO4 A O4  1 
HETATM 973  C C   . ACT E 5 .   ? -10.494 15.062  6.412   1.00 26.78 ? 204 ACT A C   1 
HETATM 974  O O   . ACT E 5 .   ? -9.200  14.822  6.310   1.00 34.57 ? 204 ACT A O   1 
HETATM 975  O OXT . ACT E 5 .   ? -10.772 16.287  6.688   1.00 31.93 ? 204 ACT A OXT 1 
HETATM 976  C CH3 . ACT E 5 .   ? -11.678 14.018  6.260   1.00 17.88 ? 204 ACT A CH3 1 
HETATM 977  O O   . HOH F 6 .   ? 12.656  5.253   -1.108  1.00 20.64 ? 301 HOH A O   1 
HETATM 978  O O   . HOH F 6 .   ? -4.613  16.954  -6.882  1.00 28.62 ? 302 HOH A O   1 
HETATM 979  O O   . HOH F 6 .   ? 11.080  -2.053  -13.661 1.00 43.19 ? 303 HOH A O   1 
HETATM 980  O O   . HOH F 6 .   ? 6.569   11.848  5.128   1.00 18.51 ? 304 HOH A O   1 
HETATM 981  O O   . HOH F 6 .   ? 0.735   3.088   4.883   1.00 9.97  ? 305 HOH A O   1 
HETATM 982  O O   . HOH F 6 .   ? 10.487  16.742  -8.357  1.00 36.31 ? 306 HOH A O   1 
HETATM 983  O O   . HOH F 6 .   ? 10.258  -15.659 -4.601  1.00 27.55 ? 307 HOH A O   1 
HETATM 984  O O   . HOH F 6 .   ? 1.898   6.985   6.574   1.00 10.25 ? 308 HOH A O   1 
HETATM 985  O O   . HOH F 6 .   ? 10.871  10.361  2.860   1.00 25.64 ? 309 HOH A O   1 
HETATM 986  O O   . HOH F 6 .   ? -8.992  20.368  2.955   1.00 11.76 ? 310 HOH A O   1 
HETATM 987  O O   . HOH F 6 .   ? 11.838  -7.898  4.632   1.00 16.63 ? 311 HOH A O   1 
HETATM 988  O O   . HOH F 6 .   ? 2.304   0.828   4.661   1.00 10.13 ? 312 HOH A O   1 
HETATM 989  O O   . HOH F 6 .   ? 5.864   13.910  2.166   1.00 15.32 ? 313 HOH A O   1 
HETATM 990  O O   . HOH F 6 .   ? -10.856 17.173  -3.639  1.00 13.21 ? 314 HOH A O   1 
HETATM 991  O O   . HOH F 6 .   ? -11.792 5.408   -2.152  1.00 15.99 ? 315 HOH A O   1 
HETATM 992  O O   . HOH F 6 .   ? -13.688 14.640  4.353   1.00 10.90 ? 316 HOH A O   1 
HETATM 993  O O   . HOH F 6 .   ? -7.727  -4.776  10.536  1.00 32.21 ? 317 HOH A O   1 
HETATM 994  O O   . HOH F 6 .   ? -1.772  10.151  6.553   1.00 13.58 ? 318 HOH A O   1 
HETATM 995  O O   . HOH F 6 .   ? -4.397  6.924   -3.547  1.00 12.76 ? 319 HOH A O   1 
HETATM 996  O O   . HOH F 6 .   ? 1.599   4.303   7.245   1.00 9.68  ? 320 HOH A O   1 
HETATM 997  O O   . HOH F 6 .   ? 9.025   -10.959 5.732   1.00 21.00 ? 321 HOH A O   1 
HETATM 998  O O   . HOH F 6 .   ? -8.988  14.597  -7.084  1.00 19.59 ? 322 HOH A O   1 
HETATM 999  O O   . HOH F 6 .   ? -10.072 17.134  2.942   1.00 11.56 ? 323 HOH A O   1 
HETATM 1000 O O   . HOH F 6 .   ? 4.543   8.899   4.795   1.00 10.53 ? 324 HOH A O   1 
HETATM 1001 O O   . HOH F 6 .   ? -10.221 15.892  -1.256  1.00 9.63  ? 325 HOH A O   1 
HETATM 1002 O O   . HOH F 6 .   ? -10.769 6.312   12.429  1.00 45.97 ? 326 HOH A O   1 
HETATM 1003 O O   . HOH F 6 .   ? 11.246  -10.776 -10.238 1.00 40.86 ? 327 HOH A O   1 
HETATM 1004 O O   . HOH F 6 .   ? 12.129  -14.379 0.788   1.00 49.81 ? 328 HOH A O   1 
HETATM 1005 O O   . HOH F 6 .   ? -13.391 12.812  0.338   1.00 11.49 ? 329 HOH A O   1 
HETATM 1006 O O   . HOH F 6 .   ? 7.996   -5.690  -1.274  1.00 13.29 ? 330 HOH A O   1 
HETATM 1007 O O   . HOH F 6 .   ? 0.083   -1.321  -11.847 1.00 22.75 ? 331 HOH A O   1 
HETATM 1008 O O   . HOH F 6 .   ? 6.225   -4.234  7.176   1.00 16.86 ? 332 HOH A O   1 
HETATM 1009 O O   . HOH F 6 .   ? -6.335  -4.655  1.778   1.00 17.62 ? 333 HOH A O   1 
HETATM 1010 O O   . HOH F 6 .   ? 5.931   -10.027 -8.365  1.00 31.65 ? 334 HOH A O   1 
HETATM 1011 O O   . HOH F 6 .   ? -7.055  19.555  -4.935  1.00 14.36 ? 335 HOH A O   1 
HETATM 1012 O O   . HOH F 6 .   ? 8.173   -13.629 2.524   1.00 18.15 ? 336 HOH A O   1 
HETATM 1013 O O   . HOH F 6 .   ? -10.746 12.027  -0.408  1.00 10.38 ? 337 HOH A O   1 
HETATM 1014 O O   . HOH F 6 .   ? -12.518 -18.438 2.840   1.00 18.93 ? 338 HOH A O   1 
HETATM 1015 O O   . HOH F 6 .   ? 7.938   -9.484  2.296   1.00 13.39 ? 339 HOH A O   1 
HETATM 1016 O O   . HOH F 6 .   ? -11.628 11.089  7.148   1.00 19.31 ? 340 HOH A O   1 
HETATM 1017 O O   . HOH F 6 .   ? -5.448  3.836   -3.677  1.00 24.27 ? 341 HOH A O   1 
HETATM 1018 O O   . HOH F 6 .   ? -2.744  -15.440 8.178   1.00 24.95 ? 342 HOH A O   1 
HETATM 1019 O O   . HOH F 6 .   ? 8.394   10.980  -9.072  1.00 41.78 ? 343 HOH A O   1 
HETATM 1020 O O   . HOH F 6 .   ? 2.875   22.143  -2.539  1.00 25.74 ? 344 HOH A O   1 
HETATM 1021 O O   . HOH F 6 .   ? -1.754  0.483   -11.111 1.00 34.11 ? 345 HOH A O   1 
HETATM 1022 O O   . HOH F 6 .   ? 16.641  0.864   8.000   1.00 21.08 ? 346 HOH A O   1 
HETATM 1023 O O   . HOH F 6 .   ? -1.515  -16.564 13.073  1.00 42.53 ? 347 HOH A O   1 
HETATM 1024 O O   . HOH F 6 .   ? 0.868   -18.047 -6.453  1.00 32.52 ? 348 HOH A O   1 
HETATM 1025 O O   . HOH F 6 .   ? 9.545   9.072   4.869   1.00 19.49 ? 349 HOH A O   1 
HETATM 1026 O O   . HOH F 6 .   ? 14.678  -5.177  0.843   1.00 22.98 ? 350 HOH A O   1 
HETATM 1027 O O   . HOH F 6 .   ? 0.660   14.779  -12.727 1.00 51.82 ? 351 HOH A O   1 
HETATM 1028 O O   . HOH F 6 .   ? 4.560   18.111  -8.974  1.00 39.45 ? 352 HOH A O   1 
HETATM 1029 O O   . HOH F 6 .   ? 2.464   -0.013  -11.069 1.00 21.36 ? 353 HOH A O   1 
HETATM 1030 O O   . HOH F 6 .   ? 11.952  6.901   4.682   1.00 30.74 ? 354 HOH A O   1 
HETATM 1031 O O   . HOH F 6 .   ? -10.026 6.348   3.407   1.00 18.09 ? 355 HOH A O   1 
HETATM 1032 O O   . HOH F 6 .   ? 2.511   16.066  -10.547 1.00 39.75 ? 356 HOH A O   1 
HETATM 1033 O O   . HOH F 6 .   ? 1.519   -20.630 -4.832  1.00 52.05 ? 357 HOH A O   1 
HETATM 1034 O O   . HOH F 6 .   ? -4.472  -10.249 -1.077  1.00 21.65 ? 358 HOH A O   1 
HETATM 1035 O O   . HOH F 6 .   ? -5.828  -13.425 0.394   1.00 22.41 ? 359 HOH A O   1 
HETATM 1036 O O   . HOH F 6 .   ? -7.597  2.502   11.006  1.00 27.73 ? 360 HOH A O   1 
HETATM 1037 O O   . HOH F 6 .   ? -0.553  -18.080 -2.757  1.00 21.47 ? 361 HOH A O   1 
HETATM 1038 O O   . HOH F 6 .   ? 11.711  20.797  -4.327  1.00 44.43 ? 362 HOH A O   1 
HETATM 1039 O O   . HOH F 6 .   ? -0.193  15.397  -1.168  1.00 22.19 ? 363 HOH A O   1 
HETATM 1040 O O   . HOH F 6 .   ? 9.247   -13.625 5.242   1.00 30.90 ? 364 HOH A O   1 
HETATM 1041 O O   . HOH F 6 .   ? 6.002   -6.586  -11.641 1.00 30.64 ? 365 HOH A O   1 
HETATM 1042 O O   . HOH F 6 .   ? 10.875  9.267   0.338   1.00 19.76 ? 366 HOH A O   1 
HETATM 1043 O O   . HOH F 6 .   ? -1.920  17.085  -3.543  1.00 24.71 ? 367 HOH A O   1 
HETATM 1044 O O   . HOH F 6 .   ? -8.249  -11.366 0.823   1.00 45.92 ? 368 HOH A O   1 
HETATM 1045 O O   . HOH F 6 .   ? 15.197  -1.357  -5.452  1.00 42.06 ? 369 HOH A O   1 
HETATM 1046 O O   . HOH F 6 .   ? 16.276  -0.807  5.467   1.00 34.28 ? 370 HOH A O   1 
HETATM 1047 O O   . HOH F 6 .   ? -0.559  15.028  5.727   1.00 25.60 ? 371 HOH A O   1 
HETATM 1048 O O   . HOH F 6 .   ? -16.871 -7.338  -3.364  1.00 36.57 ? 372 HOH A O   1 
HETATM 1049 O O   . HOH F 6 .   ? -4.231  8.170   7.981   1.00 21.01 ? 373 HOH A O   1 
HETATM 1050 O O   . HOH F 6 .   ? -9.072  0.531   5.010   1.00 28.97 ? 374 HOH A O   1 
HETATM 1051 O O   . HOH F 6 .   ? 20.679  17.085  -1.394  1.00 49.85 ? 375 HOH A O   1 
HETATM 1052 O O   . HOH F 6 .   ? 8.532   -7.640  -11.371 1.00 31.94 ? 376 HOH A O   1 
HETATM 1053 O O   . HOH F 6 .   ? 0.273   -15.607 9.076   1.00 44.27 ? 377 HOH A O   1 
HETATM 1054 O O   . HOH F 6 .   ? -4.505  6.330   14.652  1.00 33.48 ? 378 HOH A O   1 
HETATM 1055 O O   . HOH F 6 .   ? 2.986   -14.442 9.551   1.00 45.34 ? 379 HOH A O   1 
HETATM 1056 O O   . HOH F 6 .   ? 6.598   21.742  -4.906  1.00 27.81 ? 380 HOH A O   1 
HETATM 1057 O O   . HOH F 6 .   ? -7.761  -4.526  6.208   1.00 24.55 ? 381 HOH A O   1 
HETATM 1058 O O   . HOH F 6 .   ? -5.224  -8.457  -9.152  1.00 48.43 ? 382 HOH A O   1 
HETATM 1059 O O   . HOH F 6 .   ? 15.854  17.719  -5.935  1.00 43.49 ? 383 HOH A O   1 
HETATM 1060 O O   . HOH F 6 .   ? 17.720  15.803  -6.448  1.00 45.06 ? 384 HOH A O   1 
HETATM 1061 O O   . HOH F 6 .   ? 2.207   2.010   -12.797 1.00 36.22 ? 385 HOH A O   1 
HETATM 1062 O O   . HOH F 6 .   ? 13.769  -7.637  2.767   1.00 26.86 ? 386 HOH A O   1 
HETATM 1063 O O   . HOH F 6 .   ? -0.640  21.571  4.134   1.00 39.83 ? 387 HOH A O   1 
HETATM 1064 O O   . HOH F 6 .   ? -0.530  3.113   -12.259 1.00 29.47 ? 388 HOH A O   1 
HETATM 1065 O O   . HOH F 6 .   ? -10.074 -19.061 6.992   1.00 42.11 ? 389 HOH A O   1 
HETATM 1066 O O   . HOH F 6 .   ? 8.294   -16.363 2.526   1.00 36.52 ? 390 HOH A O   1 
HETATM 1067 O O   . HOH F 6 .   ? -10.322 7.904   -13.676 1.00 43.21 ? 391 HOH A O   1 
HETATM 1068 O O   . HOH F 6 .   ? -2.445  -20.063 7.428   1.00 40.12 ? 392 HOH A O   1 
HETATM 1069 O O   . HOH F 6 .   ? -2.544  -5.333  16.869  1.00 42.74 ? 393 HOH A O   1 
HETATM 1070 O O   . HOH F 6 .   ? 0.176   -3.321  -14.435 1.00 39.99 ? 394 HOH A O   1 
HETATM 1071 O O   . HOH F 6 .   ? 5.232   12.464  -9.658  1.00 44.20 ? 395 HOH A O   1 
HETATM 1072 O O   . HOH F 6 .   ? -8.245  -3.005  -0.175  1.00 41.41 ? 396 HOH A O   1 
HETATM 1073 O O   . HOH F 6 .   ? -6.311  -13.170 19.151  1.00 44.91 ? 397 HOH A O   1 
HETATM 1074 O O   . HOH F 6 .   ? -13.585 -20.298 4.899   1.00 38.84 ? 398 HOH A O   1 
HETATM 1075 O O   . HOH F 6 .   ? -7.665  -7.636  10.205  1.00 29.39 ? 399 HOH A O   1 
HETATM 1076 O O   . HOH F 6 .   ? -6.527  9.660   -16.543 1.00 39.92 ? 400 HOH A O   1 
HETATM 1077 O O   . HOH F 6 .   ? 2.554   15.074  8.112   1.00 57.19 ? 401 HOH A O   1 
HETATM 1078 O O   . HOH F 6 .   ? 4.470   17.343  -15.112 1.00 57.31 ? 402 HOH A O   1 
HETATM 1079 O O   . HOH F 6 .   ? 3.290   14.451  -13.912 1.00 57.36 ? 403 HOH A O   1 
HETATM 1080 O O   . HOH F 6 .   ? -9.318  0.435   10.140  1.00 34.79 ? 404 HOH A O   1 
HETATM 1081 O O   . HOH F 6 .   ? 3.333   -16.374 7.592   1.00 37.51 ? 405 HOH A O   1 
HETATM 1082 O O   . HOH F 6 .   ? -4.181  -7.397  17.714  1.00 55.55 ? 406 HOH A O   1 
HETATM 1083 O O   . HOH F 6 .   ? -6.441  -8.860  0.424   1.00 33.21 ? 407 HOH A O   1 
HETATM 1084 O O   . HOH F 6 .   ? -11.603 -10.298 3.952   1.00 40.16 ? 408 HOH A O   1 
HETATM 1085 O O   . HOH F 6 .   ? -15.119 10.833  10.873  1.00 38.98 ? 409 HOH A O   1 
HETATM 1086 O O   . HOH F 6 .   ? -8.558  -1.135  8.306   1.00 39.31 ? 410 HOH A O   1 
HETATM 1087 O O   . HOH F 6 .   ? -8.589  -0.757  -1.796  1.00 58.19 ? 411 HOH A O   1 
HETATM 1088 O O   . HOH F 6 .   ? -10.485 -7.138  11.665  1.00 47.64 ? 412 HOH A O   1 
HETATM 1089 O O   . HOH F 6 .   ? -10.889 4.023   2.241   1.00 67.83 ? 413 HOH A O   1 
HETATM 1090 O O   . HOH F 6 .   ? 8.569   -17.653 -3.642  1.00 40.81 ? 414 HOH A O   1 
HETATM 1091 O O   . HOH F 6 .   ? -5.881  -8.655  -11.948 1.00 43.50 ? 415 HOH A O   1 
HETATM 1092 O O   . HOH F 6 .   ? -6.353  -2.790  -4.908  1.00 43.95 ? 416 HOH A O   1 
HETATM 1093 O O   . HOH F 6 .   ? 6.903   13.994  6.398   1.00 45.41 ? 417 HOH A O   1 
HETATM 1094 O O   . HOH F 6 .   ? -4.062  -14.068 15.788  1.00 40.98 ? 418 HOH A O   1 
HETATM 1095 O O   . HOH F 6 .   ? -5.514  12.105  -16.251 1.00 43.54 ? 419 HOH A O   1 
HETATM 1096 O O   . HOH F 6 .   ? -12.085 -4.469  13.793  1.00 69.04 ? 420 HOH A O   1 
HETATM 1097 O O   . HOH F 6 .   ? -8.837  -11.662 11.370  1.00 30.67 ? 421 HOH A O   1 
HETATM 1098 O O   . HOH F 6 .   ? -3.374  21.783  3.272   1.00 44.03 ? 422 HOH A O   1 
HETATM 1099 O O   . HOH F 6 .   ? -6.927  -18.425 16.324  1.00 64.37 ? 423 HOH A O   1 
HETATM 1100 O O   . HOH F 6 .   ? 6.841   -14.726 6.700   1.00 37.40 ? 424 HOH A O   1 
HETATM 1101 O O   . HOH F 6 .   ? -1.158  11.720  -11.073 1.00 57.39 ? 425 HOH A O   1 
HETATM 1102 O O   . HOH F 6 .   ? -3.623  18.323  -4.892  1.00 29.44 ? 426 HOH A O   1 
HETATM 1103 O O   . HOH F 6 .   ? -12.377 11.133  10.110  1.00 41.83 ? 427 HOH A O   1 
HETATM 1104 O O   . HOH F 6 .   ? -5.366  6.801   -17.219 1.00 38.51 ? 428 HOH A O   1 
HETATM 1105 O O   . HOH F 6 .   ? -9.572  -3.577  9.363   1.00 50.33 ? 429 HOH A O   1 
HETATM 1106 O O   . HOH F 6 .   ? 7.242   15.987  3.256   1.00 43.56 ? 430 HOH A O   1 
HETATM 1107 O O   . HOH F 6 .   ? -4.136  -10.493 17.721  1.00 74.83 ? 431 HOH A O   1 
HETATM 1108 O O   . HOH F 6 .   ? -11.721 2.156   5.567   1.00 42.50 ? 432 HOH A O   1 
HETATM 1109 O O   . HOH F 6 .   ? 14.720  10.129  2.597   1.00 63.80 ? 433 HOH A O   1 
HETATM 1110 O O   . HOH F 6 .   ? 2.890   -14.895 12.518  1.00 59.45 ? 434 HOH A O   1 
HETATM 1111 O O   . HOH F 6 .   ? -0.614  -19.727 9.768   1.00 59.12 ? 435 HOH A O   1 
HETATM 1112 O O   . HOH F 6 .   ? 9.472   -10.046 8.571   1.00 47.06 ? 436 HOH A O   1 
HETATM 1113 O O   . HOH F 6 .   ? -17.278 7.020   6.581   1.00 44.05 ? 437 HOH A O   1 
HETATM 1114 O O   . HOH F 6 .   ? -5.962  -16.250 17.338  1.00 54.05 ? 438 HOH A O   1 
HETATM 1115 O O   . HOH F 6 .   ? -12.009 -1.270  -0.069  1.00 49.00 ? 439 HOH A O   1 
HETATM 1116 O O   . HOH F 6 .   ? -7.063  -5.873  -12.775 1.00 76.99 ? 440 HOH A O   1 
HETATM 1117 O O   . HOH F 6 .   ? -10.910 9.569   11.842  1.00 57.54 ? 441 HOH A O   1 
HETATM 1118 O O   . HOH F 6 .   ? 6.769   16.663  -10.168 1.00 42.62 ? 442 HOH A O   1 
HETATM 1119 O O   . HOH F 6 .   ? -9.717  -0.613  12.410  1.00 43.53 ? 443 HOH A O   1 
HETATM 1120 O O   . HOH F 6 .   ? -6.807  -2.774  -8.329  1.00 63.47 ? 444 HOH A O   1 
HETATM 1121 O O   . HOH F 6 .   ? 6.244   -12.870 9.302   1.00 37.56 ? 445 HOH A O   1 
HETATM 1122 O O   . HOH F 6 .   ? -9.993  -3.714  4.667   1.00 57.21 ? 446 HOH A O   1 
HETATM 1123 O O   . HOH F 6 .   ? -14.152 -17.404 5.123   1.00 42.49 ? 447 HOH A O   1 
HETATM 1124 O O   . HOH F 6 .   ? -3.649  -18.018 14.361  1.00 70.35 ? 448 HOH A O   1 
HETATM 1125 O O   . HOH F 6 .   ? 11.943  -14.349 5.121   1.00 41.58 ? 449 HOH A O   1 
HETATM 1126 O O   . HOH F 6 .   ? -1.820  -11.420 14.473  1.00 45.21 ? 450 HOH A O   1 
HETATM 1127 O O   . HOH F 6 .   ? -0.093  19.452  6.226   1.00 65.12 ? 451 HOH A O   1 
HETATM 1128 O O   . HOH F 6 .   ? -2.336  16.357  7.146   1.00 55.41 ? 452 HOH A O   1 
HETATM 1129 O O   . HOH F 6 .   ? -12.846 -1.818  4.514   1.00 57.40 ? 453 HOH A O   1 
HETATM 1130 O O   . HOH F 6 .   ? 5.648   19.959  -0.194  1.00 48.67 ? 454 HOH A O   1 
HETATM 1131 O O   . HOH F 6 .   ? -3.171  23.045  5.648   1.00 54.43 ? 455 HOH A O   1 
HETATM 1132 O O   . HOH F 6 .   ? -13.852 -4.694  1.041   1.00 59.05 ? 456 HOH A O   1 
HETATM 1133 O O   . HOH F 6 .   ? 15.163  20.286  -4.321  1.00 61.51 ? 457 HOH A O   1 
HETATM 1134 O O   . HOH F 6 .   ? 8.312   -10.040 -9.631  1.00 52.53 ? 458 HOH A O   1 
HETATM 1135 O O   . HOH F 6 .   ? -13.513 12.370  12.573  1.00 66.14 ? 459 HOH A O   1 
HETATM 1136 O O   . HOH F 6 .   ? -14.518 -18.132 8.718   1.00 55.64 ? 460 HOH A O   1 
HETATM 1137 O O   . HOH F 6 .   ? -2.149  22.260  7.748   1.00 47.21 ? 461 HOH A O   1 
HETATM 1138 O O   . HOH F 6 .   ? 8.041   -20.637 -4.711  1.00 69.71 ? 462 HOH A O   1 
HETATM 1139 O O   . HOH F 6 .   ? 2.303   -19.407 6.681   1.00 44.50 ? 463 HOH A O   1 
HETATM 1140 O O   . HOH F 6 .   ? 2.858   12.041  -10.307 1.00 50.89 ? 464 HOH A O   1 
HETATM 1141 O O   . HOH F 6 .   ? -0.073  24.347  5.020   1.00 49.98 ? 465 HOH A O   1 
HETATM 1142 O O   . HOH F 6 .   ? 10.960  -6.447  -10.796 1.00 37.59 ? 466 HOH A O   1 
HETATM 1143 O O   . HOH F 6 .   ? -4.368  2.958   15.497  1.00 33.25 ? 467 HOH A O   1 
HETATM 1144 O O   . HOH F 6 .   ? 13.597  6.982   2.665   1.00 28.70 ? 468 HOH A O   1 
HETATM 1145 O O   . HOH F 6 .   ? -11.109 0.382   8.102   1.00 49.38 ? 469 HOH A O   1 
HETATM 1146 O O   . HOH F 6 .   ? -14.580 -2.609  6.834   1.00 53.45 ? 470 HOH A O   1 
HETATM 1147 O O   . HOH F 6 .   ? -8.270  -0.388  2.023   1.00 34.54 ? 471 HOH A O   1 
HETATM 1148 O O   . HOH F 6 .   ? -13.337 3.703   7.096   1.00 39.24 ? 472 HOH A O   1 
HETATM 1149 O O   . HOH F 6 .   ? -13.734 -10.935 6.183   1.00 48.68 ? 473 HOH A O   1 
HETATM 1150 O O   . HOH F 6 .   ? 5.176   -22.231 -4.242  1.00 51.33 ? 474 HOH A O   1 
HETATM 1151 O O   . HOH F 6 .   ? 12.970  -12.410 6.946   1.00 52.31 ? 475 HOH A O   1 
HETATM 1152 O O   . HOH F 6 .   ? -3.153  4.996   -17.498 1.00 54.97 ? 476 HOH A O   1 
HETATM 1153 O O   . HOH F 6 .   ? 14.677  21.386  -0.367  1.00 55.75 ? 477 HOH A O   1 
HETATM 1154 O O   . HOH F 6 .   ? 10.035  13.863  4.411   1.00 56.54 ? 478 HOH A O   1 
HETATM 1155 O O   . HOH F 6 .   ? -11.916 -6.346  4.839   1.00 48.76 ? 479 HOH A O   1 
HETATM 1156 O O   . HOH F 6 .   ? -14.746 0.820   8.169   1.00 52.66 ? 480 HOH A O   1 
HETATM 1157 O O   . HOH F 6 .   ? -16.096 -0.486  2.861   1.00 41.96 ? 481 HOH A O   1 
HETATM 1158 O O   . HOH F 6 .   ? -17.195 -2.888  2.466   1.00 58.38 ? 482 HOH A O   1 
HETATM 1159 O O   . HOH F 6 .   ? 14.700  -13.550 5.081   1.00 41.46 ? 483 HOH A O   1 
HETATM 1160 O O   . HOH F 6 .   ? 6.273   19.163  5.279   1.00 58.76 ? 484 HOH A O   1 
HETATM 1161 O O   . HOH F 6 .   ? -13.682 -7.379  2.654   1.00 54.76 ? 485 HOH A O   1 
HETATM 1162 O O   . HOH F 6 .   ? 11.849  19.128  0.711   1.00 62.47 ? 486 HOH A O   1 
HETATM 1163 O O   . HOH F 6 .   ? -16.314 -1.895  -0.035  1.00 63.17 ? 487 HOH A O   1 
HETATM 1164 O O   . HOH F 6 .   ? -1.481  20.432  9.853   1.00 74.74 ? 488 HOH A O   1 
HETATM 1165 O O   . HOH F 6 .   ? 13.569  20.430  2.289   1.00 48.37 ? 489 HOH A O   1 
HETATM 1166 O O   . HOH F 6 .   ? -13.384 -18.882 10.971  1.00 57.09 ? 490 HOH A O   1 
HETATM 1167 O O   . HOH F 6 .   ? -16.346 -5.502  0.588   1.00 62.96 ? 491 HOH A O   1 
HETATM 1168 O O   . HOH F 6 .   ? -4.326  16.651  9.185   1.00 57.61 ? 492 HOH A O   1 
HETATM 1169 O O   . HOH F 6 .   ? -11.963 -15.008 10.631  1.00 46.88 ? 493 HOH A O   1 
HETATM 1170 O O   . HOH F 6 .   ? 14.035  15.372  0.783   1.00 46.62 ? 494 HOH A O   1 
HETATM 1171 O O   . HOH F 6 .   ? -7.374  15.651  -10.576 1.00 25.98 ? 495 HOH A O   1 
HETATM 1172 O O   . HOH F 6 .   ? -10.427 11.993  -15.080 1.00 23.82 ? 496 HOH A O   1 
HETATM 1173 O O   . HOH F 6 .   ? -8.885  14.285  -14.721 1.00 29.05 ? 497 HOH A O   1 
HETATM 1174 O O   . HOH F 6 .   ? -7.276  7.003   -15.438 1.00 45.89 ? 498 HOH A O   1 
HETATM 1175 O O   . HOH F 6 .   ? -5.144  3.969   -12.711 1.00 54.10 ? 499 HOH A O   1 
HETATM 1176 O O   . HOH F 6 .   ? -0.236  -10.198 -5.903  1.00 26.89 ? 500 HOH A O   1 
HETATM 1177 O O   . HOH F 6 .   ? 15.423  8.493   -1.839  1.00 28.80 ? 501 HOH A O   1 
HETATM 1178 O O   . HOH F 6 .   ? 11.519  -4.979  7.441   1.00 40.17 ? 502 HOH A O   1 
HETATM 1179 O O   . HOH F 6 .   ? 0.599   -20.326 3.792   1.00 33.73 ? 503 HOH A O   1 
HETATM 1180 O O   . HOH F 6 .   ? -2.428  0.839   -8.406  1.00 38.22 ? 504 HOH A O   1 
HETATM 1181 O O   . HOH F 6 .   ? 11.407  -14.996 -1.681  1.00 34.76 ? 505 HOH A O   1 
HETATM 1182 O O   . HOH F 6 .   ? 16.654  11.862  -0.066  1.00 38.60 ? 506 HOH A O   1 
HETATM 1183 O O   . HOH F 6 .   ? 2.034   14.020  -8.823  1.00 31.37 ? 507 HOH A O   1 
HETATM 1184 O O   . HOH F 6 .   ? 13.647  8.456   0.168   1.00 25.72 ? 508 HOH A O   1 
HETATM 1185 O O   . HOH F 6 .   ? 15.341  -1.211  8.918   1.00 32.55 ? 509 HOH A O   1 
HETATM 1186 O O   . HOH F 6 .   ? -9.183  5.128   -13.043 1.00 48.46 ? 510 HOH A O   1 
HETATM 1187 O O   . HOH F 6 .   ? 8.901   14.952  -9.394  1.00 35.47 ? 511 HOH A O   1 
HETATM 1188 O O   . HOH F 6 .   ? -3.574  18.538  5.750   1.00 28.45 ? 512 HOH A O   1 
HETATM 1189 O O   . HOH F 6 .   ? -6.927  15.353  -13.356 1.00 33.24 ? 513 HOH A O   1 
HETATM 1190 O O   . HOH F 6 .   ? 12.624  -3.551  -12.320 1.00 43.07 ? 514 HOH A O   1 
HETATM 1191 O O   . HOH F 6 .   ? 16.569  -3.953  -0.916  1.00 28.10 ? 515 HOH A O   1 
HETATM 1192 O O   . HOH F 6 .   ? 11.680  -5.246  -8.550  1.00 39.32 ? 516 HOH A O   1 
HETATM 1193 O O   . HOH F 6 .   ? 14.521  -13.502 -1.675  1.00 45.32 ? 517 HOH A O   1 
HETATM 1194 O O   . HOH F 6 .   ? 3.794   -19.511 4.205   1.00 44.45 ? 518 HOH A O   1 
HETATM 1195 O O   . HOH F 6 .   ? 7.573   7.471   -12.891 1.00 39.16 ? 519 HOH A O   1 
HETATM 1196 O O   . HOH F 6 .   ? 9.063   9.753   -13.778 1.00 54.86 ? 520 HOH A O   1 
HETATM 1197 O O   . HOH F 6 .   ? -8.085  -9.098  12.601  1.00 36.89 ? 521 HOH A O   1 
HETATM 1198 O O   . HOH F 6 .   ? -14.567 -8.119  -4.426  1.00 37.52 ? 522 HOH A O   1 
HETATM 1199 O O   . HOH F 6 .   ? 15.271  16.140  -7.766  1.00 44.07 ? 523 HOH A O   1 
HETATM 1200 O O   . HOH F 6 .   ? 5.164   17.734  2.318   1.00 35.99 ? 524 HOH A O   1 
HETATM 1201 O O   . HOH F 6 .   ? -3.703  14.598  -12.183 1.00 44.43 ? 525 HOH A O   1 
HETATM 1202 O O   . HOH F 6 .   ? 3.583   23.533  0.415   1.00 37.72 ? 526 HOH A O   1 
HETATM 1203 O O   . HOH F 6 .   ? 7.812   18.900  2.561   1.00 55.17 ? 527 HOH A O   1 
HETATM 1204 O O   . HOH F 6 .   ? 9.904   -13.158 -5.176  1.00 43.30 ? 528 HOH A O   1 
HETATM 1205 O O   . HOH F 6 .   ? 9.696   -19.710 -1.242  1.00 51.66 ? 529 HOH A O   1 
HETATM 1206 O O   . HOH F 6 .   ? 9.714   5.844   -14.140 1.00 51.92 ? 530 HOH A O   1 
HETATM 1207 O O   . HOH F 6 .   ? -8.025  -12.443 3.057   1.00 42.84 ? 531 HOH A O   1 
HETATM 1208 O O   . HOH F 6 .   ? 12.179  14.413  -9.952  1.00 50.03 ? 532 HOH A O   1 
HETATM 1209 O O   . HOH F 6 .   ? 2.413   8.440   -9.140  1.00 26.42 ? 533 HOH A O   1 
HETATM 1210 O O   . HOH F 6 .   ? -12.326 3.583   9.455   1.00 33.61 ? 534 HOH A O   1 
HETATM 1211 O O   . HOH F 6 .   ? 13.073  15.744  -12.722 1.00 51.66 ? 535 HOH A O   1 
HETATM 1212 O O   . HOH F 6 .   ? 19.166  16.755  0.735   1.00 49.06 ? 536 HOH A O   1 
HETATM 1213 O O   . HOH F 6 .   ? 10.149  20.479  -0.367  1.00 59.82 ? 537 HOH A O   1 
HETATM 1214 O O   . HOH F 6 .   ? -8.790  10.606  11.225  1.00 47.66 ? 538 HOH A O   1 
HETATM 1215 O O   . HOH F 6 .   ? 16.345  -12.621 1.268   1.00 60.22 ? 539 HOH A O   1 
HETATM 1216 O O   . HOH F 6 .   ? -3.692  3.592   -14.821 1.00 60.00 ? 540 HOH A O   1 
HETATM 1217 O O   . HOH F 6 .   ? 0.938   10.343  -11.273 1.00 44.30 ? 541 HOH A O   1 
HETATM 1218 O O   . HOH F 6 .   ? 3.603   16.773  6.488   1.00 49.53 ? 542 HOH A O   1 
HETATM 1219 O O   . HOH F 6 .   ? 2.987   -21.009 2.050   1.00 45.34 ? 543 HOH A O   1 
HETATM 1220 O O   . HOH F 6 .   ? -14.134 -5.212  -5.867  1.00 33.29 ? 544 HOH A O   1 
HETATM 1221 O O   . HOH F 6 .   ? -1.643  14.891  -14.393 1.00 45.04 ? 545 HOH A O   1 
HETATM 1222 O O   . HOH F 6 .   ? -11.372 -3.238  -5.121  1.00 41.42 ? 546 HOH A O   1 
HETATM 1223 O O   . HOH F 6 .   ? 3.870   15.628  10.335  1.00 56.14 ? 547 HOH A O   1 
HETATM 1224 O O   . HOH F 6 .   ? 4.789   -18.557 7.868   1.00 52.12 ? 548 HOH A O   1 
HETATM 1225 O O   . HOH F 6 .   ? 14.426  12.645  -8.252  1.00 43.56 ? 549 HOH A O   1 
HETATM 1226 O O   . HOH F 6 .   ? -3.113  17.153  -11.955 1.00 50.08 ? 550 HOH A O   1 
HETATM 1227 O O   . HOH F 6 .   ? 7.749   21.336  -0.308  1.00 50.72 ? 551 HOH A O   1 
HETATM 1228 O O   . HOH F 6 .   ? 10.482  11.757  -10.734 1.00 46.52 ? 552 HOH A O   1 
HETATM 1229 O O   . HOH F 6 .   ? 6.663   17.881  7.942   1.00 47.77 ? 553 HOH A O   1 
HETATM 1230 O O   . HOH F 6 .   ? 7.907   15.320  8.273   1.00 44.43 ? 554 HOH A O   1 
HETATM 1231 O O   . HOH F 6 .   ? -6.804  -3.210  8.427   1.00 34.57 ? 555 HOH A O   1 
HETATM 1232 O O   . HOH F 6 .   ? -0.651  12.629  7.288   1.00 24.56 ? 556 HOH A O   1 
HETATM 1233 O O   . HOH F 6 .   ? -6.913  18.573  -7.466  1.00 18.45 ? 557 HOH A O   1 
HETATM 1234 O O   . HOH F 6 .   ? -9.896  2.374   0.036   1.00 37.04 ? 558 HOH A O   1 
HETATM 1235 O O   . HOH F 6 .   ? -10.579 -8.330  8.765   1.00 42.73 ? 559 HOH A O   1 
HETATM 1236 O O   . HOH F 6 .   ? -8.622  -2.265  13.939  1.00 40.13 ? 560 HOH A O   1 
HETATM 1237 O O   . HOH F 6 .   ? -12.542 -18.296 6.973   1.00 39.69 ? 561 HOH A O   1 
HETATM 1238 O O   . HOH F 6 .   ? 1.262   -20.243 -0.322  1.00 44.81 ? 562 HOH A O   1 
HETATM 1239 O O   . HOH F 6 .   ? 0.233   10.646  -14.558 1.00 47.44 ? 563 HOH A O   1 
HETATM 1240 O O   . HOH F 6 .   ? -1.843  12.332  -15.162 1.00 43.53 ? 564 HOH A O   1 
HETATM 1241 O O   . HOH F 6 .   ? 5.675   22.335  -2.666  1.00 46.43 ? 565 HOH A O   1 
HETATM 1242 O O   . HOH F 6 .   ? -15.904 -3.919  -2.302  1.00 50.06 ? 566 HOH A O   1 
HETATM 1243 O O   . HOH F 6 .   ? -11.855 -1.983  12.434  1.00 46.17 ? 567 HOH A O   1 
HETATM 1244 O O   . HOH F 6 .   ? -13.577 0.427   12.452  1.00 45.22 ? 568 HOH A O   1 
HETATM 1245 O O   . HOH F 6 .   ? 12.028  19.043  -7.709  1.00 30.53 ? 569 HOH A O   1 
HETATM 1246 O O   . HOH F 6 .   ? 12.981  18.339  -13.014 1.00 33.44 ? 570 HOH A O   1 
HETATM 1247 O O   . HOH F 6 .   ? -16.448 -19.134 5.930   1.00 31.54 ? 571 HOH A O   1 
HETATM 1248 O O   . HOH F 6 .   ? 11.642  -9.819  6.927   1.00 26.42 ? 572 HOH A O   1 
HETATM 1249 O O   . HOH F 6 .   ? 9.095   -12.284 10.310  1.00 29.80 ? 573 HOH A O   1 
HETATM 1250 O O   . HOH F 6 .   ? -10.023 -17.296 9.715   1.00 32.22 ? 574 HOH A O   1 
# 
